data_1BV1
# 
_entry.id   1BV1 
# 
_audit_conform.dict_name       mmcif_pdbx.dic 
_audit_conform.dict_version    5.385 
_audit_conform.dict_location   http://mmcif.pdb.org/dictionaries/ascii/mmcif_pdbx.dic 
# 
loop_
_database_2.database_id 
_database_2.database_code 
_database_2.pdbx_database_accession 
_database_2.pdbx_DOI 
PDB   1BV1         pdb_00001bv1 10.2210/pdb1bv1/pdb 
WWPDB D_1000172104 ?            ?                   
# 
loop_
_pdbx_audit_revision_history.ordinal 
_pdbx_audit_revision_history.data_content_type 
_pdbx_audit_revision_history.major_revision 
_pdbx_audit_revision_history.minor_revision 
_pdbx_audit_revision_history.revision_date 
1 'Structure model' 1 0 1997-09-17 
2 'Structure model' 1 1 2008-03-24 
3 'Structure model' 1 2 2011-07-13 
4 'Structure model' 1 3 2024-02-07 
# 
_pdbx_audit_revision_details.ordinal             1 
_pdbx_audit_revision_details.revision_ordinal    1 
_pdbx_audit_revision_details.data_content_type   'Structure model' 
_pdbx_audit_revision_details.provider            repository 
_pdbx_audit_revision_details.type                'Initial release' 
_pdbx_audit_revision_details.description         ? 
_pdbx_audit_revision_details.details             ? 
# 
loop_
_pdbx_audit_revision_group.ordinal 
_pdbx_audit_revision_group.revision_ordinal 
_pdbx_audit_revision_group.data_content_type 
_pdbx_audit_revision_group.group 
1 2 'Structure model' 'Version format compliance' 
2 3 'Structure model' 'Version format compliance' 
3 4 'Structure model' 'Data collection'           
4 4 'Structure model' 'Database references'       
5 4 'Structure model' Other                       
# 
loop_
_pdbx_audit_revision_category.ordinal 
_pdbx_audit_revision_category.revision_ordinal 
_pdbx_audit_revision_category.data_content_type 
_pdbx_audit_revision_category.category 
1 4 'Structure model' chem_comp_atom       
2 4 'Structure model' chem_comp_bond       
3 4 'Structure model' database_2           
4 4 'Structure model' pdbx_database_status 
# 
loop_
_pdbx_audit_revision_item.ordinal 
_pdbx_audit_revision_item.revision_ordinal 
_pdbx_audit_revision_item.data_content_type 
_pdbx_audit_revision_item.item 
1 4 'Structure model' '_database_2.pdbx_DOI'                
2 4 'Structure model' '_database_2.pdbx_database_accession' 
3 4 'Structure model' '_pdbx_database_status.process_site'  
# 
_pdbx_database_status.status_code                     REL 
_pdbx_database_status.entry_id                        1BV1 
_pdbx_database_status.recvd_initial_deposition_date   1997-07-08 
_pdbx_database_status.deposit_site                    ? 
_pdbx_database_status.process_site                    BNL 
_pdbx_database_status.status_code_sf                  REL 
_pdbx_database_status.status_code_mr                  ? 
_pdbx_database_status.SG_entry                        ? 
_pdbx_database_status.pdb_format_compatible           Y 
_pdbx_database_status.status_code_cs                  ? 
_pdbx_database_status.status_code_nmr_data            ? 
_pdbx_database_status.methods_development_category    ? 
# 
loop_
_audit_author.name 
_audit_author.pdbx_ordinal 
'Gajhede, M.'     1 
'Osmark, P.'      2 
'Poulsen, F.M.'   3 
'Ipsen, H.'       4 
'Larson, J.N.'    5 
'Joostvan, R.J.'  6 
'Schou, C.'       7 
'Lowenstein, H.'  8 
'Spangfort, M.D.' 9 
# 
_citation.id                        primary 
_citation.title                     'X-ray and NMR structure of Bet v 1, the origin of birch pollen allergy.' 
_citation.journal_abbrev            Nat.Struct.Biol. 
_citation.journal_volume            3 
_citation.page_first                1040 
_citation.page_last                 1045 
_citation.year                      1996 
_citation.journal_id_ASTM           NSBIEW 
_citation.country                   US 
_citation.journal_id_ISSN           1072-8368 
_citation.journal_id_CSD            2024 
_citation.book_publisher            ? 
_citation.pdbx_database_id_PubMed   8946858 
_citation.pdbx_database_id_DOI      10.1038/nsb1296-1040 
# 
loop_
_citation_author.citation_id 
_citation_author.name 
_citation_author.ordinal 
_citation_author.identifier_ORCID 
primary 'Gajhede, M.'             1 ? 
primary 'Osmark, P.'              2 ? 
primary 'Poulsen, F.M.'           3 ? 
primary 'Ipsen, H.'               4 ? 
primary 'Larsen, J.N.'            5 ? 
primary 'Joost van Neerven, R.J.' 6 ? 
primary 'Schou, C.'               7 ? 
primary 'Lowenstein, H.'          8 ? 
primary 'Spangfort, M.D.'         9 ? 
# 
loop_
_entity.id 
_entity.type 
_entity.src_method 
_entity.pdbx_description 
_entity.formula_weight 
_entity.pdbx_number_of_molecules 
_entity.pdbx_ec 
_entity.pdbx_mutation 
_entity.pdbx_fragment 
_entity.details 
1 polymer man 'BET V 1' 17427.576 1  ? ? ? ? 
2 water   nat water     18.015    84 ? ? ? ? 
# 
_entity_name_com.entity_id   1 
_entity_name_com.name        'MAJOR POLLEN ALLERGEN BET V 1-A' 
# 
_entity_poly.entity_id                      1 
_entity_poly.type                           'polypeptide(L)' 
_entity_poly.nstd_linkage                   no 
_entity_poly.nstd_monomer                   no 
_entity_poly.pdbx_seq_one_letter_code       
;GVFNYETETTSVIPAARLFKAFILDGDNLFPKVAPQAISSVENIEGNGGPGTIKKISFPEGLPFKYVKDRVDEVDHTNFK
YNYSVIEGGPIGDTLEKISNEIKIVATPDGGSILKISNKYHTKGDHEVKAEQVKASKEMGETLLRAVESYLLAHSDAYN
;
_entity_poly.pdbx_seq_one_letter_code_can   
;GVFNYETETTSVIPAARLFKAFILDGDNLFPKVAPQAISSVENIEGNGGPGTIKKISFPEGLPFKYVKDRVDEVDHTNFK
YNYSVIEGGPIGDTLEKISNEIKIVATPDGGSILKISNKYHTKGDHEVKAEQVKASKEMGETLLRAVESYLLAHSDAYN
;
_entity_poly.pdbx_strand_id                 A 
_entity_poly.pdbx_target_identifier         ? 
# 
_pdbx_entity_nonpoly.entity_id   2 
_pdbx_entity_nonpoly.name        water 
_pdbx_entity_nonpoly.comp_id     HOH 
# 
loop_
_entity_poly_seq.entity_id 
_entity_poly_seq.num 
_entity_poly_seq.mon_id 
_entity_poly_seq.hetero 
1 1   GLY n 
1 2   VAL n 
1 3   PHE n 
1 4   ASN n 
1 5   TYR n 
1 6   GLU n 
1 7   THR n 
1 8   GLU n 
1 9   THR n 
1 10  THR n 
1 11  SER n 
1 12  VAL n 
1 13  ILE n 
1 14  PRO n 
1 15  ALA n 
1 16  ALA n 
1 17  ARG n 
1 18  LEU n 
1 19  PHE n 
1 20  LYS n 
1 21  ALA n 
1 22  PHE n 
1 23  ILE n 
1 24  LEU n 
1 25  ASP n 
1 26  GLY n 
1 27  ASP n 
1 28  ASN n 
1 29  LEU n 
1 30  PHE n 
1 31  PRO n 
1 32  LYS n 
1 33  VAL n 
1 34  ALA n 
1 35  PRO n 
1 36  GLN n 
1 37  ALA n 
1 38  ILE n 
1 39  SER n 
1 40  SER n 
1 41  VAL n 
1 42  GLU n 
1 43  ASN n 
1 44  ILE n 
1 45  GLU n 
1 46  GLY n 
1 47  ASN n 
1 48  GLY n 
1 49  GLY n 
1 50  PRO n 
1 51  GLY n 
1 52  THR n 
1 53  ILE n 
1 54  LYS n 
1 55  LYS n 
1 56  ILE n 
1 57  SER n 
1 58  PHE n 
1 59  PRO n 
1 60  GLU n 
1 61  GLY n 
1 62  LEU n 
1 63  PRO n 
1 64  PHE n 
1 65  LYS n 
1 66  TYR n 
1 67  VAL n 
1 68  LYS n 
1 69  ASP n 
1 70  ARG n 
1 71  VAL n 
1 72  ASP n 
1 73  GLU n 
1 74  VAL n 
1 75  ASP n 
1 76  HIS n 
1 77  THR n 
1 78  ASN n 
1 79  PHE n 
1 80  LYS n 
1 81  TYR n 
1 82  ASN n 
1 83  TYR n 
1 84  SER n 
1 85  VAL n 
1 86  ILE n 
1 87  GLU n 
1 88  GLY n 
1 89  GLY n 
1 90  PRO n 
1 91  ILE n 
1 92  GLY n 
1 93  ASP n 
1 94  THR n 
1 95  LEU n 
1 96  GLU n 
1 97  LYS n 
1 98  ILE n 
1 99  SER n 
1 100 ASN n 
1 101 GLU n 
1 102 ILE n 
1 103 LYS n 
1 104 ILE n 
1 105 VAL n 
1 106 ALA n 
1 107 THR n 
1 108 PRO n 
1 109 ASP n 
1 110 GLY n 
1 111 GLY n 
1 112 SER n 
1 113 ILE n 
1 114 LEU n 
1 115 LYS n 
1 116 ILE n 
1 117 SER n 
1 118 ASN n 
1 119 LYS n 
1 120 TYR n 
1 121 HIS n 
1 122 THR n 
1 123 LYS n 
1 124 GLY n 
1 125 ASP n 
1 126 HIS n 
1 127 GLU n 
1 128 VAL n 
1 129 LYS n 
1 130 ALA n 
1 131 GLU n 
1 132 GLN n 
1 133 VAL n 
1 134 LYS n 
1 135 ALA n 
1 136 SER n 
1 137 LYS n 
1 138 GLU n 
1 139 MET n 
1 140 GLY n 
1 141 GLU n 
1 142 THR n 
1 143 LEU n 
1 144 LEU n 
1 145 ARG n 
1 146 ALA n 
1 147 VAL n 
1 148 GLU n 
1 149 SER n 
1 150 TYR n 
1 151 LEU n 
1 152 LEU n 
1 153 ALA n 
1 154 HIS n 
1 155 SER n 
1 156 ASP n 
1 157 ALA n 
1 158 TYR n 
1 159 ASN n 
# 
_entity_src_gen.entity_id                          1 
_entity_src_gen.pdbx_src_id                        1 
_entity_src_gen.pdbx_alt_source_flag               sample 
_entity_src_gen.pdbx_seq_type                      ? 
_entity_src_gen.pdbx_beg_seq_num                   ? 
_entity_src_gen.pdbx_end_seq_num                   ? 
_entity_src_gen.gene_src_common_name               'European white birch' 
_entity_src_gen.gene_src_genus                     Betula 
_entity_src_gen.pdbx_gene_src_gene                 'BET V 1 1.2801' 
_entity_src_gen.gene_src_species                   ? 
_entity_src_gen.gene_src_strain                    ? 
_entity_src_gen.gene_src_tissue                    ? 
_entity_src_gen.gene_src_tissue_fraction           ? 
_entity_src_gen.gene_src_details                   ? 
_entity_src_gen.pdbx_gene_src_fragment             ? 
_entity_src_gen.pdbx_gene_src_scientific_name      'Betula pendula' 
_entity_src_gen.pdbx_gene_src_ncbi_taxonomy_id     3505 
_entity_src_gen.pdbx_gene_src_variant              ? 
_entity_src_gen.pdbx_gene_src_cell_line            ? 
_entity_src_gen.pdbx_gene_src_atcc                 ? 
_entity_src_gen.pdbx_gene_src_organ                ? 
_entity_src_gen.pdbx_gene_src_organelle            ? 
_entity_src_gen.pdbx_gene_src_cell                 POLLEN 
_entity_src_gen.pdbx_gene_src_cellular_location    CYTOPLASM 
_entity_src_gen.host_org_common_name               ? 
_entity_src_gen.pdbx_host_org_scientific_name      'Escherichia coli' 
_entity_src_gen.pdbx_host_org_ncbi_taxonomy_id     562 
_entity_src_gen.host_org_genus                     Escherichia 
_entity_src_gen.pdbx_host_org_gene                 'MALE-BET V 1' 
_entity_src_gen.pdbx_host_org_organ                ? 
_entity_src_gen.host_org_species                   ? 
_entity_src_gen.pdbx_host_org_tissue               ? 
_entity_src_gen.pdbx_host_org_tissue_fraction      ? 
_entity_src_gen.pdbx_host_org_strain               DH5-ALPHA 
_entity_src_gen.pdbx_host_org_variant              ? 
_entity_src_gen.pdbx_host_org_cell_line            ? 
_entity_src_gen.pdbx_host_org_atcc                 ? 
_entity_src_gen.pdbx_host_org_culture_collection   ? 
_entity_src_gen.pdbx_host_org_cell                 ? 
_entity_src_gen.pdbx_host_org_organelle            ? 
_entity_src_gen.pdbx_host_org_cellular_location    CYTOPLASM 
_entity_src_gen.pdbx_host_org_vector_type          'PROTEIN FUSION' 
_entity_src_gen.pdbx_host_org_vector               P-MALC 
_entity_src_gen.host_org_details                   ? 
_entity_src_gen.expression_system_id               ? 
_entity_src_gen.plasmid_name                       PMALC 
_entity_src_gen.plasmid_details                    ? 
_entity_src_gen.pdbx_description                   'COMMERCIALLY AVAILABLE POLLEN FROM ALLERGEN, SWEDEN' 
# 
loop_
_chem_comp.id 
_chem_comp.type 
_chem_comp.mon_nstd_flag 
_chem_comp.name 
_chem_comp.pdbx_synonyms 
_chem_comp.formula 
_chem_comp.formula_weight 
ALA 'L-peptide linking' y ALANINE         ? 'C3 H7 N O2'     89.093  
ARG 'L-peptide linking' y ARGININE        ? 'C6 H15 N4 O2 1' 175.209 
ASN 'L-peptide linking' y ASPARAGINE      ? 'C4 H8 N2 O3'    132.118 
ASP 'L-peptide linking' y 'ASPARTIC ACID' ? 'C4 H7 N O4'     133.103 
GLN 'L-peptide linking' y GLUTAMINE       ? 'C5 H10 N2 O3'   146.144 
GLU 'L-peptide linking' y 'GLUTAMIC ACID' ? 'C5 H9 N O4'     147.129 
GLY 'peptide linking'   y GLYCINE         ? 'C2 H5 N O2'     75.067  
HIS 'L-peptide linking' y HISTIDINE       ? 'C6 H10 N3 O2 1' 156.162 
HOH non-polymer         . WATER           ? 'H2 O'           18.015  
ILE 'L-peptide linking' y ISOLEUCINE      ? 'C6 H13 N O2'    131.173 
LEU 'L-peptide linking' y LEUCINE         ? 'C6 H13 N O2'    131.173 
LYS 'L-peptide linking' y LYSINE          ? 'C6 H15 N2 O2 1' 147.195 
MET 'L-peptide linking' y METHIONINE      ? 'C5 H11 N O2 S'  149.211 
PHE 'L-peptide linking' y PHENYLALANINE   ? 'C9 H11 N O2'    165.189 
PRO 'L-peptide linking' y PROLINE         ? 'C5 H9 N O2'     115.130 
SER 'L-peptide linking' y SERINE          ? 'C3 H7 N O3'     105.093 
THR 'L-peptide linking' y THREONINE       ? 'C4 H9 N O3'     119.119 
TYR 'L-peptide linking' y TYROSINE        ? 'C9 H11 N O3'    181.189 
VAL 'L-peptide linking' y VALINE          ? 'C5 H11 N O2'    117.146 
# 
loop_
_pdbx_poly_seq_scheme.asym_id 
_pdbx_poly_seq_scheme.entity_id 
_pdbx_poly_seq_scheme.seq_id 
_pdbx_poly_seq_scheme.mon_id 
_pdbx_poly_seq_scheme.ndb_seq_num 
_pdbx_poly_seq_scheme.pdb_seq_num 
_pdbx_poly_seq_scheme.auth_seq_num 
_pdbx_poly_seq_scheme.pdb_mon_id 
_pdbx_poly_seq_scheme.auth_mon_id 
_pdbx_poly_seq_scheme.pdb_strand_id 
_pdbx_poly_seq_scheme.pdb_ins_code 
_pdbx_poly_seq_scheme.hetero 
A 1 1   GLY 1   1   1   GLY GLY A . n 
A 1 2   VAL 2   2   2   VAL VAL A . n 
A 1 3   PHE 3   3   3   PHE PHE A . n 
A 1 4   ASN 4   4   4   ASN ASN A . n 
A 1 5   TYR 5   5   5   TYR TYR A . n 
A 1 6   GLU 6   6   6   GLU GLU A . n 
A 1 7   THR 7   7   7   THR THR A . n 
A 1 8   GLU 8   8   8   GLU GLU A . n 
A 1 9   THR 9   9   9   THR THR A . n 
A 1 10  THR 10  10  10  THR THR A . n 
A 1 11  SER 11  11  11  SER SER A . n 
A 1 12  VAL 12  12  12  VAL VAL A . n 
A 1 13  ILE 13  13  13  ILE ILE A . n 
A 1 14  PRO 14  14  14  PRO PRO A . n 
A 1 15  ALA 15  15  15  ALA ALA A . n 
A 1 16  ALA 16  16  16  ALA ALA A . n 
A 1 17  ARG 17  17  17  ARG ARG A . n 
A 1 18  LEU 18  18  18  LEU LEU A . n 
A 1 19  PHE 19  19  19  PHE PHE A . n 
A 1 20  LYS 20  20  20  LYS LYS A . n 
A 1 21  ALA 21  21  21  ALA ALA A . n 
A 1 22  PHE 22  22  22  PHE PHE A . n 
A 1 23  ILE 23  23  23  ILE ILE A . n 
A 1 24  LEU 24  24  24  LEU LEU A . n 
A 1 25  ASP 25  25  25  ASP ASP A . n 
A 1 26  GLY 26  26  26  GLY GLY A . n 
A 1 27  ASP 27  27  27  ASP ASP A . n 
A 1 28  ASN 28  28  28  ASN ASN A . n 
A 1 29  LEU 29  29  29  LEU LEU A . n 
A 1 30  PHE 30  30  30  PHE PHE A . n 
A 1 31  PRO 31  31  31  PRO PRO A . n 
A 1 32  LYS 32  32  32  LYS LYS A . n 
A 1 33  VAL 33  33  33  VAL VAL A . n 
A 1 34  ALA 34  34  34  ALA ALA A . n 
A 1 35  PRO 35  35  35  PRO PRO A . n 
A 1 36  GLN 36  36  36  GLN GLN A . n 
A 1 37  ALA 37  37  37  ALA ALA A . n 
A 1 38  ILE 38  38  38  ILE ILE A . n 
A 1 39  SER 39  39  39  SER SER A . n 
A 1 40  SER 40  40  40  SER SER A . n 
A 1 41  VAL 41  41  41  VAL VAL A . n 
A 1 42  GLU 42  42  42  GLU GLU A . n 
A 1 43  ASN 43  43  43  ASN ASN A . n 
A 1 44  ILE 44  44  44  ILE ILE A . n 
A 1 45  GLU 45  45  45  GLU GLU A . n 
A 1 46  GLY 46  46  46  GLY GLY A . n 
A 1 47  ASN 47  47  47  ASN ASN A . n 
A 1 48  GLY 48  48  48  GLY GLY A . n 
A 1 49  GLY 49  49  49  GLY GLY A . n 
A 1 50  PRO 50  50  50  PRO PRO A . n 
A 1 51  GLY 51  51  51  GLY GLY A . n 
A 1 52  THR 52  52  52  THR THR A . n 
A 1 53  ILE 53  53  53  ILE ILE A . n 
A 1 54  LYS 54  54  54  LYS LYS A . n 
A 1 55  LYS 55  55  55  LYS LYS A . n 
A 1 56  ILE 56  56  56  ILE ILE A . n 
A 1 57  SER 57  57  57  SER SER A . n 
A 1 58  PHE 58  58  58  PHE PHE A . n 
A 1 59  PRO 59  59  59  PRO PRO A . n 
A 1 60  GLU 60  60  60  GLU GLU A . n 
A 1 61  GLY 61  61  61  GLY GLY A . n 
A 1 62  LEU 62  62  62  LEU LEU A . n 
A 1 63  PRO 63  63  63  PRO PRO A . n 
A 1 64  PHE 64  64  64  PHE PHE A . n 
A 1 65  LYS 65  65  65  LYS LYS A . n 
A 1 66  TYR 66  66  66  TYR TYR A . n 
A 1 67  VAL 67  67  67  VAL VAL A . n 
A 1 68  LYS 68  68  68  LYS LYS A . n 
A 1 69  ASP 69  69  69  ASP ASP A . n 
A 1 70  ARG 70  70  70  ARG ARG A . n 
A 1 71  VAL 71  71  71  VAL VAL A . n 
A 1 72  ASP 72  72  72  ASP ASP A . n 
A 1 73  GLU 73  73  73  GLU GLU A . n 
A 1 74  VAL 74  74  74  VAL VAL A . n 
A 1 75  ASP 75  75  75  ASP ASP A . n 
A 1 76  HIS 76  76  76  HIS HIS A . n 
A 1 77  THR 77  77  77  THR THR A . n 
A 1 78  ASN 78  78  78  ASN ASN A . n 
A 1 79  PHE 79  79  79  PHE PHE A . n 
A 1 80  LYS 80  80  80  LYS LYS A . n 
A 1 81  TYR 81  81  81  TYR TYR A . n 
A 1 82  ASN 82  82  82  ASN ASN A . n 
A 1 83  TYR 83  83  83  TYR TYR A . n 
A 1 84  SER 84  84  84  SER SER A . n 
A 1 85  VAL 85  85  85  VAL VAL A . n 
A 1 86  ILE 86  86  86  ILE ILE A . n 
A 1 87  GLU 87  87  87  GLU GLU A . n 
A 1 88  GLY 88  88  88  GLY GLY A . n 
A 1 89  GLY 89  89  89  GLY GLY A . n 
A 1 90  PRO 90  90  90  PRO PRO A . n 
A 1 91  ILE 91  91  91  ILE ILE A . n 
A 1 92  GLY 92  92  92  GLY GLY A . n 
A 1 93  ASP 93  93  93  ASP ASP A . n 
A 1 94  THR 94  94  94  THR THR A . n 
A 1 95  LEU 95  95  95  LEU LEU A . n 
A 1 96  GLU 96  96  96  GLU GLU A . n 
A 1 97  LYS 97  97  97  LYS LYS A . n 
A 1 98  ILE 98  98  98  ILE ILE A . n 
A 1 99  SER 99  99  99  SER SER A . n 
A 1 100 ASN 100 100 100 ASN ASN A . n 
A 1 101 GLU 101 101 101 GLU GLU A . n 
A 1 102 ILE 102 102 102 ILE ILE A . n 
A 1 103 LYS 103 103 103 LYS LYS A . n 
A 1 104 ILE 104 104 104 ILE ILE A . n 
A 1 105 VAL 105 105 105 VAL VAL A . n 
A 1 106 ALA 106 106 106 ALA ALA A . n 
A 1 107 THR 107 107 107 THR THR A . n 
A 1 108 PRO 108 108 108 PRO PRO A . n 
A 1 109 ASP 109 109 109 ASP ASP A . n 
A 1 110 GLY 110 110 110 GLY GLY A . n 
A 1 111 GLY 111 111 111 GLY GLY A . n 
A 1 112 SER 112 112 112 SER SER A . n 
A 1 113 ILE 113 113 113 ILE ILE A . n 
A 1 114 LEU 114 114 114 LEU LEU A . n 
A 1 115 LYS 115 115 115 LYS LYS A . n 
A 1 116 ILE 116 116 116 ILE ILE A . n 
A 1 117 SER 117 117 117 SER SER A . n 
A 1 118 ASN 118 118 118 ASN ASN A . n 
A 1 119 LYS 119 119 119 LYS LYS A . n 
A 1 120 TYR 120 120 120 TYR TYR A . n 
A 1 121 HIS 121 121 121 HIS HIS A . n 
A 1 122 THR 122 122 122 THR THR A . n 
A 1 123 LYS 123 123 123 LYS LYS A . n 
A 1 124 GLY 124 124 124 GLY GLY A . n 
A 1 125 ASP 125 125 125 ASP ASP A . n 
A 1 126 HIS 126 126 126 HIS HIS A . n 
A 1 127 GLU 127 127 127 GLU GLU A . n 
A 1 128 VAL 128 128 128 VAL VAL A . n 
A 1 129 LYS 129 129 129 LYS LYS A . n 
A 1 130 ALA 130 130 130 ALA ALA A . n 
A 1 131 GLU 131 131 131 GLU GLU A . n 
A 1 132 GLN 132 132 132 GLN GLN A . n 
A 1 133 VAL 133 133 133 VAL VAL A . n 
A 1 134 LYS 134 134 134 LYS LYS A . n 
A 1 135 ALA 135 135 135 ALA ALA A . n 
A 1 136 SER 136 136 136 SER SER A . n 
A 1 137 LYS 137 137 137 LYS LYS A . n 
A 1 138 GLU 138 138 138 GLU GLU A . n 
A 1 139 MET 139 139 139 MET MET A . n 
A 1 140 GLY 140 140 140 GLY GLY A . n 
A 1 141 GLU 141 141 141 GLU GLU A . n 
A 1 142 THR 142 142 142 THR THR A . n 
A 1 143 LEU 143 143 143 LEU LEU A . n 
A 1 144 LEU 144 144 144 LEU LEU A . n 
A 1 145 ARG 145 145 145 ARG ARG A . n 
A 1 146 ALA 146 146 146 ALA ALA A . n 
A 1 147 VAL 147 147 147 VAL VAL A . n 
A 1 148 GLU 148 148 148 GLU GLU A . n 
A 1 149 SER 149 149 149 SER SER A . n 
A 1 150 TYR 150 150 150 TYR TYR A . n 
A 1 151 LEU 151 151 151 LEU LEU A . n 
A 1 152 LEU 152 152 152 LEU LEU A . n 
A 1 153 ALA 153 153 153 ALA ALA A . n 
A 1 154 HIS 154 154 154 HIS HIS A . n 
A 1 155 SER 155 155 155 SER SER A . n 
A 1 156 ASP 156 156 156 ASP ASP A . n 
A 1 157 ALA 157 157 157 ALA ALA A . n 
A 1 158 TYR 158 158 158 TYR TYR A . n 
A 1 159 ASN 159 159 159 ASN ASN A . n 
# 
loop_
_pdbx_nonpoly_scheme.asym_id 
_pdbx_nonpoly_scheme.entity_id 
_pdbx_nonpoly_scheme.mon_id 
_pdbx_nonpoly_scheme.ndb_seq_num 
_pdbx_nonpoly_scheme.pdb_seq_num 
_pdbx_nonpoly_scheme.auth_seq_num 
_pdbx_nonpoly_scheme.pdb_mon_id 
_pdbx_nonpoly_scheme.auth_mon_id 
_pdbx_nonpoly_scheme.pdb_strand_id 
_pdbx_nonpoly_scheme.pdb_ins_code 
B 2 HOH 1  200 200 HOH HOH A . 
B 2 HOH 2  201 201 HOH HOH A . 
B 2 HOH 3  202 202 HOH HOH A . 
B 2 HOH 4  203 203 HOH HOH A . 
B 2 HOH 5  204 204 HOH HOH A . 
B 2 HOH 6  205 205 HOH HOH A . 
B 2 HOH 7  206 206 HOH HOH A . 
B 2 HOH 8  207 207 HOH HOH A . 
B 2 HOH 9  208 208 HOH HOH A . 
B 2 HOH 10 209 209 HOH HOH A . 
B 2 HOH 11 210 210 HOH HOH A . 
B 2 HOH 12 211 211 HOH HOH A . 
B 2 HOH 13 212 212 HOH HOH A . 
B 2 HOH 14 213 213 HOH HOH A . 
B 2 HOH 15 214 214 HOH HOH A . 
B 2 HOH 16 215 215 HOH HOH A . 
B 2 HOH 17 216 216 HOH HOH A . 
B 2 HOH 18 217 217 HOH HOH A . 
B 2 HOH 19 218 218 HOH HOH A . 
B 2 HOH 20 219 219 HOH HOH A . 
B 2 HOH 21 220 220 HOH HOH A . 
B 2 HOH 22 221 221 HOH HOH A . 
B 2 HOH 23 222 222 HOH HOH A . 
B 2 HOH 24 223 223 HOH HOH A . 
B 2 HOH 25 224 224 HOH HOH A . 
B 2 HOH 26 225 225 HOH HOH A . 
B 2 HOH 27 226 226 HOH HOH A . 
B 2 HOH 28 227 227 HOH HOH A . 
B 2 HOH 29 228 228 HOH HOH A . 
B 2 HOH 30 229 229 HOH HOH A . 
B 2 HOH 31 230 230 HOH HOH A . 
B 2 HOH 32 231 231 HOH HOH A . 
B 2 HOH 33 232 232 HOH HOH A . 
B 2 HOH 34 233 233 HOH HOH A . 
B 2 HOH 35 234 234 HOH HOH A . 
B 2 HOH 36 235 235 HOH HOH A . 
B 2 HOH 37 236 236 HOH HOH A . 
B 2 HOH 38 237 237 HOH HOH A . 
B 2 HOH 39 238 238 HOH HOH A . 
B 2 HOH 40 239 239 HOH HOH A . 
B 2 HOH 41 240 240 HOH HOH A . 
B 2 HOH 42 241 241 HOH HOH A . 
B 2 HOH 43 242 242 HOH HOH A . 
B 2 HOH 44 243 243 HOH HOH A . 
B 2 HOH 45 244 244 HOH HOH A . 
B 2 HOH 46 245 245 HOH HOH A . 
B 2 HOH 47 246 246 HOH HOH A . 
B 2 HOH 48 247 247 HOH HOH A . 
B 2 HOH 49 248 248 HOH HOH A . 
B 2 HOH 50 249 249 HOH HOH A . 
B 2 HOH 51 250 250 HOH HOH A . 
B 2 HOH 52 251 251 HOH HOH A . 
B 2 HOH 53 252 252 HOH HOH A . 
B 2 HOH 54 253 253 HOH HOH A . 
B 2 HOH 55 254 254 HOH HOH A . 
B 2 HOH 56 255 255 HOH HOH A . 
B 2 HOH 57 256 256 HOH HOH A . 
B 2 HOH 58 257 257 HOH HOH A . 
B 2 HOH 59 258 258 HOH HOH A . 
B 2 HOH 60 259 259 HOH HOH A . 
B 2 HOH 61 260 260 HOH HOH A . 
B 2 HOH 62 261 261 HOH HOH A . 
B 2 HOH 63 262 262 HOH HOH A . 
B 2 HOH 64 263 263 HOH HOH A . 
B 2 HOH 65 264 264 HOH HOH A . 
B 2 HOH 66 265 265 HOH HOH A . 
B 2 HOH 67 266 266 HOH HOH A . 
B 2 HOH 68 267 267 HOH HOH A . 
B 2 HOH 69 268 268 HOH HOH A . 
B 2 HOH 70 269 269 HOH HOH A . 
B 2 HOH 71 270 270 HOH HOH A . 
B 2 HOH 72 271 271 HOH HOH A . 
B 2 HOH 73 272 272 HOH HOH A . 
B 2 HOH 74 273 273 HOH HOH A . 
B 2 HOH 75 274 274 HOH HOH A . 
B 2 HOH 76 275 275 HOH HOH A . 
B 2 HOH 77 276 276 HOH HOH A . 
B 2 HOH 78 277 277 HOH HOH A . 
B 2 HOH 79 278 278 HOH HOH A . 
B 2 HOH 80 279 279 HOH HOH A . 
B 2 HOH 81 280 280 HOH HOH A . 
B 2 HOH 82 281 281 HOH HOH A . 
B 2 HOH 83 282 282 HOH HOH A . 
B 2 HOH 84 283 283 HOH HOH A . 
# 
loop_
_software.name 
_software.classification 
_software.version 
_software.citation_id 
_software.pdbx_ordinal 
X-PLOR    'model building' 3.851 ? 1 
X-PLOR    refinement       3.851 ? 2 
DENZO     'data reduction' .     ? 3 
SCALEPACK 'data scaling'   .     ? 4 
X-PLOR    phasing          3.851 ? 5 
# 
_cell.entry_id           1BV1 
_cell.length_a           32.160 
_cell.length_b           74.240 
_cell.length_c           118.120 
_cell.angle_alpha        90.00 
_cell.angle_beta         90.00 
_cell.angle_gamma        90.00 
_cell.Z_PDB              8 
_cell.pdbx_unique_axis   ? 
# 
_symmetry.entry_id                         1BV1 
_symmetry.space_group_name_H-M             'C 2 2 21' 
_symmetry.pdbx_full_space_group_name_H-M   ? 
_symmetry.cell_setting                     ? 
_symmetry.Int_Tables_number                20 
# 
_exptl.entry_id          1BV1 
_exptl.method            'X-RAY DIFFRACTION' 
_exptl.crystals_number   1 
# 
_exptl_crystal.id                    1 
_exptl_crystal.density_meas          ? 
_exptl_crystal.density_Matthews      2.08 
_exptl_crystal.density_percent_sol   41. 
_exptl_crystal.description           ? 
# 
_exptl_crystal_grow.crystal_id      1 
_exptl_crystal_grow.method          ? 
_exptl_crystal_grow.temp            ? 
_exptl_crystal_grow.temp_details    ? 
_exptl_crystal_grow.pH              6.3 
_exptl_crystal_grow.pdbx_pH_range   ? 
_exptl_crystal_grow.pdbx_details    
'PROTEIN WAS CRYSTALLIZED BY MIXING 5 MG/ML PROTEIN SOLUTION WITH EQUAL AMOUNT OF 2.0 M AMS, 100 MM SODIUM CITRATE, PH 6.3' 
# 
_diffrn.id                     1 
_diffrn.ambient_temp           287 
_diffrn.ambient_temp_details   ? 
_diffrn.crystal_id             1 
# 
_diffrn_detector.diffrn_id              1 
_diffrn_detector.detector               'IMAGE PLATE' 
_diffrn_detector.type                   RIGAKU 
_diffrn_detector.pdbx_collection_date   1996-01 
_diffrn_detector.details                ? 
# 
_diffrn_radiation.diffrn_id                        1 
_diffrn_radiation.wavelength_id                    1 
_diffrn_radiation.pdbx_monochromatic_or_laue_m_l   M 
_diffrn_radiation.monochromator                    'GRAPHITE(002)' 
_diffrn_radiation.pdbx_diffrn_protocol             ? 
_diffrn_radiation.pdbx_scattering_type             x-ray 
# 
_diffrn_radiation_wavelength.id           1 
_diffrn_radiation_wavelength.wavelength   1.5418 
_diffrn_radiation_wavelength.wt           1.0 
# 
_diffrn_source.diffrn_id                   1 
_diffrn_source.source                      'ROTATING ANODE' 
_diffrn_source.type                        'RIGAKU RUH2R' 
_diffrn_source.pdbx_synchrotron_site       ? 
_diffrn_source.pdbx_synchrotron_beamline   ? 
_diffrn_source.pdbx_wavelength             1.5418 
_diffrn_source.pdbx_wavelength_list        ? 
# 
_reflns.entry_id                     1BV1 
_reflns.observed_criterion_sigma_I   0. 
_reflns.observed_criterion_sigma_F   ? 
_reflns.d_resolution_low             30. 
_reflns.d_resolution_high            2.0 
_reflns.number_obs                   9554 
_reflns.number_all                   ? 
_reflns.percent_possible_obs         95.8 
_reflns.pdbx_Rmerge_I_obs            0.0680000 
_reflns.pdbx_Rsym_value              0.0680000 
_reflns.pdbx_netI_over_sigmaI        14.6 
_reflns.B_iso_Wilson_estimate        14.6 
_reflns.pdbx_redundancy              4.8 
_reflns.pdbx_diffrn_id               1 
_reflns.pdbx_ordinal                 1 
# 
_reflns_shell.d_res_high             2.0 
_reflns_shell.d_res_low              2.03 
_reflns_shell.percent_possible_all   84.2 
_reflns_shell.Rmerge_I_obs           0.3600000 
_reflns_shell.pdbx_Rsym_value        0.3600000 
_reflns_shell.meanI_over_sigI_obs    2.8 
_reflns_shell.pdbx_redundancy        3.2 
_reflns_shell.pdbx_diffrn_id         ? 
_reflns_shell.pdbx_ordinal           1 
# 
_refine.entry_id                                 1BV1 
_refine.ls_number_reflns_obs                     9509 
_refine.ls_number_reflns_all                     ? 
_refine.pdbx_ls_sigma_I                          ? 
_refine.pdbx_ls_sigma_F                          0. 
_refine.pdbx_data_cutoff_high_absF               1000000. 
_refine.pdbx_data_cutoff_low_absF                0.00001 
_refine.pdbx_data_cutoff_high_rms_absF           ? 
_refine.ls_d_res_low                             40.0 
_refine.ls_d_res_high                            2.0 
_refine.ls_percent_reflns_obs                    95.9 
_refine.ls_R_factor_obs                          0.1980000 
_refine.ls_R_factor_all                          ? 
_refine.ls_R_factor_R_work                       0.1980000 
_refine.ls_R_factor_R_free                       0.2670000 
_refine.ls_R_factor_R_free_error                 0.022 
_refine.ls_R_factor_R_free_error_details         ? 
_refine.ls_percent_reflns_R_free                 10.4 
_refine.ls_number_reflns_R_free                  986 
_refine.ls_number_parameters                     ? 
_refine.ls_number_restraints                     ? 
_refine.occupancy_min                            ? 
_refine.occupancy_max                            ? 
_refine.B_iso_mean                               25.2 
_refine.aniso_B[1][1]                            ? 
_refine.aniso_B[2][2]                            ? 
_refine.aniso_B[3][3]                            ? 
_refine.aniso_B[1][2]                            ? 
_refine.aniso_B[1][3]                            ? 
_refine.aniso_B[2][3]                            ? 
_refine.solvent_model_details                    ? 
_refine.solvent_model_param_ksol                 ? 
_refine.solvent_model_param_bsol                 ? 
_refine.pdbx_ls_cross_valid_method               THROUGHOUT 
_refine.details                                  'BULK SOLVENT CORRECTION' 
_refine.pdbx_starting_model                      ? 
_refine.pdbx_method_to_determine_struct          MIR 
_refine.pdbx_isotropic_thermal_model             RESTRAINED 
_refine.pdbx_stereochemistry_target_values       ? 
_refine.pdbx_stereochem_target_val_spec_case     ? 
_refine.pdbx_R_Free_selection_details            RANDOM 
_refine.pdbx_overall_ESU_R                       ? 
_refine.pdbx_overall_ESU_R_Free                  ? 
_refine.overall_SU_ML                            ? 
_refine.overall_SU_B                             ? 
_refine.pdbx_refine_id                           'X-RAY DIFFRACTION' 
_refine.pdbx_diffrn_id                           1 
_refine.pdbx_TLS_residual_ADP_flag               ? 
_refine.correlation_coeff_Fo_to_Fc               ? 
_refine.correlation_coeff_Fo_to_Fc_free          ? 
_refine.pdbx_solvent_vdw_probe_radii             ? 
_refine.pdbx_solvent_ion_probe_radii             ? 
_refine.pdbx_solvent_shrinkage_radii             ? 
_refine.pdbx_overall_phase_error                 ? 
_refine.overall_SU_R_Cruickshank_DPI             ? 
_refine.pdbx_overall_SU_R_free_Cruickshank_DPI   ? 
_refine.pdbx_overall_SU_R_Blow_DPI               ? 
_refine.pdbx_overall_SU_R_free_Blow_DPI          ? 
# 
_refine_analyze.entry_id                        1BV1 
_refine_analyze.Luzzati_coordinate_error_obs    0.31 
_refine_analyze.Luzzati_sigma_a_obs             ? 
_refine_analyze.Luzzati_d_res_low_obs           40.0 
_refine_analyze.Luzzati_coordinate_error_free   ? 
_refine_analyze.Luzzati_sigma_a_free            ? 
_refine_analyze.Luzzati_d_res_low_free          ? 
_refine_analyze.number_disordered_residues      ? 
_refine_analyze.occupancy_sum_hydrogen          ? 
_refine_analyze.occupancy_sum_non_hydrogen      ? 
_refine_analyze.pdbx_refine_id                  'X-RAY DIFFRACTION' 
# 
_refine_hist.pdbx_refine_id                   'X-RAY DIFFRACTION' 
_refine_hist.cycle_id                         LAST 
_refine_hist.pdbx_number_atoms_protein        1230 
_refine_hist.pdbx_number_atoms_nucleic_acid   0 
_refine_hist.pdbx_number_atoms_ligand         0 
_refine_hist.number_atoms_solvent             84 
_refine_hist.number_atoms_total               1314 
_refine_hist.d_res_high                       2.0 
_refine_hist.d_res_low                        40.0 
# 
loop_
_refine_ls_restr.type 
_refine_ls_restr.dev_ideal 
_refine_ls_restr.dev_ideal_target 
_refine_ls_restr.weight 
_refine_ls_restr.number 
_refine_ls_restr.pdbx_refine_id 
_refine_ls_restr.pdbx_restraint_function 
x_bond_d                0.006 ?   ? ? 'X-RAY DIFFRACTION' ? 
x_bond_d_na             ?     ?   ? ? 'X-RAY DIFFRACTION' ? 
x_bond_d_prot           ?     ?   ? ? 'X-RAY DIFFRACTION' ? 
x_angle_d               ?     ?   ? ? 'X-RAY DIFFRACTION' ? 
x_angle_d_na            ?     ?   ? ? 'X-RAY DIFFRACTION' ? 
x_angle_d_prot          ?     ?   ? ? 'X-RAY DIFFRACTION' ? 
x_angle_deg             1.2   ?   ? ? 'X-RAY DIFFRACTION' ? 
x_angle_deg_na          ?     ?   ? ? 'X-RAY DIFFRACTION' ? 
x_angle_deg_prot        ?     ?   ? ? 'X-RAY DIFFRACTION' ? 
x_dihedral_angle_d      25.7  ?   ? ? 'X-RAY DIFFRACTION' ? 
x_dihedral_angle_d_na   ?     ?   ? ? 'X-RAY DIFFRACTION' ? 
x_dihedral_angle_d_prot ?     ?   ? ? 'X-RAY DIFFRACTION' ? 
x_improper_angle_d      1.12  ?   ? ? 'X-RAY DIFFRACTION' ? 
x_improper_angle_d_na   ?     ?   ? ? 'X-RAY DIFFRACTION' ? 
x_improper_angle_d_prot ?     ?   ? ? 'X-RAY DIFFRACTION' ? 
x_mcbond_it             2.17  1.5 ? ? 'X-RAY DIFFRACTION' ? 
x_mcangle_it            3.17  2.0 ? ? 'X-RAY DIFFRACTION' ? 
x_scbond_it             4.5   2.0 ? ? 'X-RAY DIFFRACTION' ? 
x_scangle_it            6.97  2.5 ? ? 'X-RAY DIFFRACTION' ? 
# 
_refine_ls_shell.pdbx_total_number_of_bins_used   8 
_refine_ls_shell.d_res_high                       2.00 
_refine_ls_shell.d_res_low                        2.09 
_refine_ls_shell.number_reflns_R_work             955 
_refine_ls_shell.R_factor_R_work                  0.2630000 
_refine_ls_shell.percent_reflns_obs               78. 
_refine_ls_shell.R_factor_R_free                  0.3110000 
_refine_ls_shell.R_factor_R_free_error            ? 
_refine_ls_shell.percent_reflns_R_free            9.5 
_refine_ls_shell.number_reflns_R_free             105 
_refine_ls_shell.pdbx_refine_id                   'X-RAY DIFFRACTION' 
_refine_ls_shell.number_reflns_all                ? 
_refine_ls_shell.R_factor_all                     ? 
# 
loop_
_pdbx_xplor_file.serial_no 
_pdbx_xplor_file.param_file 
_pdbx_xplor_file.topol_file 
_pdbx_xplor_file.pdbx_refine_id 
1 PARHCSDSDX.PRO TOPHCSDX.PRO 'X-RAY DIFFRACTION' 
2 PARAM19.SOL    TOPH19.SOL   'X-RAY DIFFRACTION' 
# 
_struct.entry_id                  1BV1 
_struct.title                     'BIRCH POLLEN ALLERGEN BET V 1' 
_struct.pdbx_model_details        ? 
_struct.pdbx_CASP_flag            ? 
_struct.pdbx_model_type_details   ? 
# 
_struct_keywords.entry_id        1BV1 
_struct_keywords.pdbx_keywords   ALLERGEN 
_struct_keywords.text            'ALLERGEN, PATHOGENESIS-RELATED PROTEIN' 
# 
loop_
_struct_asym.id 
_struct_asym.pdbx_blank_PDB_chainid_flag 
_struct_asym.pdbx_modified 
_struct_asym.entity_id 
_struct_asym.details 
A N N 1 ? 
B N N 2 ? 
# 
_struct_ref.id                         1 
_struct_ref.db_name                    UNP 
_struct_ref.db_code                    BEV1A_BETVE 
_struct_ref.entity_id                  1 
_struct_ref.pdbx_db_accession          P15494 
_struct_ref.pdbx_align_begin           1 
_struct_ref.pdbx_seq_one_letter_code   
;MGVFNYETETTSVIPAARLFKAFILDGDNLFPKVAPQAISSVENIEGNGGPGTIKKISFPEGLPFKYVKDRVDEVDHTNF
KYNYSVIEGGPIGDTLEKISNEIKIVATPDGGSILKISNKYHTKGDHEVKAEQVKASKEMGETLLRAVESYLLAHSDAYN

;
_struct_ref.pdbx_db_isoform            ? 
# 
_struct_ref_seq.align_id                      1 
_struct_ref_seq.ref_id                        1 
_struct_ref_seq.pdbx_PDB_id_code              1BV1 
_struct_ref_seq.pdbx_strand_id                A 
_struct_ref_seq.seq_align_beg                 1 
_struct_ref_seq.pdbx_seq_align_beg_ins_code   ? 
_struct_ref_seq.seq_align_end                 159 
_struct_ref_seq.pdbx_seq_align_end_ins_code   ? 
_struct_ref_seq.pdbx_db_accession             P15494 
_struct_ref_seq.db_align_beg                  2 
_struct_ref_seq.pdbx_db_align_beg_ins_code    ? 
_struct_ref_seq.db_align_end                  160 
_struct_ref_seq.pdbx_db_align_end_ins_code    ? 
_struct_ref_seq.pdbx_auth_seq_align_beg       1 
_struct_ref_seq.pdbx_auth_seq_align_end       159 
# 
_pdbx_struct_assembly.id                   1 
_pdbx_struct_assembly.details              author_defined_assembly 
_pdbx_struct_assembly.method_details       ? 
_pdbx_struct_assembly.oligomeric_details   dimeric 
_pdbx_struct_assembly.oligomeric_count     2 
# 
_pdbx_struct_assembly_gen.assembly_id       1 
_pdbx_struct_assembly_gen.oper_expression   1,2 
_pdbx_struct_assembly_gen.asym_id_list      A,B 
# 
loop_
_pdbx_struct_oper_list.id 
_pdbx_struct_oper_list.type 
_pdbx_struct_oper_list.name 
_pdbx_struct_oper_list.symmetry_operation 
_pdbx_struct_oper_list.matrix[1][1] 
_pdbx_struct_oper_list.matrix[1][2] 
_pdbx_struct_oper_list.matrix[1][3] 
_pdbx_struct_oper_list.vector[1] 
_pdbx_struct_oper_list.matrix[2][1] 
_pdbx_struct_oper_list.matrix[2][2] 
_pdbx_struct_oper_list.matrix[2][3] 
_pdbx_struct_oper_list.vector[2] 
_pdbx_struct_oper_list.matrix[3][1] 
_pdbx_struct_oper_list.matrix[3][2] 
_pdbx_struct_oper_list.matrix[3][3] 
_pdbx_struct_oper_list.vector[3] 
1 'identity operation'         1_555 x,y,z     1.0000000000  0.0000000000 0.0000000000  0.0000000000  0.0000000000 1.0000000000  0.0000000000  0.0000000000  0.0000000000  0.0000000000  1.0000000000 0.0000000000  
2 'crystal symmetry operation' 4_565 x,-y+1,-z -0.1465623292 0.2972392379 -0.9434873179 18.0001271071 0.2972392379 -0.8964761369 -0.3286021475 10.6385109069 -0.9434873179 -0.3286021475 0.0430384662 19.6337238185 
# 
_struct_biol.id   1 
# 
loop_
_struct_conf.conf_type_id 
_struct_conf.id 
_struct_conf.pdbx_PDB_helix_id 
_struct_conf.beg_label_comp_id 
_struct_conf.beg_label_asym_id 
_struct_conf.beg_label_seq_id 
_struct_conf.pdbx_beg_PDB_ins_code 
_struct_conf.end_label_comp_id 
_struct_conf.end_label_asym_id 
_struct_conf.end_label_seq_id 
_struct_conf.pdbx_end_PDB_ins_code 
_struct_conf.beg_auth_comp_id 
_struct_conf.beg_auth_asym_id 
_struct_conf.beg_auth_seq_id 
_struct_conf.end_auth_comp_id 
_struct_conf.end_auth_asym_id 
_struct_conf.end_auth_seq_id 
_struct_conf.pdbx_PDB_helix_class 
_struct_conf.details 
_struct_conf.pdbx_PDB_helix_length 
HELX_P HELX_P1 1 ALA A 15  ? PHE A 22  ? ALA A 15  PHE A 22  1 ? 8  
HELX_P HELX_P2 2 GLY A 26  ? VAL A 33  ? GLY A 26  VAL A 33  1 ? 8  
HELX_P HELX_P3 3 ALA A 130 ? ALA A 153 ? ALA A 130 ALA A 153 1 ? 24 
# 
_struct_conf_type.id          HELX_P 
_struct_conf_type.criteria    ? 
_struct_conf_type.reference   ? 
# 
loop_
_struct_sheet.id 
_struct_sheet.type 
_struct_sheet.number_strands 
_struct_sheet.details 
A ? 5 ? 
B ? 4 ? 
# 
loop_
_struct_sheet_order.sheet_id 
_struct_sheet_order.range_id_1 
_struct_sheet_order.range_id_2 
_struct_sheet_order.offset 
_struct_sheet_order.sense 
A 1 2 ? anti-parallel 
A 2 3 ? anti-parallel 
A 3 4 ? anti-parallel 
A 4 5 ? anti-parallel 
B 1 2 ? anti-parallel 
B 2 3 ? anti-parallel 
B 3 4 ? anti-parallel 
# 
loop_
_struct_sheet_range.sheet_id 
_struct_sheet_range.id 
_struct_sheet_range.beg_label_comp_id 
_struct_sheet_range.beg_label_asym_id 
_struct_sheet_range.beg_label_seq_id 
_struct_sheet_range.pdbx_beg_PDB_ins_code 
_struct_sheet_range.end_label_comp_id 
_struct_sheet_range.end_label_asym_id 
_struct_sheet_range.end_label_seq_id 
_struct_sheet_range.pdbx_end_PDB_ins_code 
_struct_sheet_range.beg_auth_comp_id 
_struct_sheet_range.beg_auth_asym_id 
_struct_sheet_range.beg_auth_seq_id 
_struct_sheet_range.end_auth_comp_id 
_struct_sheet_range.end_auth_asym_id 
_struct_sheet_range.end_auth_seq_id 
A 1 VAL A 2   ? SER A 11  ? VAL A 2   SER A 11  
A 2 SER A 112 ? THR A 122 ? SER A 112 THR A 122 
A 3 LEU A 95  ? ALA A 106 ? LEU A 95  ALA A 106 
A 4 LYS A 80  ? VAL A 85  ? LYS A 80  VAL A 85  
A 5 GLU A 73  ? ASP A 75  ? GLU A 73  ASP A 75  
B 1 SER A 40  ? GLU A 45  ? SER A 40  GLU A 45  
B 2 ILE A 53  ? SER A 57  ? ILE A 53  SER A 57  
B 3 TYR A 66  ? VAL A 71  ? TYR A 66  VAL A 71  
B 4 TYR A 83  ? GLY A 88  ? TYR A 83  GLY A 88  
# 
loop_
_pdbx_struct_sheet_hbond.sheet_id 
_pdbx_struct_sheet_hbond.range_id_1 
_pdbx_struct_sheet_hbond.range_id_2 
_pdbx_struct_sheet_hbond.range_1_label_atom_id 
_pdbx_struct_sheet_hbond.range_1_label_comp_id 
_pdbx_struct_sheet_hbond.range_1_label_asym_id 
_pdbx_struct_sheet_hbond.range_1_label_seq_id 
_pdbx_struct_sheet_hbond.range_1_PDB_ins_code 
_pdbx_struct_sheet_hbond.range_1_auth_atom_id 
_pdbx_struct_sheet_hbond.range_1_auth_comp_id 
_pdbx_struct_sheet_hbond.range_1_auth_asym_id 
_pdbx_struct_sheet_hbond.range_1_auth_seq_id 
_pdbx_struct_sheet_hbond.range_2_label_atom_id 
_pdbx_struct_sheet_hbond.range_2_label_comp_id 
_pdbx_struct_sheet_hbond.range_2_label_asym_id 
_pdbx_struct_sheet_hbond.range_2_label_seq_id 
_pdbx_struct_sheet_hbond.range_2_PDB_ins_code 
_pdbx_struct_sheet_hbond.range_2_auth_atom_id 
_pdbx_struct_sheet_hbond.range_2_auth_comp_id 
_pdbx_struct_sheet_hbond.range_2_auth_asym_id 
_pdbx_struct_sheet_hbond.range_2_auth_seq_id 
A 1 2 O PHE A 3   ? O PHE A 3   N TYR A 120 ? N TYR A 120 
A 2 3 O ILE A 113 ? O ILE A 113 N VAL A 105 ? N VAL A 105 
A 3 4 O ILE A 98  ? O ILE A 98  N VAL A 85  ? N VAL A 85  
A 4 5 O LYS A 80  ? O LYS A 80  N ASP A 75  ? N ASP A 75  
B 1 2 O SER A 40  ? O SER A 40  N SER A 57  ? N SER A 57  
B 2 3 O LYS A 54  ? O LYS A 54  N ASP A 69  ? N ASP A 69  
B 3 4 O LYS A 68  ? O LYS A 68  N GLU A 87  ? N GLU A 87  
# 
loop_
_pdbx_validate_torsion.id 
_pdbx_validate_torsion.PDB_model_num 
_pdbx_validate_torsion.auth_comp_id 
_pdbx_validate_torsion.auth_asym_id 
_pdbx_validate_torsion.auth_seq_id 
_pdbx_validate_torsion.PDB_ins_code 
_pdbx_validate_torsion.label_alt_id 
_pdbx_validate_torsion.phi 
_pdbx_validate_torsion.psi 
1 1 GLU A 60 ? A -12.48 -52.98 
2 1 GLU A 60 ? B -49.49 157.27 
3 1 ASP A 93 ? ? 62.49  -95.49 
# 
loop_
_chem_comp_atom.comp_id 
_chem_comp_atom.atom_id 
_chem_comp_atom.type_symbol 
_chem_comp_atom.pdbx_aromatic_flag 
_chem_comp_atom.pdbx_stereo_config 
_chem_comp_atom.pdbx_ordinal 
ALA N    N N N 1   
ALA CA   C N S 2   
ALA C    C N N 3   
ALA O    O N N 4   
ALA CB   C N N 5   
ALA OXT  O N N 6   
ALA H    H N N 7   
ALA H2   H N N 8   
ALA HA   H N N 9   
ALA HB1  H N N 10  
ALA HB2  H N N 11  
ALA HB3  H N N 12  
ALA HXT  H N N 13  
ARG N    N N N 14  
ARG CA   C N S 15  
ARG C    C N N 16  
ARG O    O N N 17  
ARG CB   C N N 18  
ARG CG   C N N 19  
ARG CD   C N N 20  
ARG NE   N N N 21  
ARG CZ   C N N 22  
ARG NH1  N N N 23  
ARG NH2  N N N 24  
ARG OXT  O N N 25  
ARG H    H N N 26  
ARG H2   H N N 27  
ARG HA   H N N 28  
ARG HB2  H N N 29  
ARG HB3  H N N 30  
ARG HG2  H N N 31  
ARG HG3  H N N 32  
ARG HD2  H N N 33  
ARG HD3  H N N 34  
ARG HE   H N N 35  
ARG HH11 H N N 36  
ARG HH12 H N N 37  
ARG HH21 H N N 38  
ARG HH22 H N N 39  
ARG HXT  H N N 40  
ASN N    N N N 41  
ASN CA   C N S 42  
ASN C    C N N 43  
ASN O    O N N 44  
ASN CB   C N N 45  
ASN CG   C N N 46  
ASN OD1  O N N 47  
ASN ND2  N N N 48  
ASN OXT  O N N 49  
ASN H    H N N 50  
ASN H2   H N N 51  
ASN HA   H N N 52  
ASN HB2  H N N 53  
ASN HB3  H N N 54  
ASN HD21 H N N 55  
ASN HD22 H N N 56  
ASN HXT  H N N 57  
ASP N    N N N 58  
ASP CA   C N S 59  
ASP C    C N N 60  
ASP O    O N N 61  
ASP CB   C N N 62  
ASP CG   C N N 63  
ASP OD1  O N N 64  
ASP OD2  O N N 65  
ASP OXT  O N N 66  
ASP H    H N N 67  
ASP H2   H N N 68  
ASP HA   H N N 69  
ASP HB2  H N N 70  
ASP HB3  H N N 71  
ASP HD2  H N N 72  
ASP HXT  H N N 73  
GLN N    N N N 74  
GLN CA   C N S 75  
GLN C    C N N 76  
GLN O    O N N 77  
GLN CB   C N N 78  
GLN CG   C N N 79  
GLN CD   C N N 80  
GLN OE1  O N N 81  
GLN NE2  N N N 82  
GLN OXT  O N N 83  
GLN H    H N N 84  
GLN H2   H N N 85  
GLN HA   H N N 86  
GLN HB2  H N N 87  
GLN HB3  H N N 88  
GLN HG2  H N N 89  
GLN HG3  H N N 90  
GLN HE21 H N N 91  
GLN HE22 H N N 92  
GLN HXT  H N N 93  
GLU N    N N N 94  
GLU CA   C N S 95  
GLU C    C N N 96  
GLU O    O N N 97  
GLU CB   C N N 98  
GLU CG   C N N 99  
GLU CD   C N N 100 
GLU OE1  O N N 101 
GLU OE2  O N N 102 
GLU OXT  O N N 103 
GLU H    H N N 104 
GLU H2   H N N 105 
GLU HA   H N N 106 
GLU HB2  H N N 107 
GLU HB3  H N N 108 
GLU HG2  H N N 109 
GLU HG3  H N N 110 
GLU HE2  H N N 111 
GLU HXT  H N N 112 
GLY N    N N N 113 
GLY CA   C N N 114 
GLY C    C N N 115 
GLY O    O N N 116 
GLY OXT  O N N 117 
GLY H    H N N 118 
GLY H2   H N N 119 
GLY HA2  H N N 120 
GLY HA3  H N N 121 
GLY HXT  H N N 122 
HIS N    N N N 123 
HIS CA   C N S 124 
HIS C    C N N 125 
HIS O    O N N 126 
HIS CB   C N N 127 
HIS CG   C Y N 128 
HIS ND1  N Y N 129 
HIS CD2  C Y N 130 
HIS CE1  C Y N 131 
HIS NE2  N Y N 132 
HIS OXT  O N N 133 
HIS H    H N N 134 
HIS H2   H N N 135 
HIS HA   H N N 136 
HIS HB2  H N N 137 
HIS HB3  H N N 138 
HIS HD1  H N N 139 
HIS HD2  H N N 140 
HIS HE1  H N N 141 
HIS HE2  H N N 142 
HIS HXT  H N N 143 
HOH O    O N N 144 
HOH H1   H N N 145 
HOH H2   H N N 146 
ILE N    N N N 147 
ILE CA   C N S 148 
ILE C    C N N 149 
ILE O    O N N 150 
ILE CB   C N S 151 
ILE CG1  C N N 152 
ILE CG2  C N N 153 
ILE CD1  C N N 154 
ILE OXT  O N N 155 
ILE H    H N N 156 
ILE H2   H N N 157 
ILE HA   H N N 158 
ILE HB   H N N 159 
ILE HG12 H N N 160 
ILE HG13 H N N 161 
ILE HG21 H N N 162 
ILE HG22 H N N 163 
ILE HG23 H N N 164 
ILE HD11 H N N 165 
ILE HD12 H N N 166 
ILE HD13 H N N 167 
ILE HXT  H N N 168 
LEU N    N N N 169 
LEU CA   C N S 170 
LEU C    C N N 171 
LEU O    O N N 172 
LEU CB   C N N 173 
LEU CG   C N N 174 
LEU CD1  C N N 175 
LEU CD2  C N N 176 
LEU OXT  O N N 177 
LEU H    H N N 178 
LEU H2   H N N 179 
LEU HA   H N N 180 
LEU HB2  H N N 181 
LEU HB3  H N N 182 
LEU HG   H N N 183 
LEU HD11 H N N 184 
LEU HD12 H N N 185 
LEU HD13 H N N 186 
LEU HD21 H N N 187 
LEU HD22 H N N 188 
LEU HD23 H N N 189 
LEU HXT  H N N 190 
LYS N    N N N 191 
LYS CA   C N S 192 
LYS C    C N N 193 
LYS O    O N N 194 
LYS CB   C N N 195 
LYS CG   C N N 196 
LYS CD   C N N 197 
LYS CE   C N N 198 
LYS NZ   N N N 199 
LYS OXT  O N N 200 
LYS H    H N N 201 
LYS H2   H N N 202 
LYS HA   H N N 203 
LYS HB2  H N N 204 
LYS HB3  H N N 205 
LYS HG2  H N N 206 
LYS HG3  H N N 207 
LYS HD2  H N N 208 
LYS HD3  H N N 209 
LYS HE2  H N N 210 
LYS HE3  H N N 211 
LYS HZ1  H N N 212 
LYS HZ2  H N N 213 
LYS HZ3  H N N 214 
LYS HXT  H N N 215 
MET N    N N N 216 
MET CA   C N S 217 
MET C    C N N 218 
MET O    O N N 219 
MET CB   C N N 220 
MET CG   C N N 221 
MET SD   S N N 222 
MET CE   C N N 223 
MET OXT  O N N 224 
MET H    H N N 225 
MET H2   H N N 226 
MET HA   H N N 227 
MET HB2  H N N 228 
MET HB3  H N N 229 
MET HG2  H N N 230 
MET HG3  H N N 231 
MET HE1  H N N 232 
MET HE2  H N N 233 
MET HE3  H N N 234 
MET HXT  H N N 235 
PHE N    N N N 236 
PHE CA   C N S 237 
PHE C    C N N 238 
PHE O    O N N 239 
PHE CB   C N N 240 
PHE CG   C Y N 241 
PHE CD1  C Y N 242 
PHE CD2  C Y N 243 
PHE CE1  C Y N 244 
PHE CE2  C Y N 245 
PHE CZ   C Y N 246 
PHE OXT  O N N 247 
PHE H    H N N 248 
PHE H2   H N N 249 
PHE HA   H N N 250 
PHE HB2  H N N 251 
PHE HB3  H N N 252 
PHE HD1  H N N 253 
PHE HD2  H N N 254 
PHE HE1  H N N 255 
PHE HE2  H N N 256 
PHE HZ   H N N 257 
PHE HXT  H N N 258 
PRO N    N N N 259 
PRO CA   C N S 260 
PRO C    C N N 261 
PRO O    O N N 262 
PRO CB   C N N 263 
PRO CG   C N N 264 
PRO CD   C N N 265 
PRO OXT  O N N 266 
PRO H    H N N 267 
PRO HA   H N N 268 
PRO HB2  H N N 269 
PRO HB3  H N N 270 
PRO HG2  H N N 271 
PRO HG3  H N N 272 
PRO HD2  H N N 273 
PRO HD3  H N N 274 
PRO HXT  H N N 275 
SER N    N N N 276 
SER CA   C N S 277 
SER C    C N N 278 
SER O    O N N 279 
SER CB   C N N 280 
SER OG   O N N 281 
SER OXT  O N N 282 
SER H    H N N 283 
SER H2   H N N 284 
SER HA   H N N 285 
SER HB2  H N N 286 
SER HB3  H N N 287 
SER HG   H N N 288 
SER HXT  H N N 289 
THR N    N N N 290 
THR CA   C N S 291 
THR C    C N N 292 
THR O    O N N 293 
THR CB   C N R 294 
THR OG1  O N N 295 
THR CG2  C N N 296 
THR OXT  O N N 297 
THR H    H N N 298 
THR H2   H N N 299 
THR HA   H N N 300 
THR HB   H N N 301 
THR HG1  H N N 302 
THR HG21 H N N 303 
THR HG22 H N N 304 
THR HG23 H N N 305 
THR HXT  H N N 306 
TYR N    N N N 307 
TYR CA   C N S 308 
TYR C    C N N 309 
TYR O    O N N 310 
TYR CB   C N N 311 
TYR CG   C Y N 312 
TYR CD1  C Y N 313 
TYR CD2  C Y N 314 
TYR CE1  C Y N 315 
TYR CE2  C Y N 316 
TYR CZ   C Y N 317 
TYR OH   O N N 318 
TYR OXT  O N N 319 
TYR H    H N N 320 
TYR H2   H N N 321 
TYR HA   H N N 322 
TYR HB2  H N N 323 
TYR HB3  H N N 324 
TYR HD1  H N N 325 
TYR HD2  H N N 326 
TYR HE1  H N N 327 
TYR HE2  H N N 328 
TYR HH   H N N 329 
TYR HXT  H N N 330 
VAL N    N N N 331 
VAL CA   C N S 332 
VAL C    C N N 333 
VAL O    O N N 334 
VAL CB   C N N 335 
VAL CG1  C N N 336 
VAL CG2  C N N 337 
VAL OXT  O N N 338 
VAL H    H N N 339 
VAL H2   H N N 340 
VAL HA   H N N 341 
VAL HB   H N N 342 
VAL HG11 H N N 343 
VAL HG12 H N N 344 
VAL HG13 H N N 345 
VAL HG21 H N N 346 
VAL HG22 H N N 347 
VAL HG23 H N N 348 
VAL HXT  H N N 349 
# 
loop_
_chem_comp_bond.comp_id 
_chem_comp_bond.atom_id_1 
_chem_comp_bond.atom_id_2 
_chem_comp_bond.value_order 
_chem_comp_bond.pdbx_aromatic_flag 
_chem_comp_bond.pdbx_stereo_config 
_chem_comp_bond.pdbx_ordinal 
ALA N   CA   sing N N 1   
ALA N   H    sing N N 2   
ALA N   H2   sing N N 3   
ALA CA  C    sing N N 4   
ALA CA  CB   sing N N 5   
ALA CA  HA   sing N N 6   
ALA C   O    doub N N 7   
ALA C   OXT  sing N N 8   
ALA CB  HB1  sing N N 9   
ALA CB  HB2  sing N N 10  
ALA CB  HB3  sing N N 11  
ALA OXT HXT  sing N N 12  
ARG N   CA   sing N N 13  
ARG N   H    sing N N 14  
ARG N   H2   sing N N 15  
ARG CA  C    sing N N 16  
ARG CA  CB   sing N N 17  
ARG CA  HA   sing N N 18  
ARG C   O    doub N N 19  
ARG C   OXT  sing N N 20  
ARG CB  CG   sing N N 21  
ARG CB  HB2  sing N N 22  
ARG CB  HB3  sing N N 23  
ARG CG  CD   sing N N 24  
ARG CG  HG2  sing N N 25  
ARG CG  HG3  sing N N 26  
ARG CD  NE   sing N N 27  
ARG CD  HD2  sing N N 28  
ARG CD  HD3  sing N N 29  
ARG NE  CZ   sing N N 30  
ARG NE  HE   sing N N 31  
ARG CZ  NH1  sing N N 32  
ARG CZ  NH2  doub N N 33  
ARG NH1 HH11 sing N N 34  
ARG NH1 HH12 sing N N 35  
ARG NH2 HH21 sing N N 36  
ARG NH2 HH22 sing N N 37  
ARG OXT HXT  sing N N 38  
ASN N   CA   sing N N 39  
ASN N   H    sing N N 40  
ASN N   H2   sing N N 41  
ASN CA  C    sing N N 42  
ASN CA  CB   sing N N 43  
ASN CA  HA   sing N N 44  
ASN C   O    doub N N 45  
ASN C   OXT  sing N N 46  
ASN CB  CG   sing N N 47  
ASN CB  HB2  sing N N 48  
ASN CB  HB3  sing N N 49  
ASN CG  OD1  doub N N 50  
ASN CG  ND2  sing N N 51  
ASN ND2 HD21 sing N N 52  
ASN ND2 HD22 sing N N 53  
ASN OXT HXT  sing N N 54  
ASP N   CA   sing N N 55  
ASP N   H    sing N N 56  
ASP N   H2   sing N N 57  
ASP CA  C    sing N N 58  
ASP CA  CB   sing N N 59  
ASP CA  HA   sing N N 60  
ASP C   O    doub N N 61  
ASP C   OXT  sing N N 62  
ASP CB  CG   sing N N 63  
ASP CB  HB2  sing N N 64  
ASP CB  HB3  sing N N 65  
ASP CG  OD1  doub N N 66  
ASP CG  OD2  sing N N 67  
ASP OD2 HD2  sing N N 68  
ASP OXT HXT  sing N N 69  
GLN N   CA   sing N N 70  
GLN N   H    sing N N 71  
GLN N   H2   sing N N 72  
GLN CA  C    sing N N 73  
GLN CA  CB   sing N N 74  
GLN CA  HA   sing N N 75  
GLN C   O    doub N N 76  
GLN C   OXT  sing N N 77  
GLN CB  CG   sing N N 78  
GLN CB  HB2  sing N N 79  
GLN CB  HB3  sing N N 80  
GLN CG  CD   sing N N 81  
GLN CG  HG2  sing N N 82  
GLN CG  HG3  sing N N 83  
GLN CD  OE1  doub N N 84  
GLN CD  NE2  sing N N 85  
GLN NE2 HE21 sing N N 86  
GLN NE2 HE22 sing N N 87  
GLN OXT HXT  sing N N 88  
GLU N   CA   sing N N 89  
GLU N   H    sing N N 90  
GLU N   H2   sing N N 91  
GLU CA  C    sing N N 92  
GLU CA  CB   sing N N 93  
GLU CA  HA   sing N N 94  
GLU C   O    doub N N 95  
GLU C   OXT  sing N N 96  
GLU CB  CG   sing N N 97  
GLU CB  HB2  sing N N 98  
GLU CB  HB3  sing N N 99  
GLU CG  CD   sing N N 100 
GLU CG  HG2  sing N N 101 
GLU CG  HG3  sing N N 102 
GLU CD  OE1  doub N N 103 
GLU CD  OE2  sing N N 104 
GLU OE2 HE2  sing N N 105 
GLU OXT HXT  sing N N 106 
GLY N   CA   sing N N 107 
GLY N   H    sing N N 108 
GLY N   H2   sing N N 109 
GLY CA  C    sing N N 110 
GLY CA  HA2  sing N N 111 
GLY CA  HA3  sing N N 112 
GLY C   O    doub N N 113 
GLY C   OXT  sing N N 114 
GLY OXT HXT  sing N N 115 
HIS N   CA   sing N N 116 
HIS N   H    sing N N 117 
HIS N   H2   sing N N 118 
HIS CA  C    sing N N 119 
HIS CA  CB   sing N N 120 
HIS CA  HA   sing N N 121 
HIS C   O    doub N N 122 
HIS C   OXT  sing N N 123 
HIS CB  CG   sing N N 124 
HIS CB  HB2  sing N N 125 
HIS CB  HB3  sing N N 126 
HIS CG  ND1  sing Y N 127 
HIS CG  CD2  doub Y N 128 
HIS ND1 CE1  doub Y N 129 
HIS ND1 HD1  sing N N 130 
HIS CD2 NE2  sing Y N 131 
HIS CD2 HD2  sing N N 132 
HIS CE1 NE2  sing Y N 133 
HIS CE1 HE1  sing N N 134 
HIS NE2 HE2  sing N N 135 
HIS OXT HXT  sing N N 136 
HOH O   H1   sing N N 137 
HOH O   H2   sing N N 138 
ILE N   CA   sing N N 139 
ILE N   H    sing N N 140 
ILE N   H2   sing N N 141 
ILE CA  C    sing N N 142 
ILE CA  CB   sing N N 143 
ILE CA  HA   sing N N 144 
ILE C   O    doub N N 145 
ILE C   OXT  sing N N 146 
ILE CB  CG1  sing N N 147 
ILE CB  CG2  sing N N 148 
ILE CB  HB   sing N N 149 
ILE CG1 CD1  sing N N 150 
ILE CG1 HG12 sing N N 151 
ILE CG1 HG13 sing N N 152 
ILE CG2 HG21 sing N N 153 
ILE CG2 HG22 sing N N 154 
ILE CG2 HG23 sing N N 155 
ILE CD1 HD11 sing N N 156 
ILE CD1 HD12 sing N N 157 
ILE CD1 HD13 sing N N 158 
ILE OXT HXT  sing N N 159 
LEU N   CA   sing N N 160 
LEU N   H    sing N N 161 
LEU N   H2   sing N N 162 
LEU CA  C    sing N N 163 
LEU CA  CB   sing N N 164 
LEU CA  HA   sing N N 165 
LEU C   O    doub N N 166 
LEU C   OXT  sing N N 167 
LEU CB  CG   sing N N 168 
LEU CB  HB2  sing N N 169 
LEU CB  HB3  sing N N 170 
LEU CG  CD1  sing N N 171 
LEU CG  CD2  sing N N 172 
LEU CG  HG   sing N N 173 
LEU CD1 HD11 sing N N 174 
LEU CD1 HD12 sing N N 175 
LEU CD1 HD13 sing N N 176 
LEU CD2 HD21 sing N N 177 
LEU CD2 HD22 sing N N 178 
LEU CD2 HD23 sing N N 179 
LEU OXT HXT  sing N N 180 
LYS N   CA   sing N N 181 
LYS N   H    sing N N 182 
LYS N   H2   sing N N 183 
LYS CA  C    sing N N 184 
LYS CA  CB   sing N N 185 
LYS CA  HA   sing N N 186 
LYS C   O    doub N N 187 
LYS C   OXT  sing N N 188 
LYS CB  CG   sing N N 189 
LYS CB  HB2  sing N N 190 
LYS CB  HB3  sing N N 191 
LYS CG  CD   sing N N 192 
LYS CG  HG2  sing N N 193 
LYS CG  HG3  sing N N 194 
LYS CD  CE   sing N N 195 
LYS CD  HD2  sing N N 196 
LYS CD  HD3  sing N N 197 
LYS CE  NZ   sing N N 198 
LYS CE  HE2  sing N N 199 
LYS CE  HE3  sing N N 200 
LYS NZ  HZ1  sing N N 201 
LYS NZ  HZ2  sing N N 202 
LYS NZ  HZ3  sing N N 203 
LYS OXT HXT  sing N N 204 
MET N   CA   sing N N 205 
MET N   H    sing N N 206 
MET N   H2   sing N N 207 
MET CA  C    sing N N 208 
MET CA  CB   sing N N 209 
MET CA  HA   sing N N 210 
MET C   O    doub N N 211 
MET C   OXT  sing N N 212 
MET CB  CG   sing N N 213 
MET CB  HB2  sing N N 214 
MET CB  HB3  sing N N 215 
MET CG  SD   sing N N 216 
MET CG  HG2  sing N N 217 
MET CG  HG3  sing N N 218 
MET SD  CE   sing N N 219 
MET CE  HE1  sing N N 220 
MET CE  HE2  sing N N 221 
MET CE  HE3  sing N N 222 
MET OXT HXT  sing N N 223 
PHE N   CA   sing N N 224 
PHE N   H    sing N N 225 
PHE N   H2   sing N N 226 
PHE CA  C    sing N N 227 
PHE CA  CB   sing N N 228 
PHE CA  HA   sing N N 229 
PHE C   O    doub N N 230 
PHE C   OXT  sing N N 231 
PHE CB  CG   sing N N 232 
PHE CB  HB2  sing N N 233 
PHE CB  HB3  sing N N 234 
PHE CG  CD1  doub Y N 235 
PHE CG  CD2  sing Y N 236 
PHE CD1 CE1  sing Y N 237 
PHE CD1 HD1  sing N N 238 
PHE CD2 CE2  doub Y N 239 
PHE CD2 HD2  sing N N 240 
PHE CE1 CZ   doub Y N 241 
PHE CE1 HE1  sing N N 242 
PHE CE2 CZ   sing Y N 243 
PHE CE2 HE2  sing N N 244 
PHE CZ  HZ   sing N N 245 
PHE OXT HXT  sing N N 246 
PRO N   CA   sing N N 247 
PRO N   CD   sing N N 248 
PRO N   H    sing N N 249 
PRO CA  C    sing N N 250 
PRO CA  CB   sing N N 251 
PRO CA  HA   sing N N 252 
PRO C   O    doub N N 253 
PRO C   OXT  sing N N 254 
PRO CB  CG   sing N N 255 
PRO CB  HB2  sing N N 256 
PRO CB  HB3  sing N N 257 
PRO CG  CD   sing N N 258 
PRO CG  HG2  sing N N 259 
PRO CG  HG3  sing N N 260 
PRO CD  HD2  sing N N 261 
PRO CD  HD3  sing N N 262 
PRO OXT HXT  sing N N 263 
SER N   CA   sing N N 264 
SER N   H    sing N N 265 
SER N   H2   sing N N 266 
SER CA  C    sing N N 267 
SER CA  CB   sing N N 268 
SER CA  HA   sing N N 269 
SER C   O    doub N N 270 
SER C   OXT  sing N N 271 
SER CB  OG   sing N N 272 
SER CB  HB2  sing N N 273 
SER CB  HB3  sing N N 274 
SER OG  HG   sing N N 275 
SER OXT HXT  sing N N 276 
THR N   CA   sing N N 277 
THR N   H    sing N N 278 
THR N   H2   sing N N 279 
THR CA  C    sing N N 280 
THR CA  CB   sing N N 281 
THR CA  HA   sing N N 282 
THR C   O    doub N N 283 
THR C   OXT  sing N N 284 
THR CB  OG1  sing N N 285 
THR CB  CG2  sing N N 286 
THR CB  HB   sing N N 287 
THR OG1 HG1  sing N N 288 
THR CG2 HG21 sing N N 289 
THR CG2 HG22 sing N N 290 
THR CG2 HG23 sing N N 291 
THR OXT HXT  sing N N 292 
TYR N   CA   sing N N 293 
TYR N   H    sing N N 294 
TYR N   H2   sing N N 295 
TYR CA  C    sing N N 296 
TYR CA  CB   sing N N 297 
TYR CA  HA   sing N N 298 
TYR C   O    doub N N 299 
TYR C   OXT  sing N N 300 
TYR CB  CG   sing N N 301 
TYR CB  HB2  sing N N 302 
TYR CB  HB3  sing N N 303 
TYR CG  CD1  doub Y N 304 
TYR CG  CD2  sing Y N 305 
TYR CD1 CE1  sing Y N 306 
TYR CD1 HD1  sing N N 307 
TYR CD2 CE2  doub Y N 308 
TYR CD2 HD2  sing N N 309 
TYR CE1 CZ   doub Y N 310 
TYR CE1 HE1  sing N N 311 
TYR CE2 CZ   sing Y N 312 
TYR CE2 HE2  sing N N 313 
TYR CZ  OH   sing N N 314 
TYR OH  HH   sing N N 315 
TYR OXT HXT  sing N N 316 
VAL N   CA   sing N N 317 
VAL N   H    sing N N 318 
VAL N   H2   sing N N 319 
VAL CA  C    sing N N 320 
VAL CA  CB   sing N N 321 
VAL CA  HA   sing N N 322 
VAL C   O    doub N N 323 
VAL C   OXT  sing N N 324 
VAL CB  CG1  sing N N 325 
VAL CB  CG2  sing N N 326 
VAL CB  HB   sing N N 327 
VAL CG1 HG11 sing N N 328 
VAL CG1 HG12 sing N N 329 
VAL CG1 HG13 sing N N 330 
VAL CG2 HG21 sing N N 331 
VAL CG2 HG22 sing N N 332 
VAL CG2 HG23 sing N N 333 
VAL OXT HXT  sing N N 334 
# 
_atom_sites.entry_id                    1BV1 
_atom_sites.fract_transf_matrix[1][1]   0.02031241 
_atom_sites.fract_transf_matrix[1][2]   0.00707450 
_atom_sites.fract_transf_matrix[1][3]   -0.02245565 
_atom_sites.fract_transf_matrix[2][1]   0.00767442 
_atom_sites.fract_transf_matrix[2][2]   -0.01045113 
_atom_sites.fract_transf_matrix[2][3]   0.00364939 
_atom_sites.fract_transf_matrix[3][1]   -0.00422177 
_atom_sites.fract_transf_matrix[3][2]   -0.00498161 
_atom_sites.fract_transf_matrix[3][3]   -0.00538826 
_atom_sites.fract_transf_vector[1]      -0.047546 
_atom_sites.fract_transf_vector[2]      0.450703 
_atom_sites.fract_transf_vector[3]      0.117390 
# 
loop_
_atom_type.symbol 
C 
N 
O 
S 
# 
loop_
_atom_site.group_PDB 
_atom_site.id 
_atom_site.type_symbol 
_atom_site.label_atom_id 
_atom_site.label_alt_id 
_atom_site.label_comp_id 
_atom_site.label_asym_id 
_atom_site.label_entity_id 
_atom_site.label_seq_id 
_atom_site.pdbx_PDB_ins_code 
_atom_site.Cartn_x 
_atom_site.Cartn_y 
_atom_site.Cartn_z 
_atom_site.occupancy 
_atom_site.B_iso_or_equiv 
_atom_site.pdbx_formal_charge 
_atom_site.auth_seq_id 
_atom_site.auth_comp_id 
_atom_site.auth_asym_id 
_atom_site.auth_atom_id 
_atom_site.pdbx_PDB_model_num 
ATOM   1    N N   . GLY A 1 1   ? -22.397 3.154   -3.757  1.00 13.95 ? 1   GLY A N   1 
ATOM   2    C CA  . GLY A 1 1   ? -22.347 1.721   -3.353  1.00 11.42 ? 1   GLY A CA  1 
ATOM   3    C C   . GLY A 1 1   ? -20.959 1.343   -2.888  1.00 15.30 ? 1   GLY A C   1 
ATOM   4    O O   . GLY A 1 1   ? -20.106 2.211   -2.703  1.00 10.50 ? 1   GLY A O   1 
ATOM   5    N N   . VAL A 1 2   ? -20.744 0.053   -2.654  1.00 17.48 ? 2   VAL A N   1 
ATOM   6    C CA  . VAL A 1 2   ? -19.443 -0.445  -2.224  1.00 19.30 ? 2   VAL A CA  1 
ATOM   7    C C   . VAL A 1 2   ? -18.969 -1.530  -3.188  1.00 19.70 ? 2   VAL A C   1 
ATOM   8    O O   . VAL A 1 2   ? -19.696 -2.482  -3.480  1.00 20.89 ? 2   VAL A O   1 
ATOM   9    C CB  . VAL A 1 2   ? -19.472 -1.022  -0.788  1.00 21.49 ? 2   VAL A CB  1 
ATOM   10   C CG1 . VAL A 1 2   ? -18.114 -1.608  -0.457  1.00 21.36 ? 2   VAL A CG1 1 
ATOM   11   C CG2 . VAL A 1 2   ? -19.820 0.060   0.225   1.00 20.95 ? 2   VAL A CG2 1 
ATOM   12   N N   . PHE A 1 3   ? -17.739 -1.389  -3.664  1.00 16.24 ? 3   PHE A N   1 
ATOM   13   C CA  . PHE A 1 3   ? -17.174 -2.343  -4.600  1.00 17.82 ? 3   PHE A CA  1 
ATOM   14   C C   . PHE A 1 3   ? -15.868 -2.930  -4.092  1.00 19.25 ? 3   PHE A C   1 
ATOM   15   O O   . PHE A 1 3   ? -14.933 -2.207  -3.767  1.00 17.38 ? 3   PHE A O   1 
ATOM   16   C CB  . PHE A 1 3   ? -16.983 -1.671  -5.954  1.00 15.82 ? 3   PHE A CB  1 
ATOM   17   C CG  . PHE A 1 3   ? -18.257 -1.145  -6.536  1.00 24.18 ? 3   PHE A CG  1 
ATOM   18   C CD1 . PHE A 1 3   ? -19.135 -2.001  -7.205  1.00 25.16 ? 3   PHE A CD1 1 
ATOM   19   C CD2 . PHE A 1 3   ? -18.602 0.195   -6.391  1.00 21.37 ? 3   PHE A CD2 1 
ATOM   20   C CE1 . PHE A 1 3   ? -20.341 -1.525  -7.721  1.00 25.54 ? 3   PHE A CE1 1 
ATOM   21   C CE2 . PHE A 1 3   ? -19.802 0.682   -6.900  1.00 24.33 ? 3   PHE A CE2 1 
ATOM   22   C CZ  . PHE A 1 3   ? -20.675 -0.178  -7.568  1.00 30.04 ? 3   PHE A CZ  1 
ATOM   23   N N   . ASN A 1 4   ? -15.821 -4.255  -4.028  1.00 20.20 ? 4   ASN A N   1 
ATOM   24   C CA  . ASN A 1 4   ? -14.646 -4.970  -3.550  1.00 23.11 ? 4   ASN A CA  1 
ATOM   25   C C   . ASN A 1 4   ? -13.858 -5.600  -4.704  1.00 19.15 ? 4   ASN A C   1 
ATOM   26   O O   . ASN A 1 4   ? -14.428 -6.241  -5.588  1.00 21.43 ? 4   ASN A O   1 
ATOM   27   C CB  . ASN A 1 4   ? -15.079 -6.046  -2.542  1.00 28.73 ? 4   ASN A CB  1 
ATOM   28   C CG  . ASN A 1 4   ? -13.901 -6.704  -1.836  1.00 39.37 ? 4   ASN A CG  1 
ATOM   29   O OD1 . ASN A 1 4   ? -12.757 -6.272  -1.974  1.00 46.71 ? 4   ASN A OD1 1 
ATOM   30   N ND2 . ASN A 1 4   ? -14.180 -7.752  -1.069  1.00 45.70 ? 4   ASN A ND2 1 
ATOM   31   N N   . TYR A 1 5   ? -12.547 -5.381  -4.706  1.00 18.01 ? 5   TYR A N   1 
ATOM   32   C CA  . TYR A 1 5   ? -11.665 -5.933  -5.732  1.00 19.76 ? 5   TYR A CA  1 
ATOM   33   C C   . TYR A 1 5   ? -10.524 -6.611  -5.006  1.00 20.75 ? 5   TYR A C   1 
ATOM   34   O O   . TYR A 1 5   ? -9.941  -6.040  -4.092  1.00 19.25 ? 5   TYR A O   1 
ATOM   35   C CB  . TYR A 1 5   ? -11.144 -4.830  -6.661  1.00 19.59 ? 5   TYR A CB  1 
ATOM   36   C CG  . TYR A 1 5   ? -12.260 -4.136  -7.406  1.00 22.64 ? 5   TYR A CG  1 
ATOM   37   C CD1 . TYR A 1 5   ? -12.727 -4.633  -8.623  1.00 22.82 ? 5   TYR A CD1 1 
ATOM   38   C CD2 . TYR A 1 5   ? -12.921 -3.043  -6.846  1.00 22.98 ? 5   TYR A CD2 1 
ATOM   39   C CE1 . TYR A 1 5   ? -13.830 -4.066  -9.253  1.00 21.97 ? 5   TYR A CE1 1 
ATOM   40   C CE2 . TYR A 1 5   ? -14.023 -2.472  -7.469  1.00 19.42 ? 5   TYR A CE2 1 
ATOM   41   C CZ  . TYR A 1 5   ? -14.471 -2.988  -8.662  1.00 20.18 ? 5   TYR A CZ  1 
ATOM   42   O OH  . TYR A 1 5   ? -15.576 -2.439  -9.255  1.00 22.81 ? 5   TYR A OH  1 
ATOM   43   N N   . GLU A 1 6   ? -10.229 -7.848  -5.385  1.00 24.89 ? 6   GLU A N   1 
ATOM   44   C CA  . GLU A 1 6   ? -9.171  -8.607  -4.731  1.00 27.75 ? 6   GLU A CA  1 
ATOM   45   C C   . GLU A 1 6   ? -8.054  -9.049  -5.661  1.00 26.65 ? 6   GLU A C   1 
ATOM   46   O O   . GLU A 1 6   ? -8.235  -9.159  -6.876  1.00 28.52 ? 6   GLU A O   1 
ATOM   47   C CB  . GLU A 1 6   ? -9.769  -9.822  -4.028  1.00 30.08 ? 6   GLU A CB  1 
ATOM   48   C CG  . GLU A 1 6   ? -10.787 -9.455  -2.971  1.00 41.45 ? 6   GLU A CG  1 
ATOM   49   C CD  . GLU A 1 6   ? -11.718 -10.594 -2.633  1.00 48.13 ? 6   GLU A CD  1 
ATOM   50   O OE1 . GLU A 1 6   ? -12.170 -11.290 -3.569  1.00 54.98 ? 6   GLU A OE1 1 
ATOM   51   O OE2 . GLU A 1 6   ? -12.009 -10.788 -1.432  1.00 52.87 ? 6   GLU A OE2 1 
ATOM   52   N N   . THR A 1 7   ? -6.890  -9.286  -5.070  1.00 23.84 ? 7   THR A N   1 
ATOM   53   C CA  . THR A 1 7   ? -5.720  -9.726  -5.808  1.00 26.49 ? 7   THR A CA  1 
ATOM   54   C C   . THR A 1 7   ? -4.830  -10.500 -4.858  1.00 24.24 ? 7   THR A C   1 
ATOM   55   O O   . THR A 1 7   ? -4.965  -10.401 -3.640  1.00 26.11 ? 7   THR A O   1 
ATOM   56   C CB  . THR A 1 7   ? -4.881  -8.544  -6.314  1.00 27.49 ? 7   THR A CB  1 
ATOM   57   O OG1 . THR A 1 7   ? -5.747  -7.477  -6.694  1.00 37.42 ? 7   THR A OG1 1 
ATOM   58   C CG2 . THR A 1 7   ? -4.040  -8.961  -7.523  1.00 29.20 ? 7   THR A CG2 1 
ATOM   59   N N   . GLU A 1 8   ? -3.939  -11.286 -5.438  1.00 24.52 ? 8   GLU A N   1 
ATOM   60   C CA  . GLU A 1 8   ? -2.972  -12.059 -4.689  1.00 26.01 ? 8   GLU A CA  1 
ATOM   61   C C   . GLU A 1 8   ? -1.690  -11.975 -5.486  1.00 27.07 ? 8   GLU A C   1 
ATOM   62   O O   . GLU A 1 8   ? -1.706  -12.053 -6.715  1.00 26.19 ? 8   GLU A O   1 
ATOM   63   C CB  . GLU A 1 8   ? -3.400  -13.513 -4.548  1.00 30.30 ? 8   GLU A CB  1 
ATOM   64   C CG  . GLU A 1 8   ? -4.379  -13.760 -3.421  1.00 38.15 ? 8   GLU A CG  1 
ATOM   65   C CD  . GLU A 1 8   ? -4.755  -15.225 -3.280  1.00 44.22 ? 8   GLU A CD  1 
ATOM   66   O OE1 . GLU A 1 8   ? -3.985  -16.096 -3.749  1.00 46.16 ? 8   GLU A OE1 1 
ATOM   67   O OE2 . GLU A 1 8   ? -5.824  -15.504 -2.697  1.00 44.32 ? 8   GLU A OE2 1 
ATOM   68   N N   . THR A 1 9   ? -0.589  -11.748 -4.790  1.00 22.56 ? 9   THR A N   1 
ATOM   69   C CA  . THR A 1 9   ? 0.699   -11.645 -5.439  1.00 24.01 ? 9   THR A CA  1 
ATOM   70   C C   . THR A 1 9   ? 1.697   -12.500 -4.657  1.00 21.31 ? 9   THR A C   1 
ATOM   71   O O   . THR A 1 9   ? 1.559   -12.687 -3.448  1.00 21.70 ? 9   THR A O   1 
ATOM   72   C CB  . THR A 1 9   ? 1.133   -10.161 -5.555  1.00 26.40 ? 9   THR A CB  1 
ATOM   73   O OG1 . THR A 1 9   ? 2.454   -10.074 -6.104  1.00 32.99 ? 9   THR A OG1 1 
ATOM   74   C CG2 . THR A 1 9   ? 1.074   -9.469  -4.210  1.00 27.76 ? 9   THR A CG2 1 
ATOM   75   N N   . THR A 1 10  ? 2.672   -13.053 -5.363  1.00 17.78 ? 10  THR A N   1 
ATOM   76   C CA  . THR A 1 10  ? 3.664   -13.920 -4.746  1.00 16.90 ? 10  THR A CA  1 
ATOM   77   C C   . THR A 1 10  ? 4.964   -13.222 -4.381  1.00 14.32 ? 10  THR A C   1 
ATOM   78   O O   . THR A 1 10  ? 5.372   -12.268 -5.034  1.00 19.23 ? 10  THR A O   1 
ATOM   79   C CB  . THR A 1 10  ? 3.960   -15.110 -5.678  1.00 17.39 ? 10  THR A CB  1 
ATOM   80   O OG1 . THR A 1 10  ? 2.737   -15.810 -5.938  1.00 23.98 ? 10  THR A OG1 1 
ATOM   81   C CG2 . THR A 1 10  ? 4.959   -16.068 -5.053  1.00 18.16 ? 10  THR A CG2 1 
ATOM   82   N N   . SER A 1 11  ? 5.614   -13.720 -3.332  1.00 17.13 ? 11  SER A N   1 
ATOM   83   C CA  . SER A 1 11  ? 6.891   -13.181 -2.867  1.00 15.79 ? 11  SER A CA  1 
ATOM   84   C C   . SER A 1 11  ? 7.813   -14.319 -2.419  1.00 14.77 ? 11  SER A C   1 
ATOM   85   O O   . SER A 1 11  ? 7.346   -15.287 -1.816  1.00 16.03 ? 11  SER A O   1 
ATOM   86   C CB  . SER A 1 11  ? 6.661   -12.226 -1.696  1.00 15.62 ? 11  SER A CB  1 
ATOM   87   O OG  . SER A 1 11  ? 7.894   -11.717 -1.216  1.00 18.25 ? 11  SER A OG  1 
ATOM   88   N N   . VAL A 1 12  ? 9.112   -14.206 -2.713  1.00 16.07 ? 12  VAL A N   1 
ATOM   89   C CA  . VAL A 1 12  ? 10.099  -15.226 -2.317  1.00 18.30 ? 12  VAL A CA  1 
ATOM   90   C C   . VAL A 1 12  ? 10.421  -15.102 -0.828  1.00 17.61 ? 12  VAL A C   1 
ATOM   91   O O   . VAL A 1 12  ? 10.905  -16.046 -0.209  1.00 20.56 ? 12  VAL A O   1 
ATOM   92   C CB  . VAL A 1 12  ? 11.469  -15.071 -3.065  1.00 21.26 ? 12  VAL A CB  1 
ATOM   93   C CG1 . VAL A 1 12  ? 11.273  -14.875 -4.504  1.00 25.80 ? 12  VAL A CG1 1 
ATOM   94   C CG2 . VAL A 1 12  ? 12.258  -13.891 -2.534  1.00 27.64 ? 12  VAL A CG2 1 
ATOM   95   N N   . ILE A 1 13  ? 10.200  -13.909 -0.281  1.00 19.77 ? 13  ILE A N   1 
ATOM   96   C CA  . ILE A 1 13  ? 10.487  -13.613 1.119   1.00 15.41 ? 13  ILE A CA  1 
ATOM   97   C C   . ILE A 1 13  ? 9.489   -14.252 2.086   1.00 17.62 ? 13  ILE A C   1 
ATOM   98   O O   . ILE A 1 13  ? 8.286   -14.265 1.824   1.00 17.21 ? 13  ILE A O   1 
ATOM   99   C CB  . ILE A 1 13  ? 10.467  -12.086 1.370   1.00 12.19 ? 13  ILE A CB  1 
ATOM   100  C CG1 . ILE A 1 13  ? 11.416  -11.364 0.406   1.00 11.39 ? 13  ILE A CG1 1 
ATOM   101  C CG2 . ILE A 1 13  ? 10.820  -11.781 2.820   1.00 6.95  ? 13  ILE A CG2 1 
ATOM   102  C CD1 . ILE A 1 13  ? 12.882  -11.665 0.621   1.00 15.08 ? 13  ILE A CD1 1 
ATOM   103  N N   . PRO A 1 14  ? 9.994   -14.862 3.176   1.00 15.19 ? 14  PRO A N   1 
ATOM   104  C CA  . PRO A 1 14  ? 9.130   -15.489 4.180   1.00 13.88 ? 14  PRO A CA  1 
ATOM   105  C C   . PRO A 1 14  ? 8.266   -14.421 4.862   1.00 16.07 ? 14  PRO A C   1 
ATOM   106  O O   . PRO A 1 14  ? 8.697   -13.269 5.027   1.00 12.39 ? 14  PRO A O   1 
ATOM   107  C CB  . PRO A 1 14  ? 10.127  -16.136 5.152   1.00 16.22 ? 14  PRO A CB  1 
ATOM   108  C CG  . PRO A 1 14  ? 11.460  -15.497 4.830   1.00 14.87 ? 14  PRO A CG  1 
ATOM   109  C CD  . PRO A 1 14  ? 11.394  -15.267 3.362   1.00 14.43 ? 14  PRO A CD  1 
ATOM   110  N N   . ALA A 1 15  ? 7.065   -14.826 5.274   1.00 16.22 ? 15  ALA A N   1 
ATOM   111  C CA  . ALA A 1 15  ? 6.065   -13.950 5.899   1.00 15.48 ? 15  ALA A CA  1 
ATOM   112  C C   . ALA A 1 15  ? 6.496   -12.988 6.991   1.00 14.50 ? 15  ALA A C   1 
ATOM   113  O O   . ALA A 1 15  ? 6.163   -11.808 6.929   1.00 18.06 ? 15  ALA A O   1 
ATOM   114  C CB  . ALA A 1 15  ? 4.875   -14.772 6.375   1.00 14.95 ? 15  ALA A CB  1 
ATOM   115  N N   . ALA A 1 16  ? 7.205   -13.483 7.998   1.00 15.56 ? 16  ALA A N   1 
ATOM   116  C CA  . ALA A 1 16  ? 7.644   -12.637 9.112   1.00 15.59 ? 16  ALA A CA  1 
ATOM   117  C C   . ALA A 1 16  ? 8.538   -11.473 8.699   1.00 14.73 ? 16  ALA A C   1 
ATOM   118  O O   . ALA A 1 16  ? 8.297   -10.327 9.091   1.00 14.40 ? 16  ALA A O   1 
ATOM   119  C CB  . ALA A 1 16  ? 8.341   -13.479 10.173  1.00 13.63 ? 16  ALA A CB  1 
ATOM   120  N N   . ARG A 1 17  ? 9.557   -11.776 7.897   1.00 14.96 ? 17  ARG A N   1 
ATOM   121  C CA  . ARG A 1 17  ? 10.509  -10.774 7.426   1.00 15.50 ? 17  ARG A CA  1 
ATOM   122  C C   . ARG A 1 17  ? 9.849   -9.768  6.485   1.00 14.72 ? 17  ARG A C   1 
ATOM   123  O O   . ARG A 1 17  ? 10.151  -8.576  6.521   1.00 13.45 ? 17  ARG A O   1 
ATOM   124  C CB  . ARG A 1 17  ? 11.677  -11.466 6.719   1.00 12.89 ? 17  ARG A CB  1 
ATOM   125  C CG  . ARG A 1 17  ? 12.791  -10.529 6.312   1.00 14.79 ? 17  ARG A CG  1 
ATOM   126  C CD  . ARG A 1 17  ? 13.972  -11.298 5.736   1.00 15.25 ? 17  ARG A CD  1 
ATOM   127  N NE  . ARG A 1 17  ? 15.097  -10.410 5.458   1.00 16.95 ? 17  ARG A NE  1 
ATOM   128  C CZ  . ARG A 1 17  ? 15.961  -10.574 4.461   1.00 12.63 ? 17  ARG A CZ  1 
ATOM   129  N NH1 . ARG A 1 17  ? 15.845  -11.601 3.632   1.00 9.28  ? 17  ARG A NH1 1 
ATOM   130  N NH2 . ARG A 1 17  ? 16.918  -9.680  4.269   1.00 13.44 ? 17  ARG A NH2 1 
ATOM   131  N N   . LEU A 1 18  ? 8.955   -10.260 5.635   1.00 18.71 ? 18  LEU A N   1 
ATOM   132  C CA  . LEU A 1 18  ? 8.254   -9.406  4.688   1.00 16.70 ? 18  LEU A CA  1 
ATOM   133  C C   . LEU A 1 18  ? 7.343   -8.448  5.433   1.00 15.13 ? 18  LEU A C   1 
ATOM   134  O O   . LEU A 1 18  ? 7.321   -7.261  5.135   1.00 15.02 ? 18  LEU A O   1 
ATOM   135  C CB  . LEU A 1 18  ? 7.431   -10.232 3.703   1.00 13.25 ? 18  LEU A CB  1 
ATOM   136  C CG  . LEU A 1 18  ? 6.891   -9.446  2.508   1.00 10.23 ? 18  LEU A CG  1 
ATOM   137  C CD1 . LEU A 1 18  ? 8.032   -8.721  1.806   1.00 7.80  ? 18  LEU A CD1 1 
ATOM   138  C CD2 . LEU A 1 18  ? 6.188   -10.394 1.550   1.00 13.54 ? 18  LEU A CD2 1 
ATOM   139  N N   . PHE A 1 19  ? 6.629   -8.961  6.430   1.00 13.36 ? 19  PHE A N   1 
ATOM   140  C CA  . PHE A 1 19  ? 5.718   -8.140  7.215   1.00 13.75 ? 19  PHE A CA  1 
ATOM   141  C C   . PHE A 1 19  ? 6.444   -6.976  7.886   1.00 15.87 ? 19  PHE A C   1 
ATOM   142  O O   . PHE A 1 19  ? 5.964   -5.842  7.873   1.00 14.23 ? 19  PHE A O   1 
ATOM   143  C CB  . PHE A 1 19  ? 4.991   -8.983  8.275   1.00 13.31 ? 19  PHE A CB  1 
ATOM   144  C CG  . PHE A 1 19  ? 3.933   -8.220  9.030   1.00 13.34 ? 19  PHE A CG  1 
ATOM   145  C CD1 . PHE A 1 19  ? 2.688   -7.975  8.449   1.00 17.18 ? 19  PHE A CD1 1 
ATOM   146  C CD2 . PHE A 1 19  ? 4.187   -7.720  10.305  1.00 15.09 ? 19  PHE A CD2 1 
ATOM   147  C CE1 . PHE A 1 19  ? 1.713   -7.237  9.129   1.00 15.79 ? 19  PHE A CE1 1 
ATOM   148  C CE2 . PHE A 1 19  ? 3.220   -6.981  10.993  1.00 14.20 ? 19  PHE A CE2 1 
ATOM   149  C CZ  . PHE A 1 19  ? 1.980   -6.739  10.403  1.00 14.23 ? 19  PHE A CZ  1 
ATOM   150  N N   . LYS A 1 20  ? 7.611   -7.261  8.453   1.00 16.69 ? 20  LYS A N   1 
ATOM   151  C CA  . LYS A 1 20  ? 8.409   -6.251  9.138   1.00 15.29 ? 20  LYS A CA  1 
ATOM   152  C C   . LYS A 1 20  ? 8.932   -5.159  8.212   1.00 15.11 ? 20  LYS A C   1 
ATOM   153  O O   . LYS A 1 20  ? 8.829   -3.977  8.527   1.00 17.36 ? 20  LYS A O   1 
ATOM   154  C CB  . LYS A 1 20  ? 9.570   -6.919  9.876   1.00 18.50 ? 20  LYS A CB  1 
ATOM   155  C CG  . LYS A 1 20  ? 9.106   -7.970  10.869  1.00 23.00 ? 20  LYS A CG  1 
ATOM   156  C CD  . LYS A 1 20  ? 10.259  -8.756  11.444  1.00 30.87 ? 20  LYS A CD  1 
ATOM   157  C CE  . LYS A 1 20  ? 11.169  -7.874  12.261  1.00 34.42 ? 20  LYS A CE  1 
ATOM   158  N NZ  . LYS A 1 20  ? 12.186  -8.678  12.992  1.00 41.10 ? 20  LYS A NZ  1 
ATOM   159  N N   . ALA A 1 21  ? 9.441   -5.548  7.048   1.00 13.36 ? 21  ALA A N   1 
ATOM   160  C CA  . ALA A 1 21  ? 9.994   -4.587  6.097   1.00 14.52 ? 21  ALA A CA  1 
ATOM   161  C C   . ALA A 1 21  ? 8.968   -3.859  5.225   1.00 14.88 ? 21  ALA A C   1 
ATOM   162  O O   . ALA A 1 21  ? 9.015   -2.635  5.092   1.00 17.18 ? 21  ALA A O   1 
ATOM   163  C CB  . ALA A 1 21  ? 11.042  -5.267  5.217   1.00 13.60 ? 21  ALA A CB  1 
ATOM   164  N N   . PHE A 1 22  ? 8.064   -4.620  4.618   1.00 13.47 ? 22  PHE A N   1 
ATOM   165  C CA  . PHE A 1 22  ? 7.041   -4.076  3.732   1.00 15.15 ? 22  PHE A CA  1 
ATOM   166  C C   . PHE A 1 22  ? 5.922   -3.327  4.455   1.00 16.27 ? 22  PHE A C   1 
ATOM   167  O O   . PHE A 1 22  ? 5.565   -2.222  4.064   1.00 18.85 ? 22  PHE A O   1 
ATOM   168  C CB  . PHE A 1 22  ? 6.456   -5.212  2.881   1.00 18.95 ? 22  PHE A CB  1 
ATOM   169  C CG  . PHE A 1 22  ? 5.551   -4.752  1.764   1.00 22.99 ? 22  PHE A CG  1 
ATOM   170  C CD1 . PHE A 1 22  ? 6.046   -3.972  0.722   1.00 19.46 ? 22  PHE A CD1 1 
ATOM   171  C CD2 . PHE A 1 22  ? 4.215   -5.140  1.732   1.00 21.31 ? 22  PHE A CD2 1 
ATOM   172  C CE1 . PHE A 1 22  ? 5.222   -3.594  -0.337  1.00 21.80 ? 22  PHE A CE1 1 
ATOM   173  C CE2 . PHE A 1 22  ? 3.385   -4.766  0.674   1.00 22.25 ? 22  PHE A CE2 1 
ATOM   174  C CZ  . PHE A 1 22  ? 3.894   -3.991  -0.360  1.00 19.83 ? 22  PHE A CZ  1 
ATOM   175  N N   . ILE A 1 23  ? 5.371   -3.938  5.501   1.00 16.10 ? 23  ILE A N   1 
ATOM   176  C CA  . ILE A 1 23  ? 4.281   -3.343  6.271   1.00 17.22 ? 23  ILE A CA  1 
ATOM   177  C C   . ILE A 1 23  ? 4.742   -2.412  7.393   1.00 19.13 ? 23  ILE A C   1 
ATOM   178  O O   . ILE A 1 23  ? 4.498   -1.211  7.341   1.00 22.31 ? 23  ILE A O   1 
ATOM   179  C CB  . ILE A 1 23  ? 3.354   -4.439  6.873   1.00 17.65 ? 23  ILE A CB  1 
ATOM   180  C CG1 . ILE A 1 23  ? 2.701   -5.255  5.751   1.00 19.28 ? 23  ILE A CG1 1 
ATOM   181  C CG2 . ILE A 1 23  ? 2.305   -3.823  7.795   1.00 18.70 ? 23  ILE A CG2 1 
ATOM   182  C CD1 . ILE A 1 23  ? 1.883   -4.436  4.788   1.00 18.99 ? 23  ILE A CD1 1 
ATOM   183  N N   . LEU A 1 24  ? 5.412   -2.967  8.400   1.00 18.45 ? 24  LEU A N   1 
ATOM   184  C CA  . LEU A 1 24  ? 5.868   -2.170  9.535   1.00 21.08 ? 24  LEU A CA  1 
ATOM   185  C C   . LEU A 1 24  ? 6.881   -1.085  9.186   1.00 24.05 ? 24  LEU A C   1 
ATOM   186  O O   . LEU A 1 24  ? 6.966   -0.077  9.887   1.00 30.58 ? 24  LEU A O   1 
ATOM   187  C CB  . LEU A 1 24  ? 6.434   -3.060  10.651  1.00 20.41 ? 24  LEU A CB  1 
ATOM   188  C CG  . LEU A 1 24  ? 5.515   -4.037  11.397  1.00 22.57 ? 24  LEU A CG  1 
ATOM   189  C CD1 . LEU A 1 24  ? 6.320   -4.770  12.467  1.00 23.31 ? 24  LEU A CD1 1 
ATOM   190  C CD2 . LEU A 1 24  ? 4.341   -3.303  12.029  1.00 23.11 ? 24  LEU A CD2 1 
ATOM   191  N N   . ASP A 1 25  ? 7.646   -1.276  8.115   1.00 21.21 ? 25  ASP A N   1 
ATOM   192  C CA  . ASP A 1 25  ? 8.641   -0.280  7.731   1.00 19.37 ? 25  ASP A CA  1 
ATOM   193  C C   . ASP A 1 25  ? 8.481   0.270   6.322   1.00 19.77 ? 25  ASP A C   1 
ATOM   194  O O   . ASP A 1 25  ? 9.365   0.978   5.825   1.00 19.06 ? 25  ASP A O   1 
ATOM   195  C CB  . ASP A 1 25  ? 10.065  -0.825  7.927   1.00 18.35 ? 25  ASP A CB  1 
ATOM   196  C CG  . ASP A 1 25  ? 10.782  -0.187  9.114   1.00 21.32 ? 25  ASP A CG  1 
ATOM   197  O OD1 . ASP A 1 25  ? 10.207  0.715   9.757   1.00 24.89 ? 25  ASP A OD1 1 
ATOM   198  O OD2 . ASP A 1 25  ? 11.929  -0.584  9.403   1.00 17.81 ? 25  ASP A OD2 1 
ATOM   199  N N   . GLY A 1 26  ? 7.344   -0.029  5.694   1.00 18.06 ? 26  GLY A N   1 
ATOM   200  C CA  . GLY A 1 26  ? 7.094   0.445   4.344   1.00 20.69 ? 26  GLY A CA  1 
ATOM   201  C C   . GLY A 1 26  ? 7.273   1.944   4.156   1.00 25.54 ? 26  GLY A C   1 
ATOM   202  O O   . GLY A 1 26  ? 7.906   2.382   3.198   1.00 24.35 ? 26  GLY A O   1 
ATOM   203  N N   . ASP A 1 27  ? 6.755   2.730   5.094   1.00 28.78 ? 27  ASP A N   1 
ATOM   204  C CA  . ASP A 1 27  ? 6.844   4.189   5.026   1.00 33.26 ? 27  ASP A CA  1 
ATOM   205  C C   . ASP A 1 27  ? 8.283   4.694   4.946   1.00 33.60 ? 27  ASP A C   1 
ATOM   206  O O   . ASP A 1 27  ? 8.591   5.629   4.209   1.00 35.13 ? 27  ASP A O   1 
ATOM   207  C CB  . ASP A 1 27  ? 6.159   4.811   6.244   1.00 39.67 ? 27  ASP A CB  1 
ATOM   208  C CG  . ASP A 1 27  ? 4.758   4.270   6.470   1.00 44.86 ? 27  ASP A CG  1 
ATOM   209  O OD1 . ASP A 1 27  ? 4.045   3.968   5.486   1.00 46.76 ? 27  ASP A OD1 1 
ATOM   210  O OD2 . ASP A 1 27  ? 4.371   4.145   7.649   1.00 54.52 ? 27  ASP A OD2 1 
ATOM   211  N N   . ASN A 1 28  ? 9.154   4.082   5.733   1.00 32.15 ? 28  ASN A N   1 
ATOM   212  C CA  . ASN A 1 28  ? 10.561  4.448   5.769   1.00 28.64 ? 28  ASN A CA  1 
ATOM   213  C C   . ASN A 1 28  ? 11.248  3.971   4.480   1.00 25.19 ? 28  ASN A C   1 
ATOM   214  O O   . ASN A 1 28  ? 11.979  4.724   3.841   1.00 22.98 ? 28  ASN A O   1 
ATOM   215  C CB  . ASN A 1 28  ? 11.186  3.808   7.019   1.00 32.70 ? 28  ASN A CB  1 
ATOM   216  C CG  . ASN A 1 28  ? 12.668  4.120   7.186   1.00 41.01 ? 28  ASN A CG  1 
ATOM   217  O OD1 . ASN A 1 28  ? 13.107  5.267   7.053   1.00 43.55 ? 28  ASN A OD1 1 
ATOM   218  N ND2 . ASN A 1 28  ? 13.439  3.094   7.534   1.00 39.53 ? 28  ASN A ND2 1 
ATOM   219  N N   . LEU A 1 29  ? 10.909  2.756   4.051   1.00 22.04 ? 29  LEU A N   1 
ATOM   220  C CA  . LEU A 1 29  ? 11.499  2.124   2.867   1.00 22.53 ? 29  LEU A CA  1 
ATOM   221  C C   . LEU A 1 29  ? 11.116  2.625   1.469   1.00 22.16 ? 29  LEU A C   1 
ATOM   222  O O   . LEU A 1 29  ? 11.991  2.887   0.642   1.00 19.97 ? 29  LEU A O   1 
ATOM   223  C CB  . LEU A 1 29  ? 11.260  0.605   2.930   1.00 22.89 ? 29  LEU A CB  1 
ATOM   224  C CG  . LEU A 1 29  ? 12.420  -0.351  3.236   1.00 20.64 ? 29  LEU A CG  1 
ATOM   225  C CD1 . LEU A 1 29  ? 13.214  0.104   4.433   1.00 18.79 ? 29  LEU A CD1 1 
ATOM   226  C CD2 . LEU A 1 29  ? 11.866  -1.740  3.469   1.00 22.83 ? 29  LEU A CD2 1 
ATOM   227  N N   . PHE A 1 30  ? 9.817   2.706   1.191   1.00 22.08 ? 30  PHE A N   1 
ATOM   228  C CA  . PHE A 1 30  ? 9.311   3.123   -0.121  1.00 23.65 ? 30  PHE A CA  1 
ATOM   229  C C   . PHE A 1 30  ? 10.024  4.287   -0.808  1.00 23.80 ? 30  PHE A C   1 
ATOM   230  O O   . PHE A 1 30  ? 10.482  4.139   -1.936  1.00 24.44 ? 30  PHE A O   1 
ATOM   231  C CB  . PHE A 1 30  ? 7.795   3.365   -0.075  1.00 22.43 ? 30  PHE A CB  1 
ATOM   232  C CG  . PHE A 1 30  ? 7.001   2.155   0.330   1.00 23.99 ? 30  PHE A CG  1 
ATOM   233  C CD1 . PHE A 1 30  ? 7.498   0.871   0.115   1.00 21.44 ? 30  PHE A CD1 1 
ATOM   234  C CD2 . PHE A 1 30  ? 5.766   2.296   0.951   1.00 24.28 ? 30  PHE A CD2 1 
ATOM   235  C CE1 . PHE A 1 30  ? 6.773   -0.251  0.511   1.00 26.30 ? 30  PHE A CE1 1 
ATOM   236  C CE2 . PHE A 1 30  ? 5.033   1.178   1.353   1.00 23.17 ? 30  PHE A CE2 1 
ATOM   237  C CZ  . PHE A 1 30  ? 5.538   -0.095  1.135   1.00 21.60 ? 30  PHE A CZ  1 
ATOM   238  N N   . PRO A 1 31  ? 10.167  5.441   -0.130  1.00 25.08 ? 31  PRO A N   1 
ATOM   239  C CA  . PRO A 1 31  ? 10.847  6.568   -0.776  1.00 26.16 ? 31  PRO A CA  1 
ATOM   240  C C   . PRO A 1 31  ? 12.299  6.263   -1.137  1.00 27.91 ? 31  PRO A C   1 
ATOM   241  O O   . PRO A 1 31  ? 12.861  6.879   -2.044  1.00 28.51 ? 31  PRO A O   1 
ATOM   242  C CB  . PRO A 1 31  ? 10.761  7.677   0.277   1.00 24.96 ? 31  PRO A CB  1 
ATOM   243  C CG  . PRO A 1 31  ? 9.544   7.323   1.057   1.00 27.31 ? 31  PRO A CG  1 
ATOM   244  C CD  . PRO A 1 31  ? 9.686   5.830   1.206   1.00 26.08 ? 31  PRO A CD  1 
ATOM   245  N N   . LYS A 1 32  ? 12.903  5.313   -0.428  1.00 27.60 ? 32  LYS A N   1 
ATOM   246  C CA  . LYS A 1 32  ? 14.290  4.948   -0.683  1.00 24.67 ? 32  LYS A CA  1 
ATOM   247  C C   . LYS A 1 32  ? 14.447  3.899   -1.782  1.00 24.12 ? 32  LYS A C   1 
ATOM   248  O O   . LYS A 1 32  ? 15.227  4.088   -2.719  1.00 24.30 ? 32  LYS A O   1 
ATOM   249  C CB  . LYS A 1 32  ? 14.959  4.454   0.604   1.00 26.51 ? 32  LYS A CB  1 
ATOM   250  C CG  . LYS A 1 32  ? 15.013  5.482   1.743   1.00 32.50 ? 32  LYS A CG  1 
ATOM   251  C CD  . LYS A 1 32  ? 15.896  4.989   2.901   1.00 35.87 ? 32  LYS A CD  1 
ATOM   252  C CE  . LYS A 1 32  ? 16.085  6.045   3.995   1.00 31.97 ? 32  LYS A CE  1 
ATOM   253  N NZ  . LYS A 1 32  ? 14.883  6.209   4.858   1.00 32.38 ? 32  LYS A NZ  1 
ATOM   254  N N   . VAL A 1 33  ? 13.679  2.813   -1.686  1.00 24.67 ? 33  VAL A N   1 
ATOM   255  C CA  . VAL A 1 33  ? 13.763  1.714   -2.650  1.00 23.51 ? 33  VAL A CA  1 
ATOM   256  C C   . VAL A 1 33  ? 12.953  1.861   -3.940  1.00 24.50 ? 33  VAL A C   1 
ATOM   257  O O   . VAL A 1 33  ? 13.249  1.192   -4.937  1.00 24.50 ? 33  VAL A O   1 
ATOM   258  C CB  . VAL A 1 33  ? 13.450  0.342   -1.983  1.00 22.17 ? 33  VAL A CB  1 
ATOM   259  C CG1 . VAL A 1 33  ? 14.417  0.090   -0.841  1.00 18.63 ? 33  VAL A CG1 1 
ATOM   260  C CG2 . VAL A 1 33  ? 12.008  0.294   -1.485  1.00 23.10 ? 33  VAL A CG2 1 
ATOM   261  N N   . ALA A 1 34  ? 11.941  2.729   -3.926  1.00 22.22 ? 34  ALA A N   1 
ATOM   262  C CA  . ALA A 1 34  ? 11.104  2.957   -5.109  1.00 22.51 ? 34  ALA A CA  1 
ATOM   263  C C   . ALA A 1 34  ? 10.817  4.452   -5.282  1.00 23.72 ? 34  ALA A C   1 
ATOM   264  O O   . ALA A 1 34  ? 9.666   4.891   -5.227  1.00 20.29 ? 34  ALA A O   1 
ATOM   265  C CB  . ALA A 1 34  ? 9.805   2.169   -4.999  1.00 20.19 ? 34  ALA A CB  1 
ATOM   266  N N   . PRO A 1 35  ? 11.870  5.251   -5.534  1.00 25.04 ? 35  PRO A N   1 
ATOM   267  C CA  . PRO A 1 35  ? 11.774  6.703   -5.717  1.00 23.90 ? 35  PRO A CA  1 
ATOM   268  C C   . PRO A 1 35  ? 10.929  7.133   -6.910  1.00 25.18 ? 35  PRO A C   1 
ATOM   269  O O   . PRO A 1 35  ? 10.400  8.243   -6.938  1.00 25.94 ? 35  PRO A O   1 
ATOM   270  C CB  . PRO A 1 35  ? 13.234  7.120   -5.887  1.00 24.48 ? 35  PRO A CB  1 
ATOM   271  C CG  . PRO A 1 35  ? 13.853  5.920   -6.535  1.00 28.26 ? 35  PRO A CG  1 
ATOM   272  C CD  . PRO A 1 35  ? 13.255  4.791   -5.741  1.00 24.38 ? 35  PRO A CD  1 
ATOM   273  N N   . GLN A 1 36  ? 10.812  6.249   -7.891  1.00 24.34 ? 36  GLN A N   1 
ATOM   274  C CA  . GLN A 1 36  ? 10.028  6.531   -9.084  1.00 27.11 ? 36  GLN A CA  1 
ATOM   275  C C   . GLN A 1 36  ? 8.529   6.354   -8.824  1.00 28.05 ? 36  GLN A C   1 
ATOM   276  O O   . GLN A 1 36  ? 7.705   6.646   -9.690  1.00 29.23 ? 36  GLN A O   1 
ATOM   277  C CB  . GLN A 1 36  ? 10.469  5.627   -10.245 1.00 28.62 ? 36  GLN A CB  1 
ATOM   278  C CG  . GLN A 1 36  ? 10.102  4.146   -10.097 1.00 29.63 ? 36  GLN A CG  1 
ATOM   279  C CD  . GLN A 1 36  ? 10.956  3.399   -9.082  1.00 31.09 ? 36  GLN A CD  1 
ATOM   280  O OE1 . GLN A 1 36  ? 11.927  3.931   -8.543  1.00 30.92 ? 36  GLN A OE1 1 
ATOM   281  N NE2 . GLN A 1 36  ? 10.609  2.145   -8.839  1.00 29.29 ? 36  GLN A NE2 1 
ATOM   282  N N   . ALA A 1 37  ? 8.185   5.885   -7.625  1.00 27.13 ? 37  ALA A N   1 
ATOM   283  C CA  . ALA A 1 37  ? 6.791   5.661   -7.250  1.00 24.54 ? 37  ALA A CA  1 
ATOM   284  C C   . ALA A 1 37  ? 6.370   6.513   -6.056  1.00 21.41 ? 37  ALA A C   1 
ATOM   285  O O   . ALA A 1 37  ? 5.300   7.115   -6.061  1.00 23.56 ? 37  ALA A O   1 
ATOM   286  C CB  . ALA A 1 37  ? 6.563   4.182   -6.950  1.00 24.45 ? 37  ALA A CB  1 
ATOM   287  N N   . ILE A 1 38  ? 7.210   6.546   -5.030  1.00 20.68 ? 38  ILE A N   1 
ATOM   288  C CA  . ILE A 1 38  ? 6.930   7.311   -3.826  1.00 21.06 ? 38  ILE A CA  1 
ATOM   289  C C   . ILE A 1 38  ? 8.080   8.283   -3.616  1.00 21.32 ? 38  ILE A C   1 
ATOM   290  O O   . ILE A 1 38  ? 9.235   7.870   -3.551  1.00 23.28 ? 38  ILE A O   1 
ATOM   291  C CB  . ILE A 1 38  ? 6.837   6.383   -2.590  1.00 21.36 ? 38  ILE A CB  1 
ATOM   292  C CG1 . ILE A 1 38  ? 5.806   5.277   -2.819  1.00 22.06 ? 38  ILE A CG1 1 
ATOM   293  C CG2 . ILE A 1 38  ? 6.465   7.184   -1.357  1.00 20.80 ? 38  ILE A CG2 1 
ATOM   294  C CD1 . ILE A 1 38  ? 4.394   5.771   -2.967  1.00 25.57 ? 38  ILE A CD1 1 
ATOM   295  N N   . SER A 1 39  ? 7.774   9.574   -3.531  1.00 22.27 ? 39  SER A N   1 
ATOM   296  C CA  . SER A 1 39  ? 8.815   10.578  -3.329  1.00 22.21 ? 39  SER A CA  1 
ATOM   297  C C   . SER A 1 39  ? 9.049   10.823  -1.856  1.00 21.50 ? 39  SER A C   1 
ATOM   298  O O   . SER A 1 39  ? 10.184  11.023  -1.430  1.00 24.28 ? 39  SER A O   1 
ATOM   299  C CB  . SER A 1 39  ? 8.470   11.891  -4.031  1.00 24.17 ? 39  SER A CB  1 
ATOM   300  O OG  . SER A 1 39  ? 7.213   12.387  -3.606  1.00 32.45 ? 39  SER A OG  1 
ATOM   301  N N   . SER A 1 40  ? 7.971   10.811  -1.078  1.00 20.81 ? 40  SER A N   1 
ATOM   302  C CA  . SER A 1 40  ? 8.076   11.025  0.359   1.00 19.40 ? 40  SER A CA  1 
ATOM   303  C C   . SER A 1 40  ? 6.842   10.555  1.098   1.00 18.50 ? 40  SER A C   1 
ATOM   304  O O   . SER A 1 40  ? 5.752   10.506  0.541   1.00 14.34 ? 40  SER A O   1 
ATOM   305  C CB  . SER A 1 40  ? 8.281   12.507  0.674   1.00 23.99 ? 40  SER A CB  1 
ATOM   306  O OG  . SER A 1 40  ? 7.062   13.224  0.561   1.00 24.60 ? 40  SER A OG  1 
ATOM   307  N N   . VAL A 1 41  ? 7.039   10.186  2.356   1.00 18.17 ? 41  VAL A N   1 
ATOM   308  C CA  . VAL A 1 41  ? 5.953   9.763   3.221   1.00 20.67 ? 41  VAL A CA  1 
ATOM   309  C C   . VAL A 1 41  ? 6.140   10.635  4.444   1.00 25.00 ? 41  VAL A C   1 
ATOM   310  O O   . VAL A 1 41  ? 7.211   10.660  5.052   1.00 27.09 ? 41  VAL A O   1 
ATOM   311  C CB  . VAL A 1 41  ? 6.042   8.278   3.608   1.00 21.77 ? 41  VAL A CB  1 
ATOM   312  C CG1 . VAL A 1 41  ? 4.933   7.935   4.596   1.00 18.22 ? 41  VAL A CG1 1 
ATOM   313  C CG2 . VAL A 1 41  ? 5.919   7.402   2.365   1.00 17.69 ? 41  VAL A CG2 1 
ATOM   314  N N   . GLU A 1 42  ? 5.089   11.359  4.785   1.00 25.48 ? 42  GLU A N   1 
ATOM   315  C CA  . GLU A 1 42  ? 5.103   12.290  5.892   1.00 23.98 ? 42  GLU A CA  1 
ATOM   316  C C   . GLU A 1 42  ? 4.093   11.848  6.943   1.00 24.60 ? 42  GLU A C   1 
ATOM   317  O O   . GLU A 1 42  ? 2.969   11.477  6.621   1.00 26.43 ? 42  GLU A O   1 
ATOM   318  C CB  . GLU A 1 42  ? 4.728   13.660  5.326   1.00 28.56 ? 42  GLU A CB  1 
ATOM   319  C CG  . GLU A 1 42  ? 4.881   14.843  6.240   1.00 28.10 ? 42  GLU A CG  1 
ATOM   320  C CD  . GLU A 1 42  ? 4.459   16.132  5.560   1.00 28.43 ? 42  GLU A CD  1 
ATOM   321  O OE1 . GLU A 1 42  ? 5.109   16.529  4.571   1.00 29.46 ? 42  GLU A OE1 1 
ATOM   322  O OE2 . GLU A 1 42  ? 3.477   16.753  6.015   1.00 31.96 ? 42  GLU A OE2 1 
ATOM   323  N N   . ASN A 1 43  ? 4.497   11.852  8.201   1.00 25.28 ? 43  ASN A N   1 
ATOM   324  C CA  . ASN A 1 43  ? 3.584   11.461  9.257   1.00 26.62 ? 43  ASN A CA  1 
ATOM   325  C C   . ASN A 1 43  ? 2.832   12.701  9.674   1.00 24.31 ? 43  ASN A C   1 
ATOM   326  O O   . ASN A 1 43  ? 3.437   13.726  9.969   1.00 27.04 ? 43  ASN A O   1 
ATOM   327  C CB  . ASN A 1 43  ? 4.344   10.910  10.453  1.00 31.09 ? 43  ASN A CB  1 
ATOM   328  C CG  . ASN A 1 43  ? 3.435   10.248  11.454  1.00 37.85 ? 43  ASN A CG  1 
ATOM   329  O OD1 . ASN A 1 43  ? 3.063   9.081   11.289  1.00 36.58 ? 43  ASN A OD1 1 
ATOM   330  N ND2 . ASN A 1 43  ? 3.069   10.985  12.504  1.00 41.11 ? 43  ASN A ND2 1 
ATOM   331  N N   . ILE A 1 44  ? 1.511   12.615  9.674   1.00 24.68 ? 44  ILE A N   1 
ATOM   332  C CA  . ILE A 1 44  ? 0.682   13.747  10.059  1.00 26.64 ? 44  ILE A CA  1 
ATOM   333  C C   . ILE A 1 44  ? 0.171   13.621  11.497  1.00 27.88 ? 44  ILE A C   1 
ATOM   334  O O   . ILE A 1 44  ? 0.094   14.615  12.221  1.00 30.10 ? 44  ILE A O   1 
ATOM   335  C CB  . ILE A 1 44  ? -0.496  13.925  9.075   1.00 25.89 ? 44  ILE A CB  1 
ATOM   336  C CG1 . ILE A 1 44  ? 0.042   14.328  7.705   1.00 27.18 ? 44  ILE A CG1 1 
ATOM   337  C CG2 . ILE A 1 44  ? -1.484  14.964  9.581   1.00 28.52 ? 44  ILE A CG2 1 
ATOM   338  C CD1 . ILE A 1 44  ? -1.039  14.699  6.721   1.00 34.60 ? 44  ILE A CD1 1 
ATOM   339  N N   . GLU A 1 45  ? -0.132  12.398  11.920  1.00 28.17 ? 45  GLU A N   1 
ATOM   340  C CA  . GLU A 1 45  ? -0.633  12.157  13.273  1.00 27.52 ? 45  GLU A CA  1 
ATOM   341  C C   . GLU A 1 45  ? -0.445  10.703  13.683  1.00 25.61 ? 45  GLU A C   1 
ATOM   342  O O   . GLU A 1 45  ? -0.616  9.799   12.867  1.00 22.24 ? 45  GLU A O   1 
ATOM   343  C CB  . GLU A 1 45  ? -2.121  12.501  13.347  1.00 32.22 ? 45  GLU A CB  1 
ATOM   344  C CG  . GLU A 1 45  ? -2.750  12.229  14.704  1.00 42.32 ? 45  GLU A CG  1 
ATOM   345  C CD  . GLU A 1 45  ? -4.257  12.099  14.631  1.00 47.44 ? 45  GLU A CD  1 
ATOM   346  O OE1 . GLU A 1 45  ? -4.893  12.914  13.929  1.00 51.75 ? 45  GLU A OE1 1 
ATOM   347  O OE2 . GLU A 1 45  ? -4.804  11.174  15.271  1.00 50.43 ? 45  GLU A OE2 1 
ATOM   348  N N   . GLY A 1 46  ? -0.118  10.485  14.954  1.00 21.99 ? 46  GLY A N   1 
ATOM   349  C CA  . GLY A 1 46  ? 0.070   9.131   15.448  1.00 23.37 ? 46  GLY A CA  1 
ATOM   350  C C   . GLY A 1 46  ? 1.511   8.650   15.488  1.00 25.36 ? 46  GLY A C   1 
ATOM   351  O O   . GLY A 1 46  ? 2.423   9.340   15.020  1.00 24.61 ? 46  GLY A O   1 
ATOM   352  N N   . ASN A 1 47  ? 1.703   7.445   16.030  1.00 28.07 ? 47  ASN A N   1 
ATOM   353  C CA  . ASN A 1 47  ? 3.023   6.823   16.172  1.00 30.71 ? 47  ASN A CA  1 
ATOM   354  C C   . ASN A 1 47  ? 3.329   5.781   15.099  1.00 31.59 ? 47  ASN A C   1 
ATOM   355  O O   . ASN A 1 47  ? 4.481   5.366   14.929  1.00 33.88 ? 47  ASN A O   1 
ATOM   356  C CB  . ASN A 1 47  ? 3.135   6.134   17.540  1.00 33.60 ? 47  ASN A CB  1 
ATOM   357  C CG  . ASN A 1 47  ? 2.981   7.094   18.702  1.00 36.06 ? 47  ASN A CG  1 
ATOM   358  O OD1 . ASN A 1 47  ? 3.524   8.198   18.691  1.00 39.65 ? 47  ASN A OD1 1 
ATOM   359  N ND2 . ASN A 1 47  ? 2.254   6.666   19.724  1.00 36.30 ? 47  ASN A ND2 1 
ATOM   360  N N   . GLY A 1 48  ? 2.288   5.326   14.414  1.00 28.07 ? 48  GLY A N   1 
ATOM   361  C CA  . GLY A 1 48  ? 2.459   4.316   13.391  1.00 23.62 ? 48  GLY A CA  1 
ATOM   362  C C   . GLY A 1 48  ? 1.388   3.253   13.531  1.00 24.69 ? 48  GLY A C   1 
ATOM   363  O O   . GLY A 1 48  ? 1.175   2.462   12.611  1.00 26.30 ? 48  GLY A O   1 
ATOM   364  N N   . GLY A 1 49  ? 0.717   3.229   14.684  1.00 21.23 ? 49  GLY A N   1 
ATOM   365  C CA  . GLY A 1 49  ? -0.339  2.260   14.914  1.00 21.05 ? 49  GLY A CA  1 
ATOM   366  C C   . GLY A 1 49  ? -1.708  2.778   14.502  1.00 21.73 ? 49  GLY A C   1 
ATOM   367  O O   . GLY A 1 49  ? -1.816  3.844   13.894  1.00 18.82 ? 49  GLY A O   1 
ATOM   368  N N   . PRO A 1 50  ? -2.782  2.036   14.809  1.00 23.65 ? 50  PRO A N   1 
ATOM   369  C CA  . PRO A 1 50  ? -4.145  2.451   14.455  1.00 23.83 ? 50  PRO A CA  1 
ATOM   370  C C   . PRO A 1 50  ? -4.430  3.913   14.803  1.00 22.85 ? 50  PRO A C   1 
ATOM   371  O O   . PRO A 1 50  ? -4.018  4.403   15.856  1.00 24.02 ? 50  PRO A O   1 
ATOM   372  C CB  . PRO A 1 50  ? -5.005  1.484   15.263  1.00 26.63 ? 50  PRO A CB  1 
ATOM   373  C CG  . PRO A 1 50  ? -4.188  0.209   15.208  1.00 26.41 ? 50  PRO A CG  1 
ATOM   374  C CD  . PRO A 1 50  ? -2.775  0.708   15.453  1.00 24.86 ? 50  PRO A CD  1 
ATOM   375  N N   . GLY A 1 51  ? -5.099  4.612   13.888  1.00 21.46 ? 51  GLY A N   1 
ATOM   376  C CA  . GLY A 1 51  ? -5.417  6.016   14.093  1.00 23.65 ? 51  GLY A CA  1 
ATOM   377  C C   . GLY A 1 51  ? -4.416  6.968   13.453  1.00 22.77 ? 51  GLY A C   1 
ATOM   378  O O   . GLY A 1 51  ? -4.669  8.169   13.352  1.00 26.24 ? 51  GLY A O   1 
ATOM   379  N N   . THR A 1 52  ? -3.283  6.430   13.012  1.00 20.29 ? 52  THR A N   1 
ATOM   380  C CA  . THR A 1 52  ? -2.229  7.216   12.383  1.00 18.42 ? 52  THR A CA  1 
ATOM   381  C C   . THR A 1 52  ? -2.604  7.702   10.980  1.00 18.69 ? 52  THR A C   1 
ATOM   382  O O   . THR A 1 52  ? -3.165  6.949   10.190  1.00 12.76 ? 52  THR A O   1 
ATOM   383  C CB  . THR A 1 52  ? -0.927  6.384   12.288  1.00 18.12 ? 52  THR A CB  1 
ATOM   384  O OG1 . THR A 1 52  ? -0.460  6.083   13.605  1.00 14.56 ? 52  THR A OG1 1 
ATOM   385  C CG2 . THR A 1 52  ? 0.161   7.137   11.522  1.00 15.46 ? 52  THR A CG2 1 
ATOM   386  N N   . ILE A 1 53  ? -2.282  8.962   10.678  1.00 19.81 ? 53  ILE A N   1 
ATOM   387  C CA  . ILE A 1 53  ? -2.561  9.534   9.359   1.00 19.49 ? 53  ILE A CA  1 
ATOM   388  C C   . ILE A 1 53  ? -1.228  9.890   8.711   1.00 19.08 ? 53  ILE A C   1 
ATOM   389  O O   . ILE A 1 53  ? -0.383  10.528  9.339   1.00 18.35 ? 53  ILE A O   1 
ATOM   390  C CB  . ILE A 1 53  ? -3.396  10.836  9.439   1.00 20.29 ? 53  ILE A CB  1 
ATOM   391  C CG1 . ILE A 1 53  ? -4.611  10.652  10.357  1.00 22.26 ? 53  ILE A CG1 1 
ATOM   392  C CG2 . ILE A 1 53  ? -3.827  11.276  8.030   1.00 18.97 ? 53  ILE A CG2 1 
ATOM   393  C CD1 . ILE A 1 53  ? -5.621  9.650   9.868   1.00 24.60 ? 53  ILE A CD1 1 
ATOM   394  N N   . LYS A 1 54  ? -1.044  9.482   7.459   1.00 17.94 ? 54  LYS A N   1 
ATOM   395  C CA  . LYS A 1 54  ? 0.190   9.764   6.735   1.00 17.79 ? 54  LYS A CA  1 
ATOM   396  C C   . LYS A 1 54  ? -0.088  10.389  5.374   1.00 18.89 ? 54  LYS A C   1 
ATOM   397  O O   . LYS A 1 54  ? -1.075  10.065  4.710   1.00 22.24 ? 54  LYS A O   1 
ATOM   398  C CB  . LYS A 1 54  ? 1.005   8.488   6.531   1.00 16.23 ? 54  LYS A CB  1 
ATOM   399  C CG  . LYS A 1 54  ? 1.076   7.597   7.746   1.00 25.03 ? 54  LYS A CG  1 
ATOM   400  C CD  . LYS A 1 54  ? 2.224   6.624   7.647   1.00 29.78 ? 54  LYS A CD  1 
ATOM   401  C CE  . LYS A 1 54  ? 3.559   7.357   7.725   1.00 36.65 ? 54  LYS A CE  1 
ATOM   402  N NZ  . LYS A 1 54  ? 3.801   8.013   9.048   1.00 36.00 ? 54  LYS A NZ  1 
ATOM   403  N N   . LYS A 1 55  ? 0.782   11.306  4.977   1.00 19.94 ? 55  LYS A N   1 
ATOM   404  C CA  . LYS A 1 55  ? 0.678   11.972  3.688   1.00 20.87 ? 55  LYS A CA  1 
ATOM   405  C C   . LYS A 1 55  ? 1.739   11.361  2.785   1.00 19.27 ? 55  LYS A C   1 
ATOM   406  O O   . LYS A 1 55  ? 2.930   11.412  3.095   1.00 17.44 ? 55  LYS A O   1 
ATOM   407  C CB  . LYS A 1 55  ? 0.913   13.477  3.847   1.00 21.28 ? 55  LYS A CB  1 
ATOM   408  C CG  . LYS A 1 55  ? 0.774   14.301  2.567   1.00 28.23 ? 55  LYS A CG  1 
ATOM   409  C CD  . LYS A 1 55  ? 0.785   15.790  2.898   1.00 35.49 ? 55  LYS A CD  1 
ATOM   410  C CE  . LYS A 1 55  ? 0.665   16.676  1.664   1.00 41.85 ? 55  LYS A CE  1 
ATOM   411  N NZ  . LYS A 1 55  ? 1.909   16.666  0.847   1.00 50.81 ? 55  LYS A NZ  1 
ATOM   412  N N   . ILE A 1 56  ? 1.289   10.695  1.729   1.00 17.62 ? 56  ILE A N   1 
ATOM   413  C CA  . ILE A 1 56  ? 2.184   10.075  0.764   1.00 19.17 ? 56  ILE A CA  1 
ATOM   414  C C   . ILE A 1 56  ? 2.244   10.972  -0.463  1.00 20.62 ? 56  ILE A C   1 
ATOM   415  O O   . ILE A 1 56  ? 1.216   11.259  -1.072  1.00 24.45 ? 56  ILE A O   1 
ATOM   416  C CB  . ILE A 1 56  ? 1.671   8.696   0.296   1.00 20.27 ? 56  ILE A CB  1 
ATOM   417  C CG1 . ILE A 1 56  ? 1.570   7.722   1.468   1.00 22.33 ? 56  ILE A CG1 1 
ATOM   418  C CG2 . ILE A 1 56  ? 2.576   8.138   -0.790  1.00 20.13 ? 56  ILE A CG2 1 
ATOM   419  C CD1 . ILE A 1 56  ? 0.312   7.872   2.275   1.00 28.46 ? 56  ILE A CD1 1 
ATOM   420  N N   . SER A 1 57  ? 3.437   11.435  -0.810  1.00 20.47 ? 57  SER A N   1 
ATOM   421  C CA  . SER A 1 57  ? 3.602   12.273  -1.988  1.00 20.64 ? 57  SER A CA  1 
ATOM   422  C C   . SER A 1 57  ? 4.209   11.470  -3.121  1.00 19.80 ? 57  SER A C   1 
ATOM   423  O O   . SER A 1 57  ? 5.035   10.586  -2.904  1.00 21.59 ? 57  SER A O   1 
ATOM   424  C CB  . SER A 1 57  ? 4.465   13.492  -1.685  1.00 19.68 ? 57  SER A CB  1 
ATOM   425  O OG  . SER A 1 57  ? 3.813   14.325  -0.752  1.00 20.92 ? 57  SER A OG  1 
ATOM   426  N N   . PHE A 1 58  ? 3.793   11.796  -4.336  1.00 20.92 ? 58  PHE A N   1 
ATOM   427  C CA  . PHE A 1 58  ? 4.265   11.112  -5.528  1.00 24.50 ? 58  PHE A CA  1 
ATOM   428  C C   . PHE A 1 58  ? 5.189   12.028  -6.330  1.00 26.06 ? 58  PHE A C   1 
ATOM   429  O O   . PHE A 1 58  ? 4.945   13.232  -6.426  1.00 29.08 ? 58  PHE A O   1 
ATOM   430  C CB  . PHE A 1 58  ? 3.061   10.680  -6.364  1.00 24.07 ? 58  PHE A CB  1 
ATOM   431  C CG  . PHE A 1 58  ? 2.039   9.881   -5.590  1.00 27.32 ? 58  PHE A CG  1 
ATOM   432  C CD1 . PHE A 1 58  ? 2.263   8.547   -5.277  1.00 25.96 ? 58  PHE A CD1 1 
ATOM   433  C CD2 . PHE A 1 58  ? 0.843   10.464  -5.191  1.00 30.14 ? 58  PHE A CD2 1 
ATOM   434  C CE1 . PHE A 1 58  ? 1.312   7.801   -4.585  1.00 25.98 ? 58  PHE A CE1 1 
ATOM   435  C CE2 . PHE A 1 58  ? -0.120  9.724   -4.494  1.00 28.24 ? 58  PHE A CE2 1 
ATOM   436  C CZ  . PHE A 1 58  ? 0.120   8.388   -4.192  1.00 24.09 ? 58  PHE A CZ  1 
ATOM   437  N N   . PRO A 1 59  ? 6.273   11.474  -6.904  1.00 26.92 ? 59  PRO A N   1 
ATOM   438  C CA  . PRO A 1 59  ? 7.217   12.276  -7.690  1.00 29.90 ? 59  PRO A CA  1 
ATOM   439  C C   . PRO A 1 59  ? 6.572   12.979  -8.895  1.00 34.98 ? 59  PRO A C   1 
ATOM   440  O O   . PRO A 1 59  ? 5.587   12.485  -9.453  1.00 31.85 ? 59  PRO A O   1 
ATOM   441  C CB  . PRO A 1 59  ? 8.283   11.258  -8.103  1.00 24.94 ? 59  PRO A CB  1 
ATOM   442  C CG  . PRO A 1 59  ? 7.571   9.954   -8.070  1.00 21.87 ? 59  PRO A CG  1 
ATOM   443  C CD  . PRO A 1 59  ? 6.681   10.059  -6.873  1.00 24.87 ? 59  PRO A CD  1 
ATOM   444  N N   A GLU A 1 60  ? 7.011   14.217  -9.112  0.45 36.51 ? 60  GLU A N   1 
ATOM   445  N N   B GLU A 1 60  ? 7.247   14.021  -9.385  0.38 39.25 ? 60  GLU A N   1 
ATOM   446  C CA  A GLU A 1 60  ? 6.534   15.111  -10.175 0.45 39.79 ? 60  GLU A CA  1 
ATOM   447  C CA  B GLU A 1 60  ? 6.798   14.812  -10.539 0.38 44.12 ? 60  GLU A CA  1 
ATOM   448  C C   A GLU A 1 60  ? 5.666   14.544  -11.303 0.45 39.42 ? 60  GLU A C   1 
ATOM   449  C C   B GLU A 1 60  ? 6.416   13.922  -11.725 0.38 44.62 ? 60  GLU A C   1 
ATOM   450  O O   A GLU A 1 60  ? 4.574   15.054  -11.558 0.45 39.25 ? 60  GLU A O   1 
ATOM   451  O O   B GLU A 1 60  ? 6.921   12.801  -11.856 0.38 44.35 ? 60  GLU A O   1 
ATOM   452  C CB  A GLU A 1 60  ? 7.707   15.902  -10.771 0.45 42.98 ? 60  GLU A CB  1 
ATOM   453  C CB  B GLU A 1 60  ? 7.871   15.827  -10.962 0.38 47.84 ? 60  GLU A CB  1 
ATOM   454  C CG  A GLU A 1 60  ? 8.861   15.059  -11.331 0.45 49.67 ? 60  GLU A CG  1 
ATOM   455  C CG  B GLU A 1 60  ? 9.190   15.232  -11.459 0.38 54.88 ? 60  GLU A CG  1 
ATOM   456  C CD  A GLU A 1 60  ? 9.699   14.377  -10.253 0.45 53.90 ? 60  GLU A CD  1 
ATOM   457  C CD  B GLU A 1 60  ? 10.004  14.566  -10.362 0.38 58.93 ? 60  GLU A CD  1 
ATOM   458  O OE1 A GLU A 1 60  ? 9.903   14.976  -9.172  0.45 56.56 ? 60  GLU A OE1 1 
ATOM   459  O OE1 B GLU A 1 60  ? 10.303  15.238  -9.349  0.38 61.65 ? 60  GLU A OE1 1 
ATOM   460  O OE2 A GLU A 1 60  ? 10.157  13.238  -10.495 0.45 54.92 ? 60  GLU A OE2 1 
ATOM   461  O OE2 B GLU A 1 60  ? 10.340  13.371  -10.514 0.38 60.14 ? 60  GLU A OE2 1 
ATOM   462  N N   A GLY A 1 61  ? 6.148   13.487  -11.953 0.45 40.09 ? 61  GLY A N   1 
ATOM   463  N N   B GLY A 1 61  ? 5.582   14.449  -12.622 0.38 45.62 ? 61  GLY A N   1 
ATOM   464  C CA  A GLY A 1 61  ? 5.423   12.884  -13.060 0.45 40.09 ? 61  GLY A CA  1 
ATOM   465  C CA  B GLY A 1 61  ? 5.109   13.654  -13.740 0.38 45.75 ? 61  GLY A CA  1 
ATOM   466  C C   A GLY A 1 61  ? 4.134   12.122  -12.793 0.45 40.39 ? 61  GLY A C   1 
ATOM   467  C C   B GLY A 1 61  ? 4.238   12.651  -13.014 0.38 45.62 ? 61  GLY A C   1 
ATOM   468  O O   A GLY A 1 61  ? 3.204   12.206  -13.600 0.45 40.18 ? 61  GLY A O   1 
ATOM   469  O O   B GLY A 1 61  ? 4.384   11.434  -13.159 0.38 46.98 ? 61  GLY A O   1 
ATOM   470  N N   A LEU A 1 62  ? 4.069   11.372  -11.696 0.45 39.28 ? 62  LEU A N   1 
ATOM   471  N N   B LEU A 1 62  ? 3.344   13.203  -12.206 0.38 44.06 ? 62  LEU A N   1 
ATOM   472  C CA  A LEU A 1 62  ? 2.874   10.583  -11.381 0.45 37.85 ? 62  LEU A CA  1 
ATOM   473  C CA  B LEU A 1 62  ? 2.466   12.432  -11.346 0.38 42.39 ? 62  LEU A CA  1 
ATOM   474  C C   A LEU A 1 62  ? 1.578   11.401  -11.414 0.45 37.10 ? 62  LEU A C   1 
ATOM   475  C C   B LEU A 1 62  ? 0.993   12.437  -11.687 0.38 42.39 ? 62  LEU A C   1 
ATOM   476  O O   A LEU A 1 62  ? 1.557   12.561  -10.990 0.45 37.72 ? 62  LEU A O   1 
ATOM   477  O O   B LEU A 1 62  ? 0.432   13.472  -12.062 0.38 43.82 ? 62  LEU A O   1 
ATOM   478  C CB  A LEU A 1 62  ? 3.022   9.897   -10.023 0.45 37.48 ? 62  LEU A CB  1 
ATOM   479  C CB  B LEU A 1 62  ? 2.635   12.925  -9.901  0.38 38.16 ? 62  LEU A CB  1 
ATOM   480  C CG  A LEU A 1 62  ? 2.219   8.598   -9.943  0.45 39.50 ? 62  LEU A CG  1 
ATOM   481  C CG  B LEU A 1 62  ? 2.720   14.449  -9.703  0.38 34.55 ? 62  LEU A CG  1 
ATOM   482  C CD1 A LEU A 1 62  ? 2.901   7.529   -10.786 0.45 39.25 ? 62  LEU A CD1 1 
ATOM   483  C CD1 B LEU A 1 62  ? 1.352   15.109  -9.791  0.38 32.72 ? 62  LEU A CD1 1 
ATOM   484  C CD2 A LEU A 1 62  ? 2.094   8.144   -8.521  0.45 39.20 ? 62  LEU A CD2 1 
ATOM   485  C CD2 B LEU A 1 62  ? 3.349   14.764  -8.369  0.38 31.73 ? 62  LEU A CD2 1 
ATOM   486  N N   A PRO A 1 63  ? 0.484   10.806  -11.936 0.45 36.49 ? 63  PRO A N   1 
ATOM   487  N N   B PRO A 1 63  ? 0.352   11.259  -11.607 0.38 41.66 ? 63  PRO A N   1 
ATOM   488  C CA  A PRO A 1 63  ? -0.840  11.435  -12.057 0.45 35.61 ? 63  PRO A CA  1 
ATOM   489  C CA  B PRO A 1 63  ? -1.074  11.196  -11.905 0.38 40.49 ? 63  PRO A CA  1 
ATOM   490  C C   A PRO A 1 63  ? -1.364  12.169  -10.829 0.45 34.26 ? 63  PRO A C   1 
ATOM   491  C C   B PRO A 1 63  ? -1.764  11.881  -10.718 0.38 38.46 ? 63  PRO A C   1 
ATOM   492  O O   A PRO A 1 63  ? -2.112  13.138  -10.963 0.45 34.41 ? 63  PRO A O   1 
ATOM   493  O O   B PRO A 1 63  ? -2.804  12.515  -10.866 0.38 38.68 ? 63  PRO A O   1 
ATOM   494  C CB  A PRO A 1 63  ? -1.756  10.262  -12.448 0.45 36.34 ? 63  PRO A CB  1 
ATOM   495  C CB  B PRO A 1 63  ? -1.356  9.690   -11.942 0.38 41.20 ? 63  PRO A CB  1 
ATOM   496  C CG  A PRO A 1 63  ? -0.935  9.021   -12.195 0.45 36.24 ? 63  PRO A CG  1 
ATOM   497  C CG  B PRO A 1 63  ? -0.010  9.053   -12.211 0.38 41.71 ? 63  PRO A CG  1 
ATOM   498  C CD  A PRO A 1 63  ? 0.459   9.454   -12.513 0.45 36.54 ? 63  PRO A CD  1 
ATOM   499  C CD  B PRO A 1 63  ? 0.934   9.916   -11.449 0.38 41.51 ? 63  PRO A CD  1 
ATOM   500  N N   A PHE A 1 64  ? -0.972  11.723  -9.637  0.33 32.29 ? 64  PHE A N   1 
ATOM   501  N N   B PHE A 1 64  ? -1.158  11.750  -9.535  0.68 35.97 ? 64  PHE A N   1 
ATOM   502  C CA  A PHE A 1 64  ? -1.435  12.372  -8.416  0.33 30.53 ? 64  PHE A CA  1 
ATOM   503  C CA  B PHE A 1 64  ? -1.662  12.372  -8.314  0.68 33.19 ? 64  PHE A CA  1 
ATOM   504  C C   A PHE A 1 64  ? -0.354  13.143  -7.669  0.33 29.48 ? 64  PHE A C   1 
ATOM   505  C C   B PHE A 1 64  ? -0.539  13.087  -7.588  0.68 31.75 ? 64  PHE A C   1 
ATOM   506  O O   A PHE A 1 64  ? 0.830   12.812  -7.733  0.33 29.47 ? 64  PHE A O   1 
ATOM   507  O O   B PHE A 1 64  ? 0.608   12.650  -7.613  0.68 31.33 ? 64  PHE A O   1 
ATOM   508  C CB  A PHE A 1 64  ? -2.090  11.354  -7.482  0.33 29.40 ? 64  PHE A CB  1 
ATOM   509  C CB  B PHE A 1 64  ? -2.290  11.342  -7.380  0.68 30.85 ? 64  PHE A CB  1 
ATOM   510  C CG  A PHE A 1 64  ? -3.295  10.683  -8.073  0.33 29.15 ? 64  PHE A CG  1 
ATOM   511  C CG  B PHE A 1 64  ? -3.440  10.610  -7.978  0.68 31.34 ? 64  PHE A CG  1 
ATOM   512  C CD1 A PHE A 1 64  ? -4.327  11.436  -8.628  0.33 28.69 ? 64  PHE A CD1 1 
ATOM   513  C CD1 B PHE A 1 64  ? -4.492  11.306  -8.568  0.68 30.10 ? 64  PHE A CD1 1 
ATOM   514  C CD2 A PHE A 1 64  ? -3.398  9.298   -8.078  0.33 29.37 ? 64  PHE A CD2 1 
ATOM   515  C CD2 B PHE A 1 64  ? -3.463  9.225   -7.981  0.68 32.15 ? 64  PHE A CD2 1 
ATOM   516  C CE1 A PHE A 1 64  ? -5.442  10.817  -9.176  0.33 28.29 ? 64  PHE A CE1 1 
ATOM   517  C CE1 B PHE A 1 64  ? -5.548  10.630  -9.153  0.68 30.82 ? 64  PHE A CE1 1 
ATOM   518  C CE2 A PHE A 1 64  ? -4.511  8.668   -8.624  0.33 29.40 ? 64  PHE A CE2 1 
ATOM   519  C CE2 B PHE A 1 64  ? -4.514  8.538   -8.562  0.68 32.45 ? 64  PHE A CE2 1 
ATOM   520  C CZ  A PHE A 1 64  ? -5.536  9.431   -9.175  0.33 30.49 ? 64  PHE A CZ  1 
ATOM   521  C CZ  B PHE A 1 64  ? -5.559  9.238   -9.151  0.68 34.60 ? 64  PHE A CZ  1 
ATOM   522  N N   A LYS A 1 65  ? -0.788  14.183  -6.966  0.33 28.92 ? 65  LYS A N   1 
ATOM   523  N N   B LYS A 1 65  ? -0.887  14.199  -6.954  0.68 30.93 ? 65  LYS A N   1 
ATOM   524  C CA  A LYS A 1 65  ? 0.101   15.029  -6.187  0.33 28.89 ? 65  LYS A CA  1 
ATOM   525  C CA  B LYS A 1 65  ? 0.065   15.007  -6.208  0.68 30.82 ? 65  LYS A CA  1 
ATOM   526  C C   A LYS A 1 65  ? 0.391   14.380  -4.834  0.33 27.45 ? 65  LYS A C   1 
ATOM   527  C C   B LYS A 1 65  ? 0.381   14.357  -4.859  0.68 28.66 ? 65  LYS A C   1 
ATOM   528  O O   A LYS A 1 65  ? 1.550   14.247  -4.439  0.33 25.41 ? 65  LYS A O   1 
ATOM   529  O O   B LYS A 1 65  ? 1.547   14.204  -4.491  0.68 24.64 ? 65  LYS A O   1 
ATOM   530  C CB  A LYS A 1 65  ? -0.538  16.404  -5.985  0.33 32.74 ? 65  LYS A CB  1 
ATOM   531  C CB  B LYS A 1 65  ? -0.526  16.405  -6.008  0.68 37.62 ? 65  LYS A CB  1 
ATOM   532  C CG  A LYS A 1 65  ? 0.248   17.360  -5.102  0.33 36.81 ? 65  LYS A CG  1 
ATOM   533  C CG  B LYS A 1 65  ? 0.266   17.335  -5.106  0.68 44.64 ? 65  LYS A CG  1 
ATOM   534  C CD  A LYS A 1 65  ? -0.536  18.643  -4.882  0.33 39.92 ? 65  LYS A CD  1 
ATOM   535  C CD  B LYS A 1 65  ? -0.509  18.626  -4.896  0.68 49.78 ? 65  LYS A CD  1 
ATOM   536  C CE  A LYS A 1 65  ? 0.166   19.574  -3.905  0.33 42.75 ? 65  LYS A CE  1 
ATOM   537  C CE  B LYS A 1 65  ? 0.134   19.519  -3.851  0.68 54.30 ? 65  LYS A CE  1 
ATOM   538  N NZ  A LYS A 1 65  ? -0.616  20.827  -3.691  0.33 45.34 ? 65  LYS A NZ  1 
ATOM   539  N NZ  B LYS A 1 65  ? -0.645  20.781  -3.676  0.68 58.54 ? 65  LYS A NZ  1 
ATOM   540  N N   . TYR A 1 66  ? -0.664  13.965  -4.140  1.00 25.82 ? 66  TYR A N   1 
ATOM   541  C CA  . TYR A 1 66  ? -0.517  13.332  -2.831  1.00 24.32 ? 66  TYR A CA  1 
ATOM   542  C C   . TYR A 1 66  ? -1.767  12.538  -2.477  1.00 21.86 ? 66  TYR A C   1 
ATOM   543  O O   . TYR A 1 66  ? -2.810  12.677  -3.118  1.00 19.58 ? 66  TYR A O   1 
ATOM   544  C CB  . TYR A 1 66  ? -0.314  14.399  -1.747  1.00 26.18 ? 66  TYR A CB  1 
ATOM   545  C CG  . TYR A 1 66  ? -1.602  15.069  -1.327  1.00 29.23 ? 66  TYR A CG  1 
ATOM   546  C CD1 . TYR A 1 66  ? -2.182  16.065  -2.113  1.00 30.02 ? 66  TYR A CD1 1 
ATOM   547  C CD2 . TYR A 1 66  ? -2.278  14.653  -0.179  1.00 27.55 ? 66  TYR A CD2 1 
ATOM   548  C CE1 . TYR A 1 66  ? -3.411  16.627  -1.769  1.00 31.57 ? 66  TYR A CE1 1 
ATOM   549  C CE2 . TYR A 1 66  ? -3.505  15.202  0.175   1.00 33.16 ? 66  TYR A CE2 1 
ATOM   550  C CZ  . TYR A 1 66  ? -4.069  16.188  -0.625  1.00 33.86 ? 66  TYR A CZ  1 
ATOM   551  O OH  . TYR A 1 66  ? -5.295  16.713  -0.284  1.00 34.01 ? 66  TYR A OH  1 
ATOM   552  N N   . VAL A 1 67  ? -1.665  11.775  -1.391  1.00 17.17 ? 67  VAL A N   1 
ATOM   553  C CA  . VAL A 1 67  ? -2.770  10.979  -0.883  1.00 16.76 ? 67  VAL A CA  1 
ATOM   554  C C   . VAL A 1 67  ? -2.635  10.866  0.639   1.00 17.79 ? 67  VAL A C   1 
ATOM   555  O O   . VAL A 1 67  ? -1.526  10.911  1.175   1.00 17.66 ? 67  VAL A O   1 
ATOM   556  C CB  . VAL A 1 67  ? -2.801  9.579   -1.545  1.00 16.85 ? 67  VAL A CB  1 
ATOM   557  C CG1 . VAL A 1 67  ? -2.032  8.555   -0.727  1.00 16.57 ? 67  VAL A CG1 1 
ATOM   558  C CG2 . VAL A 1 67  ? -4.217  9.145   -1.778  1.00 21.78 ? 67  VAL A CG2 1 
ATOM   559  N N   . LYS A 1 68  ? -3.763  10.801  1.341   1.00 16.27 ? 68  LYS A N   1 
ATOM   560  C CA  . LYS A 1 68  ? -3.741  10.658  2.795   1.00 16.50 ? 68  LYS A CA  1 
ATOM   561  C C   . LYS A 1 68  ? -4.345  9.327   3.209   1.00 16.33 ? 68  LYS A C   1 
ATOM   562  O O   . LYS A 1 68  ? -5.455  8.987   2.810   1.00 13.92 ? 68  LYS A O   1 
ATOM   563  C CB  . LYS A 1 68  ? -4.462  11.816  3.487   1.00 13.37 ? 68  LYS A CB  1 
ATOM   564  C CG  . LYS A 1 68  ? -3.578  13.027  3.663   1.00 18.09 ? 68  LYS A CG  1 
ATOM   565  C CD  . LYS A 1 68  ? -4.310  14.201  4.261   1.00 18.60 ? 68  LYS A CD  1 
ATOM   566  C CE  . LYS A 1 68  ? -3.509  15.472  4.025   1.00 25.44 ? 68  LYS A CE  1 
ATOM   567  N NZ  . LYS A 1 68  ? -4.255  16.692  4.428   1.00 26.99 ? 68  LYS A NZ  1 
ATOM   568  N N   . ASP A 1 69  ? -3.581  8.562   3.979   1.00 16.39 ? 69  ASP A N   1 
ATOM   569  C CA  . ASP A 1 69  ? -4.019  7.260   4.455   1.00 17.06 ? 69  ASP A CA  1 
ATOM   570  C C   . ASP A 1 69  ? -4.168  7.244   5.962   1.00 18.47 ? 69  ASP A C   1 
ATOM   571  O O   . ASP A 1 69  ? -3.468  7.967   6.679   1.00 18.47 ? 69  ASP A O   1 
ATOM   572  C CB  . ASP A 1 69  ? -3.011  6.179   4.066   1.00 22.32 ? 69  ASP A CB  1 
ATOM   573  C CG  . ASP A 1 69  ? -2.837  6.044   2.568   1.00 30.66 ? 69  ASP A CG  1 
ATOM   574  O OD1 . ASP A 1 69  ? -3.670  6.580   1.800   1.00 34.34 ? 69  ASP A OD1 1 
ATOM   575  O OD2 . ASP A 1 69  ? -1.857  5.384   2.158   1.00 35.53 ? 69  ASP A OD2 1 
ATOM   576  N N   . ARG A 1 70  ? -5.054  6.382   6.439   1.00 15.77 ? 70  ARG A N   1 
ATOM   577  C CA  . ARG A 1 70  ? -5.284  6.228   7.864   1.00 15.98 ? 70  ARG A CA  1 
ATOM   578  C C   . ARG A 1 70  ? -5.029  4.762   8.166   1.00 14.98 ? 70  ARG A C   1 
ATOM   579  O O   . ARG A 1 70  ? -5.471  3.901   7.429   1.00 14.95 ? 70  ARG A O   1 
ATOM   580  C CB  . ARG A 1 70  ? -6.734  6.563   8.224   1.00 16.36 ? 70  ARG A CB  1 
ATOM   581  C CG  . ARG A 1 70  ? -7.017  6.502   9.726   1.00 22.24 ? 70  ARG A CG  1 
ATOM   582  C CD  . ARG A 1 70  ? -8.431  6.044   10.040  1.00 22.22 ? 70  ARG A CD  1 
ATOM   583  N NE  . ARG A 1 70  ? -9.447  6.942   9.503   1.00 28.92 ? 70  ARG A NE  1 
ATOM   584  C CZ  . ARG A 1 70  ? -10.490 6.547   8.776   1.00 33.98 ? 70  ARG A CZ  1 
ATOM   585  N NH1 . ARG A 1 70  ? -10.662 5.261   8.488   1.00 35.62 ? 70  ARG A NH1 1 
ATOM   586  N NH2 . ARG A 1 70  ? -11.375 7.441   8.350   1.00 35.12 ? 70  ARG A NH2 1 
ATOM   587  N N   . VAL A 1 71  ? -4.249  4.484   9.201   1.00 16.89 ? 71  VAL A N   1 
ATOM   588  C CA  . VAL A 1 71  ? -3.981  3.107   9.583   1.00 16.30 ? 71  VAL A CA  1 
ATOM   589  C C   . VAL A 1 71  ? -5.158  2.705   10.453  1.00 14.47 ? 71  VAL A C   1 
ATOM   590  O O   . VAL A 1 71  ? -5.422  3.333   11.467  1.00 14.56 ? 71  VAL A O   1 
ATOM   591  C CB  . VAL A 1 71  ? -2.698  2.979   10.415  1.00 17.40 ? 71  VAL A CB  1 
ATOM   592  C CG1 . VAL A 1 71  ? -2.521  1.535   10.867  1.00 14.87 ? 71  VAL A CG1 1 
ATOM   593  C CG2 . VAL A 1 71  ? -1.498  3.447   9.609   1.00 16.47 ? 71  VAL A CG2 1 
ATOM   594  N N   . ASP A 1 72  ? -5.886  1.683   10.032  1.00 12.47 ? 72  ASP A N   1 
ATOM   595  C CA  . ASP A 1 72  ? -7.041  1.228   10.786  1.00 14.99 ? 72  ASP A CA  1 
ATOM   596  C C   . ASP A 1 72  ? -6.705  0.099   11.746  1.00 19.38 ? 72  ASP A C   1 
ATOM   597  O O   . ASP A 1 72  ? -7.213  0.057   12.872  1.00 19.53 ? 72  ASP A O   1 
ATOM   598  C CB  . ASP A 1 72  ? -8.146  0.786   9.826   1.00 15.49 ? 72  ASP A CB  1 
ATOM   599  C CG  . ASP A 1 72  ? -8.583  1.895   8.892   1.00 15.61 ? 72  ASP A CG  1 
ATOM   600  O OD1 . ASP A 1 72  ? -8.816  3.026   9.372   1.00 19.44 ? 72  ASP A OD1 1 
ATOM   601  O OD2 . ASP A 1 72  ? -8.683  1.643   7.679   1.00 13.52 ? 72  ASP A OD2 1 
ATOM   602  N N   . GLU A 1 73  ? -5.836  -0.805  11.308  1.00 18.49 ? 73  GLU A N   1 
ATOM   603  C CA  . GLU A 1 73  ? -5.462  -1.937  12.139  1.00 22.09 ? 73  GLU A CA  1 
ATOM   604  C C   . GLU A 1 73  ? -4.124  -2.550  11.752  1.00 19.67 ? 73  GLU A C   1 
ATOM   605  O O   . GLU A 1 73  ? -3.786  -2.631  10.573  1.00 17.74 ? 73  GLU A O   1 
ATOM   606  C CB  . GLU A 1 73  ? -6.551  -3.004  12.057  1.00 24.31 ? 73  GLU A CB  1 
ATOM   607  C CG  . GLU A 1 73  ? -6.335  -4.205  12.958  1.00 33.76 ? 73  GLU A CG  1 
ATOM   608  C CD  . GLU A 1 73  ? -7.259  -5.360  12.623  1.00 39.49 ? 73  GLU A CD  1 
ATOM   609  O OE1 . GLU A 1 73  ? -8.157  -5.192  11.765  1.00 42.90 ? 73  GLU A OE1 1 
ATOM   610  O OE2 . GLU A 1 73  ? -7.081  -6.447  13.213  1.00 45.65 ? 73  GLU A OE2 1 
ATOM   611  N N   . VAL A 1 74  ? -3.353  -2.939  12.765  1.00 21.79 ? 74  VAL A N   1 
ATOM   612  C CA  . VAL A 1 74  ? -2.055  -3.587  12.575  1.00 24.21 ? 74  VAL A CA  1 
ATOM   613  C C   . VAL A 1 74  ? -2.021  -4.837  13.456  1.00 24.39 ? 74  VAL A C   1 
ATOM   614  O O   . VAL A 1 74  ? -1.843  -4.754  14.673  1.00 25.89 ? 74  VAL A O   1 
ATOM   615  C CB  . VAL A 1 74  ? -0.871  -2.674  12.962  1.00 28.34 ? 74  VAL A CB  1 
ATOM   616  C CG1 . VAL A 1 74  ? 0.446   -3.389  12.664  1.00 27.61 ? 74  VAL A CG1 1 
ATOM   617  C CG2 . VAL A 1 74  ? -0.943  -1.347  12.204  1.00 28.65 ? 74  VAL A CG2 1 
ATOM   618  N N   . ASP A 1 75  ? -2.212  -5.989  12.828  1.00 23.41 ? 75  ASP A N   1 
ATOM   619  C CA  . ASP A 1 75  ? -2.228  -7.268  13.519  1.00 22.37 ? 75  ASP A CA  1 
ATOM   620  C C   . ASP A 1 75  ? -0.913  -8.022  13.282  1.00 23.34 ? 75  ASP A C   1 
ATOM   621  O O   . ASP A 1 75  ? -0.777  -8.747  12.295  1.00 22.46 ? 75  ASP A O   1 
ATOM   622  C CB  . ASP A 1 75  ? -3.415  -8.087  13.003  1.00 23.10 ? 75  ASP A CB  1 
ATOM   623  C CG  . ASP A 1 75  ? -3.739  -9.281  13.876  1.00 27.33 ? 75  ASP A CG  1 
ATOM   624  O OD1 . ASP A 1 75  ? -2.905  -9.680  14.719  1.00 28.28 ? 75  ASP A OD1 1 
ATOM   625  O OD2 . ASP A 1 75  ? -4.848  -9.825  13.717  1.00 28.55 ? 75  ASP A OD2 1 
ATOM   626  N N   . HIS A 1 76  ? 0.038   -7.856  14.202  1.00 23.94 ? 76  HIS A N   1 
ATOM   627  C CA  . HIS A 1 76  ? 1.358   -8.502  14.123  1.00 28.52 ? 76  HIS A CA  1 
ATOM   628  C C   . HIS A 1 76  ? 1.221   -10.013 14.199  1.00 28.25 ? 76  HIS A C   1 
ATOM   629  O O   . HIS A 1 76  ? 1.951   -10.760 13.548  1.00 31.18 ? 76  HIS A O   1 
ATOM   630  C CB  . HIS A 1 76  ? 2.253   -8.061  15.286  1.00 29.71 ? 76  HIS A CB  1 
ATOM   631  C CG  . HIS A 1 76  ? 2.164   -6.603  15.603  1.00 37.64 ? 76  HIS A CG  1 
ATOM   632  N ND1 . HIS A 1 76  ? 3.006   -5.667  15.046  1.00 41.89 ? 76  HIS A ND1 1 
ATOM   633  C CD2 . HIS A 1 76  ? 1.334   -5.920  16.428  1.00 39.46 ? 76  HIS A CD2 1 
ATOM   634  C CE1 . HIS A 1 76  ? 2.704   -4.470  15.514  1.00 43.55 ? 76  HIS A CE1 1 
ATOM   635  N NE2 . HIS A 1 76  ? 1.693   -4.596  16.354  1.00 44.82 ? 76  HIS A NE2 1 
ATOM   636  N N   . THR A 1 77  ? 0.291   -10.446 15.038  1.00 26.21 ? 77  THR A N   1 
ATOM   637  C CA  . THR A 1 77  ? 0.028   -11.852 15.252  1.00 27.81 ? 77  THR A CA  1 
ATOM   638  C C   . THR A 1 77  ? -0.415  -12.577 13.982  1.00 27.43 ? 77  THR A C   1 
ATOM   639  O O   . THR A 1 77  ? 0.086   -13.660 13.679  1.00 30.33 ? 77  THR A O   1 
ATOM   640  C CB  . THR A 1 77  ? -1.037  -12.023 16.348  1.00 28.05 ? 77  THR A CB  1 
ATOM   641  O OG1 . THR A 1 77  ? -0.667  -11.234 17.481  1.00 29.78 ? 77  THR A OG1 1 
ATOM   642  C CG2 . THR A 1 77  ? -1.143  -13.469 16.777  1.00 28.33 ? 77  THR A CG2 1 
ATOM   643  N N   . ASN A 1 78  ? -1.315  -11.963 13.219  1.00 26.38 ? 78  ASN A N   1 
ATOM   644  C CA  . ASN A 1 78  ? -1.825  -12.584 12.000  1.00 24.70 ? 78  ASN A CA  1 
ATOM   645  C C   . ASN A 1 78  ? -1.312  -11.989 10.684  1.00 21.79 ? 78  ASN A C   1 
ATOM   646  O O   . ASN A 1 78  ? -1.794  -12.347 9.603   1.00 24.01 ? 78  ASN A O   1 
ATOM   647  C CB  . ASN A 1 78  ? -3.357  -12.577 12.024  1.00 28.36 ? 78  ASN A CB  1 
ATOM   648  C CG  . ASN A 1 78  ? -3.922  -13.293 13.237  1.00 32.59 ? 78  ASN A CG  1 
ATOM   649  O OD1 . ASN A 1 78  ? -4.296  -14.463 13.165  1.00 39.31 ? 78  ASN A OD1 1 
ATOM   650  N ND2 . ASN A 1 78  ? -3.960  -12.600 14.369  1.00 37.83 ? 78  ASN A ND2 1 
ATOM   651  N N   . PHE A 1 79  ? -0.308  -11.121 10.771  1.00 18.15 ? 79  PHE A N   1 
ATOM   652  C CA  . PHE A 1 79  ? 0.262   -10.471 9.590   1.00 19.00 ? 79  PHE A CA  1 
ATOM   653  C C   . PHE A 1 79  ? -0.826  -9.817  8.725   1.00 17.92 ? 79  PHE A C   1 
ATOM   654  O O   . PHE A 1 79  ? -0.870  -10.016 7.512   1.00 18.12 ? 79  PHE A O   1 
ATOM   655  C CB  . PHE A 1 79  ? 1.067   -11.471 8.749   1.00 19.34 ? 79  PHE A CB  1 
ATOM   656  C CG  . PHE A 1 79  ? 2.248   -12.070 9.467   1.00 20.44 ? 79  PHE A CG  1 
ATOM   657  C CD1 . PHE A 1 79  ? 2.964   -11.331 10.404  1.00 20.42 ? 79  PHE A CD1 1 
ATOM   658  C CD2 . PHE A 1 79  ? 2.650   -13.374 9.195   1.00 20.15 ? 79  PHE A CD2 1 
ATOM   659  C CE1 . PHE A 1 79  ? 4.062   -11.884 11.062  1.00 20.89 ? 79  PHE A CE1 1 
ATOM   660  C CE2 . PHE A 1 79  ? 3.746   -13.933 9.848   1.00 17.60 ? 79  PHE A CE2 1 
ATOM   661  C CZ  . PHE A 1 79  ? 4.451   -13.185 10.781  1.00 16.42 ? 79  PHE A CZ  1 
ATOM   662  N N   . LYS A 1 80  ? -1.711  -9.057  9.366   1.00 18.31 ? 80  LYS A N   1 
ATOM   663  C CA  . LYS A 1 80  ? -2.800  -8.370  8.671   1.00 15.42 ? 80  LYS A CA  1 
ATOM   664  C C   . LYS A 1 80  ? -2.629  -6.863  8.861   1.00 19.69 ? 80  LYS A C   1 
ATOM   665  O O   . LYS A 1 80  ? -2.248  -6.402  9.939   1.00 19.04 ? 80  LYS A O   1 
ATOM   666  C CB  . LYS A 1 80  ? -4.146  -8.833  9.225   1.00 13.11 ? 80  LYS A CB  1 
ATOM   667  C CG  . LYS A 1 80  ? -5.342  -8.410  8.394   1.00 26.51 ? 80  LYS A CG  1 
ATOM   668  C CD  . LYS A 1 80  ? -6.576  -9.231  8.752   1.00 36.90 ? 80  LYS A CD  1 
ATOM   669  C CE  . LYS A 1 80  ? -7.090  -8.912  10.153  1.00 45.55 ? 80  LYS A CE  1 
ATOM   670  N NZ  . LYS A 1 80  ? -7.695  -7.545  10.229  1.00 47.32 ? 80  LYS A NZ  1 
ATOM   671  N N   . TYR A 1 81  ? -2.907  -6.099  7.809   1.00 17.68 ? 81  TYR A N   1 
ATOM   672  C CA  . TYR A 1 81  ? -2.756  -4.644  7.848   1.00 16.85 ? 81  TYR A CA  1 
ATOM   673  C C   . TYR A 1 81  ? -3.923  -3.980  7.134   1.00 17.14 ? 81  TYR A C   1 
ATOM   674  O O   . TYR A 1 81  ? -4.157  -4.239  5.957   1.00 16.11 ? 81  TYR A O   1 
ATOM   675  C CB  . TYR A 1 81  ? -1.444  -4.242  7.163   1.00 15.16 ? 81  TYR A CB  1 
ATOM   676  C CG  . TYR A 1 81  ? -1.141  -2.757  7.175   1.00 18.41 ? 81  TYR A CG  1 
ATOM   677  C CD1 . TYR A 1 81  ? -0.831  -2.094  8.363   1.00 15.38 ? 81  TYR A CD1 1 
ATOM   678  C CD2 . TYR A 1 81  ? -1.139  -2.018  5.992   1.00 19.11 ? 81  TYR A CD2 1 
ATOM   679  C CE1 . TYR A 1 81  ? -0.524  -0.736  8.371   1.00 19.42 ? 81  TYR A CE1 1 
ATOM   680  C CE2 . TYR A 1 81  ? -0.836  -0.658  5.990   1.00 16.79 ? 81  TYR A CE2 1 
ATOM   681  C CZ  . TYR A 1 81  ? -0.532  -0.028  7.177   1.00 17.93 ? 81  TYR A CZ  1 
ATOM   682  O OH  . TYR A 1 81  ? -0.226  1.310   7.174   1.00 25.94 ? 81  TYR A OH  1 
ATOM   683  N N   . ASN A 1 82  ? -4.644  -3.121  7.849   1.00 16.84 ? 82  ASN A N   1 
ATOM   684  C CA  . ASN A 1 82  ? -5.784  -2.411  7.280   1.00 18.56 ? 82  ASN A CA  1 
ATOM   685  C C   . ASN A 1 82  ? -5.573  -0.900  7.305   1.00 13.82 ? 82  ASN A C   1 
ATOM   686  O O   . ASN A 1 82  ? -5.243  -0.345  8.348   1.00 13.40 ? 82  ASN A O   1 
ATOM   687  C CB  . ASN A 1 82  ? -7.062  -2.767  8.043   1.00 20.47 ? 82  ASN A CB  1 
ATOM   688  C CG  . ASN A 1 82  ? -7.478  -4.212  7.841   1.00 28.33 ? 82  ASN A CG  1 
ATOM   689  O OD1 . ASN A 1 82  ? -8.318  -4.512  6.992   1.00 32.36 ? 82  ASN A OD1 1 
ATOM   690  N ND2 . ASN A 1 82  ? -6.890  -5.116  8.616   1.00 28.17 ? 82  ASN A ND2 1 
ATOM   691  N N   . TYR A 1 83  ? -5.759  -0.252  6.155   1.00 9.25  ? 83  TYR A N   1 
ATOM   692  C CA  . TYR A 1 83  ? -5.613  1.195   6.049   1.00 9.79  ? 83  TYR A CA  1 
ATOM   693  C C   . TYR A 1 83  ? -6.598  1.736   5.014   1.00 12.49 ? 83  TYR A C   1 
ATOM   694  O O   . TYR A 1 83  ? -7.041  1.001   4.128   1.00 11.81 ? 83  TYR A O   1 
ATOM   695  C CB  . TYR A 1 83  ? -4.177  1.588   5.668   1.00 12.17 ? 83  TYR A CB  1 
ATOM   696  C CG  . TYR A 1 83  ? -3.817  1.285   4.233   1.00 12.90 ? 83  TYR A CG  1 
ATOM   697  C CD1 . TYR A 1 83  ? -3.522  -0.014  3.829   1.00 16.51 ? 83  TYR A CD1 1 
ATOM   698  C CD2 . TYR A 1 83  ? -3.795  2.291   3.275   1.00 14.89 ? 83  TYR A CD2 1 
ATOM   699  C CE1 . TYR A 1 83  ? -3.223  -0.302  2.503   1.00 15.67 ? 83  TYR A CE1 1 
ATOM   700  C CE2 . TYR A 1 83  ? -3.499  2.011   1.948   1.00 14.77 ? 83  TYR A CE2 1 
ATOM   701  C CZ  . TYR A 1 83  ? -3.217  0.715   1.568   1.00 14.60 ? 83  TYR A CZ  1 
ATOM   702  O OH  . TYR A 1 83  ? -2.974  0.418   0.249   1.00 17.57 ? 83  TYR A OH  1 
ATOM   703  N N   . SER A 1 84  ? -6.929  3.019   5.127   1.00 10.88 ? 84  SER A N   1 
ATOM   704  C CA  . SER A 1 84  ? -7.871  3.666   4.220   1.00 11.38 ? 84  SER A CA  1 
ATOM   705  C C   . SER A 1 84  ? -7.295  4.909   3.569   1.00 10.38 ? 84  SER A C   1 
ATOM   706  O O   . SER A 1 84  ? -6.579  5.676   4.203   1.00 12.28 ? 84  SER A O   1 
ATOM   707  C CB  . SER A 1 84  ? -9.133  4.096   4.974   1.00 10.69 ? 84  SER A CB  1 
ATOM   708  O OG  . SER A 1 84  ? -9.754  3.007   5.618   1.00 19.49 ? 84  SER A OG  1 
ATOM   709  N N   . VAL A 1 85  ? -7.609  5.090   2.294   1.00 12.09 ? 85  VAL A N   1 
ATOM   710  C CA  . VAL A 1 85  ? -7.202  6.268   1.545   1.00 10.61 ? 85  VAL A CA  1 
ATOM   711  C C   . VAL A 1 85  ? -8.396  7.191   1.779   1.00 12.03 ? 85  VAL A C   1 
ATOM   712  O O   . VAL A 1 85  ? -9.516  6.885   1.375   1.00 12.59 ? 85  VAL A O   1 
ATOM   713  C CB  . VAL A 1 85  ? -7.059  5.945   0.054   1.00 13.20 ? 85  VAL A CB  1 
ATOM   714  C CG1 . VAL A 1 85  ? -6.714  7.201   -0.731  1.00 13.27 ? 85  VAL A CG1 1 
ATOM   715  C CG2 . VAL A 1 85  ? -5.996  4.864   -0.144  1.00 10.38 ? 85  VAL A CG2 1 
ATOM   716  N N   . ILE A 1 86  ? -8.165  8.298   2.470   1.00 12.98 ? 86  ILE A N   1 
ATOM   717  C CA  . ILE A 1 86  ? -9.245  9.214   2.810   1.00 14.77 ? 86  ILE A CA  1 
ATOM   718  C C   . ILE A 1 86  ? -9.233  10.611  2.193   1.00 13.33 ? 86  ILE A C   1 
ATOM   719  O O   . ILE A 1 86  ? -10.217 11.341  2.311   1.00 16.99 ? 86  ILE A O   1 
ATOM   720  C CB  . ILE A 1 86  ? -9.332  9.359   4.338   1.00 15.44 ? 86  ILE A CB  1 
ATOM   721  C CG1 . ILE A 1 86  ? -8.051  10.005  4.877   1.00 11.52 ? 86  ILE A CG1 1 
ATOM   722  C CG2 . ILE A 1 86  ? -9.520  7.981   4.974   1.00 15.78 ? 86  ILE A CG2 1 
ATOM   723  C CD1 . ILE A 1 86  ? -8.135  10.416  6.329   1.00 13.72 ? 86  ILE A CD1 1 
ATOM   724  N N   . GLU A 1 87  ? -8.142  10.995  1.544   1.00 12.31 ? 87  GLU A N   1 
ATOM   725  C CA  . GLU A 1 87  ? -8.071  12.324  0.949   1.00 11.29 ? 87  GLU A CA  1 
ATOM   726  C C   . GLU A 1 87  ? -7.005  12.410  -0.135  1.00 13.87 ? 87  GLU A C   1 
ATOM   727  O O   . GLU A 1 87  ? -5.999  11.707  -0.087  1.00 15.37 ? 87  GLU A O   1 
ATOM   728  C CB  . GLU A 1 87  ? -7.766  13.356  2.033   1.00 10.65 ? 87  GLU A CB  1 
ATOM   729  C CG  . GLU A 1 87  ? -7.828  14.808  1.576   1.00 8.96  ? 87  GLU A CG  1 
ATOM   730  C CD  . GLU A 1 87  ? -7.225  15.747  2.599   1.00 12.66 ? 87  GLU A CD  1 
ATOM   731  O OE1 . GLU A 1 87  ? -7.754  15.846  3.730   1.00 10.88 ? 87  GLU A OE1 1 
ATOM   732  O OE2 . GLU A 1 87  ? -6.203  16.377  2.279   1.00 12.38 ? 87  GLU A OE2 1 
ATOM   733  N N   . GLY A 1 88  ? -7.224  13.296  -1.100  1.00 14.60 ? 88  GLY A N   1 
ATOM   734  C CA  . GLY A 1 88  ? -6.276  13.471  -2.181  1.00 12.53 ? 88  GLY A CA  1 
ATOM   735  C C   . GLY A 1 88  ? -6.325  12.309  -3.142  1.00 15.61 ? 88  GLY A C   1 
ATOM   736  O O   . GLY A 1 88  ? -7.054  11.348  -2.914  1.00 15.08 ? 88  GLY A O   1 
ATOM   737  N N   . GLY A 1 89  ? -5.554  12.396  -4.221  1.00 18.62 ? 89  GLY A N   1 
ATOM   738  C CA  . GLY A 1 89  ? -5.538  11.322  -5.200  1.00 19.55 ? 89  GLY A CA  1 
ATOM   739  C C   . GLY A 1 89  ? -6.878  11.118  -5.887  1.00 18.77 ? 89  GLY A C   1 
ATOM   740  O O   . GLY A 1 89  ? -7.460  12.072  -6.405  1.00 21.31 ? 89  GLY A O   1 
ATOM   741  N N   . PRO A 1 90  ? -7.401  9.880   -5.901  1.00 19.55 ? 90  PRO A N   1 
ATOM   742  C CA  . PRO A 1 90  ? -8.683  9.559   -6.532  1.00 15.42 ? 90  PRO A CA  1 
ATOM   743  C C   . PRO A 1 90  ? -9.883  9.907   -5.655  1.00 19.45 ? 90  PRO A C   1 
ATOM   744  O O   . PRO A 1 90  ? -11.029 9.726   -6.068  1.00 19.46 ? 90  PRO A O   1 
ATOM   745  C CB  . PRO A 1 90  ? -8.582  8.058   -6.741  1.00 14.03 ? 90  PRO A CB  1 
ATOM   746  C CG  . PRO A 1 90  ? -7.842  7.618   -5.523  1.00 17.65 ? 90  PRO A CG  1 
ATOM   747  C CD  . PRO A 1 90  ? -6.767  8.666   -5.353  1.00 19.29 ? 90  PRO A CD  1 
ATOM   748  N N   . ILE A 1 91  ? -9.618  10.375  -4.436  1.00 16.85 ? 91  ILE A N   1 
ATOM   749  C CA  . ILE A 1 91  ? -10.683 10.740  -3.512  1.00 18.09 ? 91  ILE A CA  1 
ATOM   750  C C   . ILE A 1 91  ? -11.299 12.072  -3.897  1.00 21.68 ? 91  ILE A C   1 
ATOM   751  O O   . ILE A 1 91  ? -10.627 13.108  -3.918  1.00 23.45 ? 91  ILE A O   1 
ATOM   752  C CB  . ILE A 1 91  ? -10.187 10.804  -2.041  1.00 14.12 ? 91  ILE A CB  1 
ATOM   753  C CG1 . ILE A 1 91  ? -9.673  9.431   -1.590  1.00 14.34 ? 91  ILE A CG1 1 
ATOM   754  C CG2 . ILE A 1 91  ? -11.311 11.280  -1.120  1.00 13.29 ? 91  ILE A CG2 1 
ATOM   755  C CD1 . ILE A 1 91  ? -10.654 8.285   -1.814  1.00 9.75  ? 91  ILE A CD1 1 
ATOM   756  N N   . GLY A 1 92  ? -12.591 12.030  -4.197  1.00 19.10 ? 92  GLY A N   1 
ATOM   757  C CA  . GLY A 1 92  ? -13.297 13.230  -4.581  1.00 27.40 ? 92  GLY A CA  1 
ATOM   758  C C   . GLY A 1 92  ? -14.363 12.894  -5.596  1.00 30.84 ? 92  GLY A C   1 
ATOM   759  O O   . GLY A 1 92  ? -14.410 11.769  -6.104  1.00 32.99 ? 92  GLY A O   1 
ATOM   760  N N   . ASP A 1 93  ? -15.236 13.861  -5.869  1.00 31.19 ? 93  ASP A N   1 
ATOM   761  C CA  . ASP A 1 93  ? -16.310 13.683  -6.835  1.00 31.79 ? 93  ASP A CA  1 
ATOM   762  C C   . ASP A 1 93  ? -17.288 12.575  -6.416  1.00 28.10 ? 93  ASP A C   1 
ATOM   763  O O   . ASP A 1 93  ? -18.192 12.810  -5.607  1.00 25.87 ? 93  ASP A O   1 
ATOM   764  C CB  . ASP A 1 93  ? -15.704 13.400  -8.223  1.00 38.45 ? 93  ASP A CB  1 
ATOM   765  C CG  . ASP A 1 93  ? -16.711 13.533  -9.353  1.00 43.15 ? 93  ASP A CG  1 
ATOM   766  O OD1 . ASP A 1 93  ? -17.307 14.622  -9.510  1.00 49.02 ? 93  ASP A OD1 1 
ATOM   767  O OD2 . ASP A 1 93  ? -16.883 12.550  -10.104 1.00 47.03 ? 93  ASP A OD2 1 
ATOM   768  N N   . THR A 1 94  ? -17.075 11.365  -6.928  1.00 23.43 ? 94  THR A N   1 
ATOM   769  C CA  . THR A 1 94  ? -17.957 10.238  -6.633  1.00 20.54 ? 94  THR A CA  1 
ATOM   770  C C   . THR A 1 94  ? -17.361 9.141   -5.761  1.00 14.95 ? 94  THR A C   1 
ATOM   771  O O   . THR A 1 94  ? -18.025 8.144   -5.492  1.00 17.94 ? 94  THR A O   1 
ATOM   772  C CB  . THR A 1 94  ? -18.458 9.583   -7.935  1.00 22.05 ? 94  THR A CB  1 
ATOM   773  O OG1 . THR A 1 94  ? -17.338 9.246   -8.763  1.00 23.41 ? 94  THR A OG1 1 
ATOM   774  C CG2 . THR A 1 94  ? -19.367 10.533  -8.689  1.00 23.85 ? 94  THR A CG2 1 
ATOM   775  N N   . LEU A 1 95  ? -16.113 9.316   -5.339  1.00 11.08 ? 95  LEU A N   1 
ATOM   776  C CA  . LEU A 1 95  ? -15.434 8.324   -4.506  1.00 13.17 ? 95  LEU A CA  1 
ATOM   777  C C   . LEU A 1 95  ? -15.143 8.943   -3.139  1.00 14.04 ? 95  LEU A C   1 
ATOM   778  O O   . LEU A 1 95  ? -14.387 9.912   -3.034  1.00 17.89 ? 95  LEU A O   1 
ATOM   779  C CB  . LEU A 1 95  ? -14.113 7.907   -5.162  1.00 12.26 ? 95  LEU A CB  1 
ATOM   780  C CG  . LEU A 1 95  ? -13.642 6.444   -5.138  1.00 21.60 ? 95  LEU A CG  1 
ATOM   781  C CD1 . LEU A 1 95  ? -12.112 6.414   -5.251  1.00 19.59 ? 95  LEU A CD1 1 
ATOM   782  C CD2 . LEU A 1 95  ? -14.076 5.722   -3.877  1.00 19.51 ? 95  LEU A CD2 1 
ATOM   783  N N   . GLU A 1 96  ? -15.741 8.384   -2.094  1.00 13.81 ? 96  GLU A N   1 
ATOM   784  C CA  . GLU A 1 96  ? -15.542 8.898   -0.741  1.00 14.98 ? 96  GLU A CA  1 
ATOM   785  C C   . GLU A 1 96  ? -14.245 8.394   -0.117  1.00 16.24 ? 96  GLU A C   1 
ATOM   786  O O   . GLU A 1 96  ? -13.503 9.171   0.470   1.00 16.51 ? 96  GLU A O   1 
ATOM   787  C CB  . GLU A 1 96  ? -16.728 8.540   0.151   1.00 18.31 ? 96  GLU A CB  1 
ATOM   788  C CG  . GLU A 1 96  ? -16.704 9.199   1.522   1.00 19.69 ? 96  GLU A CG  1 
ATOM   789  C CD  . GLU A 1 96  ? -16.715 8.202   2.667   1.00 18.75 ? 96  GLU A CD  1 
ATOM   790  O OE1 . GLU A 1 96  ? -17.037 7.016   2.454   1.00 19.84 ? 96  GLU A OE1 1 
ATOM   791  O OE2 . GLU A 1 96  ? -16.403 8.615   3.795   1.00 23.87 ? 96  GLU A OE2 1 
ATOM   792  N N   . LYS A 1 97  ? -13.992 7.091   -0.214  1.00 16.30 ? 97  LYS A N   1 
ATOM   793  C CA  . LYS A 1 97  ? -12.765 6.530   0.337   1.00 18.98 ? 97  LYS A CA  1 
ATOM   794  C C   . LYS A 1 97  ? -12.482 5.120   -0.148  1.00 18.92 ? 97  LYS A C   1 
ATOM   795  O O   . LYS A 1 97  ? -13.326 4.491   -0.789  1.00 18.39 ? 97  LYS A O   1 
ATOM   796  C CB  . LYS A 1 97  ? -12.778 6.554   1.869   1.00 21.41 ? 97  LYS A CB  1 
ATOM   797  C CG  . LYS A 1 97  ? -13.552 5.442   2.543   1.00 25.63 ? 97  LYS A CG  1 
ATOM   798  C CD  . LYS A 1 97  ? -13.178 5.392   4.021   1.00 34.89 ? 97  LYS A CD  1 
ATOM   799  C CE  . LYS A 1 97  ? -13.717 4.153   4.723   1.00 41.08 ? 97  LYS A CE  1 
ATOM   800  N NZ  . LYS A 1 97  ? -15.203 4.144   4.793   1.00 42.92 ? 97  LYS A NZ  1 
ATOM   801  N N   . ILE A 1 98  ? -11.270 4.653   0.141   1.00 18.01 ? 98  ILE A N   1 
ATOM   802  C CA  . ILE A 1 98  ? -10.832 3.313   -0.234  1.00 17.47 ? 98  ILE A CA  1 
ATOM   803  C C   . ILE A 1 98  ? -10.304 2.608   1.012   1.00 17.77 ? 98  ILE A C   1 
ATOM   804  O O   . ILE A 1 98  ? -9.414  3.118   1.687   1.00 14.91 ? 98  ILE A O   1 
ATOM   805  C CB  . ILE A 1 98  ? -9.694  3.360   -1.279  1.00 18.81 ? 98  ILE A CB  1 
ATOM   806  C CG1 . ILE A 1 98  ? -10.091 4.252   -2.456  1.00 18.13 ? 98  ILE A CG1 1 
ATOM   807  C CG2 . ILE A 1 98  ? -9.385  1.944   -1.783  1.00 20.73 ? 98  ILE A CG2 1 
ATOM   808  C CD1 . ILE A 1 98  ? -8.940  4.632   -3.346  1.00 20.71 ? 98  ILE A CD1 1 
ATOM   809  N N   . SER A 1 99  ? -10.908 1.472   1.348   1.00 17.62 ? 99  SER A N   1 
ATOM   810  C CA  . SER A 1 99  ? -10.491 0.682   2.502   1.00 17.73 ? 99  SER A CA  1 
ATOM   811  C C   . SER A 1 99  ? -9.710  -0.500  1.960   1.00 17.67 ? 99  SER A C   1 
ATOM   812  O O   . SER A 1 99  ? -10.201 -1.238  1.106   1.00 13.67 ? 99  SER A O   1 
ATOM   813  C CB  . SER A 1 99  ? -11.703 0.185   3.289   1.00 16.86 ? 99  SER A CB  1 
ATOM   814  O OG  . SER A 1 99  ? -12.418 1.262   3.867   1.00 27.46 ? 99  SER A OG  1 
ATOM   815  N N   . ASN A 1 100 ? -8.488  -0.670  2.446   1.00 18.47 ? 100 ASN A N   1 
ATOM   816  C CA  . ASN A 1 100 ? -7.637  -1.754  1.980   1.00 18.35 ? 100 ASN A CA  1 
ATOM   817  C C   . ASN A 1 100 ? -7.237  -2.701  3.095   1.00 17.09 ? 100 ASN A C   1 
ATOM   818  O O   . ASN A 1 100 ? -7.090  -2.295  4.242   1.00 17.29 ? 100 ASN A O   1 
ATOM   819  C CB  . ASN A 1 100 ? -6.379  -1.182  1.327   1.00 18.22 ? 100 ASN A CB  1 
ATOM   820  C CG  . ASN A 1 100 ? -6.688  -0.093  0.317   1.00 22.51 ? 100 ASN A CG  1 
ATOM   821  O OD1 . ASN A 1 100 ? -6.287  1.056   0.484   1.00 28.12 ? 100 ASN A OD1 1 
ATOM   822  N ND2 . ASN A 1 100 ? -7.406  -0.449  -0.731  1.00 23.17 ? 100 ASN A ND2 1 
ATOM   823  N N   . GLU A 1 101 ? -7.112  -3.980  2.751   1.00 21.94 ? 101 GLU A N   1 
ATOM   824  C CA  . GLU A 1 101 ? -6.682  -5.001  3.698   1.00 23.68 ? 101 GLU A CA  1 
ATOM   825  C C   . GLU A 1 101 ? -5.639  -5.870  3.020   1.00 22.85 ? 101 GLU A C   1 
ATOM   826  O O   . GLU A 1 101 ? -5.866  -6.388  1.926   1.00 22.39 ? 101 GLU A O   1 
ATOM   827  C CB  . GLU A 1 101 ? -7.832  -5.893  4.171   1.00 26.15 ? 101 GLU A CB  1 
ATOM   828  C CG  . GLU A 1 101 ? -7.335  -7.040  5.057   1.00 32.27 ? 101 GLU A CG  1 
ATOM   829  C CD  . GLU A 1 101 ? -8.439  -7.940  5.567   1.00 33.43 ? 101 GLU A CD  1 
ATOM   830  O OE1 . GLU A 1 101 ? -8.834  -8.867  4.834   1.00 37.16 ? 101 GLU A OE1 1 
ATOM   831  O OE2 . GLU A 1 101 ? -8.893  -7.738  6.714   1.00 33.21 ? 101 GLU A OE2 1 
ATOM   832  N N   . ILE A 1 102 ? -4.483  -5.988  3.661   1.00 20.66 ? 102 ILE A N   1 
ATOM   833  C CA  . ILE A 1 102 ? -3.396  -6.805  3.148   1.00 21.46 ? 102 ILE A CA  1 
ATOM   834  C C   . ILE A 1 102 ? -3.101  -7.850  4.207   1.00 16.48 ? 102 ILE A C   1 
ATOM   835  O O   . ILE A 1 102 ? -2.944  -7.526  5.378   1.00 22.16 ? 102 ILE A O   1 
ATOM   836  C CB  . ILE A 1 102 ? -2.124  -5.970  2.891   1.00 19.04 ? 102 ILE A CB  1 
ATOM   837  C CG1 . ILE A 1 102 ? -2.422  -4.850  1.891   1.00 19.12 ? 102 ILE A CG1 1 
ATOM   838  C CG2 . ILE A 1 102 ? -1.000  -6.871  2.387   1.00 18.80 ? 102 ILE A CG2 1 
ATOM   839  C CD1 . ILE A 1 102 ? -1.193  -4.050  1.468   1.00 23.47 ? 102 ILE A CD1 1 
ATOM   840  N N   . LYS A 1 103 ? -3.060  -9.108  3.802   1.00 17.04 ? 103 LYS A N   1 
ATOM   841  C CA  . LYS A 1 103 ? -2.784  -10.182 4.738   1.00 20.39 ? 103 LYS A CA  1 
ATOM   842  C C   . LYS A 1 103 ? -1.675  -11.043 4.150   1.00 19.17 ? 103 LYS A C   1 
ATOM   843  O O   . LYS A 1 103 ? -1.768  -11.491 3.007   1.00 19.06 ? 103 LYS A O   1 
ATOM   844  C CB  . LYS A 1 103 ? -4.056  -10.993 4.964   1.00 23.89 ? 103 LYS A CB  1 
ATOM   845  C CG  . LYS A 1 103 ? -4.013  -11.965 6.117   1.00 33.53 ? 103 LYS A CG  1 
ATOM   846  C CD  . LYS A 1 103 ? -5.437  -12.330 6.537   1.00 43.15 ? 103 LYS A CD  1 
ATOM   847  C CE  . LYS A 1 103 ? -6.288  -12.814 5.353   1.00 49.57 ? 103 LYS A CE  1 
ATOM   848  N NZ  . LYS A 1 103 ? -7.744  -12.955 5.695   1.00 50.20 ? 103 LYS A NZ  1 
ATOM   849  N N   . ILE A 1 104 ? -0.601  -11.219 4.910   1.00 17.66 ? 104 ILE A N   1 
ATOM   850  C CA  . ILE A 1 104 ? 0.531   -12.010 4.454   1.00 17.40 ? 104 ILE A CA  1 
ATOM   851  C C   . ILE A 1 104 ? 0.434   -13.444 4.963   1.00 18.55 ? 104 ILE A C   1 
ATOM   852  O O   . ILE A 1 104 ? 0.307   -13.689 6.165   1.00 16.38 ? 104 ILE A O   1 
ATOM   853  C CB  . ILE A 1 104 ? 1.870   -11.344 4.846   1.00 17.33 ? 104 ILE A CB  1 
ATOM   854  C CG1 . ILE A 1 104 ? 1.959   -9.956  4.190   1.00 17.89 ? 104 ILE A CG1 1 
ATOM   855  C CG2 . ILE A 1 104 ? 3.045   -12.197 4.377   1.00 21.63 ? 104 ILE A CG2 1 
ATOM   856  C CD1 . ILE A 1 104 ? 3.222   -9.170  4.509   1.00 19.12 ? 104 ILE A CD1 1 
ATOM   857  N N   . VAL A 1 105 ? 0.438   -14.387 4.025   1.00 17.84 ? 105 VAL A N   1 
ATOM   858  C CA  . VAL A 1 105 ? 0.333   -15.802 4.356   1.00 19.56 ? 105 VAL A CA  1 
ATOM   859  C C   . VAL A 1 105 ? 1.590   -16.544 3.921   1.00 19.77 ? 105 VAL A C   1 
ATOM   860  O O   . VAL A 1 105 ? 2.085   -16.331 2.820   1.00 20.80 ? 105 VAL A O   1 
ATOM   861  C CB  . VAL A 1 105 ? -0.877  -16.448 3.647   1.00 18.84 ? 105 VAL A CB  1 
ATOM   862  C CG1 . VAL A 1 105 ? -1.078  -17.874 4.135   1.00 21.31 ? 105 VAL A CG1 1 
ATOM   863  C CG2 . VAL A 1 105 ? -2.131  -15.623 3.880   1.00 21.15 ? 105 VAL A CG2 1 
ATOM   864  N N   . ALA A 1 106 ? 2.104   -17.404 4.796   1.00 18.98 ? 106 ALA A N   1 
ATOM   865  C CA  . ALA A 1 106 ? 3.290   -18.193 4.496   1.00 17.90 ? 106 ALA A CA  1 
ATOM   866  C C   . ALA A 1 106 ? 2.897   -19.349 3.580   1.00 18.62 ? 106 ALA A C   1 
ATOM   867  O O   . ALA A 1 106 ? 1.806   -19.905 3.711   1.00 20.50 ? 106 ALA A O   1 
ATOM   868  C CB  . ALA A 1 106 ? 3.899   -18.729 5.788   1.00 20.20 ? 106 ALA A CB  1 
ATOM   869  N N   . THR A 1 107 ? 3.759   -19.668 2.619   1.00 17.53 ? 107 THR A N   1 
ATOM   870  C CA  . THR A 1 107 ? 3.498   -20.774 1.699   1.00 20.81 ? 107 THR A CA  1 
ATOM   871  C C   . THR A 1 107 ? 4.450   -21.934 2.004   1.00 21.65 ? 107 THR A C   1 
ATOM   872  O O   . THR A 1 107 ? 5.532   -21.727 2.560   1.00 18.64 ? 107 THR A O   1 
ATOM   873  C CB  . THR A 1 107 ? 3.636   -20.350 0.218   1.00 20.92 ? 107 THR A CB  1 
ATOM   874  O OG1 . THR A 1 107 ? 4.902   -19.718 0.010   1.00 24.84 ? 107 THR A OG1 1 
ATOM   875  C CG2 . THR A 1 107 ? 2.519   -19.405 -0.175  1.00 25.45 ? 107 THR A CG2 1 
ATOM   876  N N   . PRO A 1 108 ? 4.061   -23.167 1.626   1.00 25.22 ? 108 PRO A N   1 
ATOM   877  C CA  . PRO A 1 108 ? 4.842   -24.393 1.846   1.00 25.32 ? 108 PRO A CA  1 
ATOM   878  C C   . PRO A 1 108 ? 6.328   -24.358 1.494   1.00 20.50 ? 108 PRO A C   1 
ATOM   879  O O   . PRO A 1 108 ? 7.129   -24.985 2.173   1.00 25.66 ? 108 PRO A O   1 
ATOM   880  C CB  . PRO A 1 108 ? 4.087   -25.433 1.010   1.00 29.46 ? 108 PRO A CB  1 
ATOM   881  C CG  . PRO A 1 108 ? 2.657   -24.970 1.116   1.00 31.91 ? 108 PRO A CG  1 
ATOM   882  C CD  . PRO A 1 108 ? 2.796   -23.471 0.924   1.00 27.86 ? 108 PRO A CD  1 
ATOM   883  N N   . ASP A 1 109 ? 6.695   -23.627 0.446   1.00 19.80 ? 109 ASP A N   1 
ATOM   884  C CA  . ASP A 1 109 ? 8.094   -23.540 0.023   1.00 19.37 ? 109 ASP A CA  1 
ATOM   885  C C   . ASP A 1 109 ? 8.937   -22.549 0.837   1.00 21.45 ? 109 ASP A C   1 
ATOM   886  O O   . ASP A 1 109 ? 10.121  -22.372 0.567   1.00 20.31 ? 109 ASP A O   1 
ATOM   887  C CB  . ASP A 1 109 ? 8.172   -23.173 -1.458  1.00 20.06 ? 109 ASP A CB  1 
ATOM   888  C CG  . ASP A 1 109 ? 7.749   -21.733 -1.731  1.00 27.18 ? 109 ASP A CG  1 
ATOM   889  O OD1 . ASP A 1 109 ? 6.797   -21.260 -1.080  1.00 26.43 ? 109 ASP A OD1 1 
ATOM   890  O OD2 . ASP A 1 109 ? 8.376   -21.070 -2.589  1.00 28.18 ? 109 ASP A OD2 1 
ATOM   891  N N   . GLY A 1 110 ? 8.326   -21.896 1.822   1.00 24.07 ? 110 GLY A N   1 
ATOM   892  C CA  . GLY A 1 110 ? 9.048   -20.926 2.626   1.00 22.48 ? 110 GLY A CA  1 
ATOM   893  C C   . GLY A 1 110 ? 8.858   -19.483 2.182   1.00 19.67 ? 110 GLY A C   1 
ATOM   894  O O   . GLY A 1 110 ? 9.414   -18.566 2.784   1.00 21.68 ? 110 GLY A O   1 
ATOM   895  N N   . GLY A 1 111 ? 8.083   -19.281 1.120   1.00 19.14 ? 111 GLY A N   1 
ATOM   896  C CA  . GLY A 1 111 ? 7.831   -17.938 0.627   1.00 15.82 ? 111 GLY A CA  1 
ATOM   897  C C   . GLY A 1 111 ? 6.582   -17.339 1.250   1.00 16.36 ? 111 GLY A C   1 
ATOM   898  O O   . GLY A 1 111 ? 6.204   -17.705 2.362   1.00 17.01 ? 111 GLY A O   1 
ATOM   899  N N   . SER A 1 112 ? 5.918   -16.458 0.509   1.00 14.70 ? 112 SER A N   1 
ATOM   900  C CA  . SER A 1 112 ? 4.706   -15.793 0.976   1.00 18.29 ? 112 SER A CA  1 
ATOM   901  C C   . SER A 1 112 ? 3.799   -15.375 -0.171  1.00 18.75 ? 112 SER A C   1 
ATOM   902  O O   . SER A 1 112 ? 4.205   -15.352 -1.329  1.00 20.49 ? 112 SER A O   1 
ATOM   903  C CB  . SER A 1 112 ? 5.060   -14.522 1.755   1.00 16.36 ? 112 SER A CB  1 
ATOM   904  O OG  . SER A 1 112 ? 5.484   -14.820 3.061   1.00 28.00 ? 112 SER A OG  1 
ATOM   905  N N   . ILE A 1 113 ? 2.559   -15.056 0.178   1.00 21.92 ? 113 ILE A N   1 
ATOM   906  C CA  . ILE A 1 113 ? 1.577   -14.560 -0.772  1.00 21.21 ? 113 ILE A CA  1 
ATOM   907  C C   . ILE A 1 113 ? 0.838   -13.475 -0.022  1.00 22.74 ? 113 ILE A C   1 
ATOM   908  O O   . ILE A 1 113 ? 0.579   -13.595 1.177   1.00 23.74 ? 113 ILE A O   1 
ATOM   909  C CB  . ILE A 1 113 ? 0.560   -15.626 -1.245  1.00 23.75 ? 113 ILE A CB  1 
ATOM   910  C CG1 . ILE A 1 113 ? -0.107  -16.305 -0.058  1.00 25.85 ? 113 ILE A CG1 1 
ATOM   911  C CG2 . ILE A 1 113 ? 1.225   -16.630 -2.176  1.00 23.04 ? 113 ILE A CG2 1 
ATOM   912  C CD1 . ILE A 1 113 ? -1.208  -17.241 -0.464  1.00 36.90 ? 113 ILE A CD1 1 
ATOM   913  N N   . LEU A 1 114 ? 0.570   -12.378 -0.713  1.00 24.56 ? 114 LEU A N   1 
ATOM   914  C CA  . LEU A 1 114 ? -0.139  -11.263 -0.117  1.00 20.77 ? 114 LEU A CA  1 
ATOM   915  C C   . LEU A 1 114 ? -1.546  -11.232 -0.666  1.00 22.02 ? 114 LEU A C   1 
ATOM   916  O O   . LEU A 1 114 ? -1.742  -11.129 -1.874  1.00 23.94 ? 114 LEU A O   1 
ATOM   917  C CB  . LEU A 1 114 ? 0.562   -9.945  -0.433  1.00 19.08 ? 114 LEU A CB  1 
ATOM   918  C CG  . LEU A 1 114 ? 1.939   -9.693  0.183   1.00 21.11 ? 114 LEU A CG  1 
ATOM   919  C CD1 . LEU A 1 114 ? 2.991   -10.608 -0.439  1.00 23.07 ? 114 LEU A CD1 1 
ATOM   920  C CD2 . LEU A 1 114 ? 2.310   -8.245  -0.049  1.00 26.16 ? 114 LEU A CD2 1 
ATOM   921  N N   . LYS A 1 115 ? -2.520  -11.404 0.221   1.00 24.03 ? 115 LYS A N   1 
ATOM   922  C CA  . LYS A 1 115 ? -3.923  -11.362 -0.155  1.00 22.39 ? 115 LYS A CA  1 
ATOM   923  C C   . LYS A 1 115 ? -4.357  -9.918  0.051   1.00 22.70 ? 115 LYS A C   1 
ATOM   924  O O   . LYS A 1 115 ? -4.446  -9.448  1.188   1.00 23.56 ? 115 LYS A O   1 
ATOM   925  C CB  . LYS A 1 115 ? -4.738  -12.306 0.726   1.00 23.19 ? 115 LYS A CB  1 
ATOM   926  C CG  . LYS A 1 115 ? -4.454  -13.774 0.481   1.00 29.62 ? 115 LYS A CG  1 
ATOM   927  C CD  . LYS A 1 115 ? -5.307  -14.654 1.381   1.00 37.05 ? 115 LYS A CD  1 
ATOM   928  C CE  . LYS A 1 115 ? -5.308  -16.116 0.929   1.00 39.57 ? 115 LYS A CE  1 
ATOM   929  N NZ  . LYS A 1 115 ? -3.969  -16.754 1.001   1.00 41.12 ? 115 LYS A NZ  1 
ATOM   930  N N   . ILE A 1 116 ? -4.540  -9.200  -1.053  1.00 23.27 ? 116 ILE A N   1 
ATOM   931  C CA  . ILE A 1 116 ? -4.941  -7.794  -1.015  1.00 22.11 ? 116 ILE A CA  1 
ATOM   932  C C   . ILE A 1 116 ? -6.420  -7.624  -1.353  1.00 23.62 ? 116 ILE A C   1 
ATOM   933  O O   . ILE A 1 116 ? -6.936  -8.254  -2.275  1.00 21.14 ? 116 ILE A O   1 
ATOM   934  C CB  . ILE A 1 116 ? -4.108  -6.919  -2.000  1.00 22.58 ? 116 ILE A CB  1 
ATOM   935  C CG1 . ILE A 1 116 ? -2.610  -7.183  -1.825  1.00 22.42 ? 116 ILE A CG1 1 
ATOM   936  C CG2 . ILE A 1 116 ? -4.392  -5.434  -1.771  1.00 21.78 ? 116 ILE A CG2 1 
ATOM   937  C CD1 . ILE A 1 116 ? -2.048  -8.180  -2.830  1.00 24.33 ? 116 ILE A CD1 1 
ATOM   938  N N   . SER A 1 117 ? -7.080  -6.737  -0.617  1.00 22.33 ? 117 SER A N   1 
ATOM   939  C CA  . SER A 1 117 ? -8.493  -6.457  -0.811  1.00 24.69 ? 117 SER A CA  1 
ATOM   940  C C   . SER A 1 117 ? -8.697  -4.939  -0.837  1.00 22.84 ? 117 SER A C   1 
ATOM   941  O O   . SER A 1 117 ? -8.282  -4.238  0.087   1.00 21.71 ? 117 SER A O   1 
ATOM   942  C CB  . SER A 1 117 ? -9.291  -7.088  0.334   1.00 27.71 ? 117 SER A CB  1 
ATOM   943  O OG  . SER A 1 117 ? -10.680 -6.898  0.163   1.00 36.49 ? 117 SER A OG  1 
ATOM   944  N N   . ASN A 1 118 ? -9.278  -4.435  -1.924  1.00 23.29 ? 118 ASN A N   1 
ATOM   945  C CA  . ASN A 1 118 ? -9.543  -3.001  -2.089  1.00 23.24 ? 118 ASN A CA  1 
ATOM   946  C C   . ASN A 1 118 ? -11.040 -2.788  -2.118  1.00 21.09 ? 118 ASN A C   1 
ATOM   947  O O   . ASN A 1 118 ? -11.724 -3.276  -3.005  1.00 22.11 ? 118 ASN A O   1 
ATOM   948  C CB  . ASN A 1 118 ? -8.935  -2.454  -3.389  1.00 27.14 ? 118 ASN A CB  1 
ATOM   949  C CG  . ASN A 1 118 ? -7.414  -2.452  -3.382  1.00 31.99 ? 118 ASN A CG  1 
ATOM   950  O OD1 . ASN A 1 118 ? -6.770  -2.485  -2.328  1.00 38.12 ? 118 ASN A OD1 1 
ATOM   951  N ND2 . ASN A 1 118 ? -6.831  -2.415  -4.570  1.00 36.46 ? 118 ASN A ND2 1 
ATOM   952  N N   . LYS A 1 119 ? -11.535 -2.030  -1.157  1.00 20.82 ? 119 LYS A N   1 
ATOM   953  C CA  . LYS A 1 119 ? -12.959 -1.764  -1.046  1.00 24.20 ? 119 LYS A CA  1 
ATOM   954  C C   . LYS A 1 119 ? -13.248 -0.281  -1.324  1.00 22.14 ? 119 LYS A C   1 
ATOM   955  O O   . LYS A 1 119 ? -12.801 0.601   -0.589  1.00 21.51 ? 119 LYS A O   1 
ATOM   956  C CB  . LYS A 1 119 ? -13.427 -2.181  0.351   1.00 27.55 ? 119 LYS A CB  1 
ATOM   957  C CG  . LYS A 1 119 ? -14.908 -2.029  0.604   1.00 40.85 ? 119 LYS A CG  1 
ATOM   958  C CD  . LYS A 1 119 ? -15.261 -2.364  2.052   1.00 49.72 ? 119 LYS A CD  1 
ATOM   959  C CE  . LYS A 1 119 ? -16.696 -1.961  2.361   1.00 55.69 ? 119 LYS A CE  1 
ATOM   960  N NZ  . LYS A 1 119 ? -17.132 -2.191  3.765   1.00 59.68 ? 119 LYS A NZ  1 
ATOM   961  N N   . TYR A 1 120 ? -13.972 -0.011  -2.406  1.00 18.76 ? 120 TYR A N   1 
ATOM   962  C CA  . TYR A 1 120 ? -14.306 1.359   -2.790  1.00 15.75 ? 120 TYR A CA  1 
ATOM   963  C C   . TYR A 1 120 ? -15.691 1.782   -2.341  1.00 14.26 ? 120 TYR A C   1 
ATOM   964  O O   . TYR A 1 120 ? -16.643 1.025   -2.473  1.00 15.02 ? 120 TYR A O   1 
ATOM   965  C CB  . TYR A 1 120 ? -14.229 1.508   -4.303  1.00 16.49 ? 120 TYR A CB  1 
ATOM   966  C CG  . TYR A 1 120 ? -12.850 1.324   -4.875  1.00 14.62 ? 120 TYR A CG  1 
ATOM   967  C CD1 . TYR A 1 120 ? -12.266 0.061   -4.954  1.00 15.68 ? 120 TYR A CD1 1 
ATOM   968  C CD2 . TYR A 1 120 ? -12.139 2.412   -5.370  1.00 14.84 ? 120 TYR A CD2 1 
ATOM   969  C CE1 . TYR A 1 120 ? -11.001 -0.106  -5.512  1.00 16.73 ? 120 TYR A CE1 1 
ATOM   970  C CE2 . TYR A 1 120 ? -10.887 2.257   -5.927  1.00 15.23 ? 120 TYR A CE2 1 
ATOM   971  C CZ  . TYR A 1 120 ? -10.323 0.998   -5.996  1.00 17.25 ? 120 TYR A CZ  1 
ATOM   972  O OH  . TYR A 1 120 ? -9.070  0.865   -6.542  1.00 20.79 ? 120 TYR A OH  1 
ATOM   973  N N   . HIS A 1 121 ? -15.800 3.012   -1.848  1.00 17.08 ? 121 HIS A N   1 
ATOM   974  C CA  . HIS A 1 121 ? -17.079 3.570   -1.400  1.00 20.70 ? 121 HIS A CA  1 
ATOM   975  C C   . HIS A 1 121 ? -17.474 4.698   -2.359  1.00 19.71 ? 121 HIS A C   1 
ATOM   976  O O   . HIS A 1 121 ? -17.028 5.839   -2.228  1.00 17.32 ? 121 HIS A O   1 
ATOM   977  C CB  . HIS A 1 121 ? -16.965 4.092   0.033   1.00 23.94 ? 121 HIS A CB  1 
ATOM   978  C CG  . HIS A 1 121 ? -16.522 3.053   1.015   1.00 34.93 ? 121 HIS A CG  1 
ATOM   979  N ND1 . HIS A 1 121 ? -15.195 2.712   1.191   1.00 39.61 ? 121 HIS A ND1 1 
ATOM   980  C CD2 . HIS A 1 121 ? -17.225 2.254   1.852   1.00 37.22 ? 121 HIS A CD2 1 
ATOM   981  C CE1 . HIS A 1 121 ? -15.102 1.750   2.089   1.00 38.64 ? 121 HIS A CE1 1 
ATOM   982  N NE2 . HIS A 1 121 ? -16.321 1.453   2.508   1.00 39.15 ? 121 HIS A NE2 1 
ATOM   983  N N   . THR A 1 122 ? -18.296 4.357   -3.345  1.00 18.05 ? 122 THR A N   1 
ATOM   984  C CA  . THR A 1 122 ? -18.725 5.320   -4.349  1.00 18.52 ? 122 THR A CA  1 
ATOM   985  C C   . THR A 1 122 ? -20.104 5.943   -4.083  1.00 19.16 ? 122 THR A C   1 
ATOM   986  O O   . THR A 1 122 ? -20.850 5.497   -3.204  1.00 14.94 ? 122 THR A O   1 
ATOM   987  C CB  . THR A 1 122 ? -18.708 4.673   -5.746  1.00 16.99 ? 122 THR A CB  1 
ATOM   988  O OG1 . THR A 1 122 ? -19.683 3.626   -5.795  1.00 21.40 ? 122 THR A OG1 1 
ATOM   989  C CG2 . THR A 1 122 ? -17.344 4.067   -6.029  1.00 13.78 ? 122 THR A CG2 1 
ATOM   990  N N   . LYS A 1 123 ? -20.423 6.979   -4.858  1.00 20.97 ? 123 LYS A N   1 
ATOM   991  C CA  . LYS A 1 123 ? -21.695 7.692   -4.754  1.00 21.51 ? 123 LYS A CA  1 
ATOM   992  C C   . LYS A 1 123 ? -22.813 6.922   -5.434  1.00 20.58 ? 123 LYS A C   1 
ATOM   993  O O   . LYS A 1 123 ? -22.767 6.715   -6.643  1.00 20.63 ? 123 LYS A O   1 
ATOM   994  C CB  . LYS A 1 123 ? -21.599 9.065   -5.425  1.00 22.93 ? 123 LYS A CB  1 
ATOM   995  C CG  . LYS A 1 123 ? -22.866 9.907   -5.285  1.00 28.63 ? 123 LYS A CG  1 
ATOM   996  C CD  . LYS A 1 123 ? -22.643 11.359  -5.672  1.00 31.62 ? 123 LYS A CD  1 
ATOM   997  C CE  . LYS A 1 123 ? -23.878 12.189  -5.359  1.00 34.00 ? 123 LYS A CE  1 
ATOM   998  N NZ  . LYS A 1 123 ? -23.588 13.648  -5.415  1.00 35.60 ? 123 LYS A NZ  1 
ATOM   999  N N   . GLY A 1 124 ? -23.825 6.537   -4.661  1.00 20.94 ? 124 GLY A N   1 
ATOM   1000 C CA  . GLY A 1 124 ? -24.963 5.818   -5.207  1.00 19.02 ? 124 GLY A CA  1 
ATOM   1001 C C   . GLY A 1 124 ? -24.604 4.685   -6.147  1.00 21.75 ? 124 GLY A C   1 
ATOM   1002 O O   . GLY A 1 124 ? -23.946 3.723   -5.748  1.00 18.62 ? 124 GLY A O   1 
ATOM   1003 N N   . ASP A 1 125 ? -24.989 4.827   -7.413  1.00 19.40 ? 125 ASP A N   1 
ATOM   1004 C CA  . ASP A 1 125 ? -24.725 3.790   -8.407  1.00 19.56 ? 125 ASP A CA  1 
ATOM   1005 C C   . ASP A 1 125 ? -23.523 4.008   -9.314  1.00 17.97 ? 125 ASP A C   1 
ATOM   1006 O O   . ASP A 1 125 ? -23.373 3.340   -10.337 1.00 17.61 ? 125 ASP A O   1 
ATOM   1007 C CB  . ASP A 1 125 ? -25.981 3.527   -9.231  1.00 23.73 ? 125 ASP A CB  1 
ATOM   1008 C CG  . ASP A 1 125 ? -27.084 2.899   -8.412  1.00 25.17 ? 125 ASP A CG  1 
ATOM   1009 O OD1 . ASP A 1 125 ? -26.792 1.952   -7.646  1.00 27.01 ? 125 ASP A OD1 1 
ATOM   1010 O OD2 . ASP A 1 125 ? -28.238 3.354   -8.529  1.00 27.30 ? 125 ASP A OD2 1 
ATOM   1011 N N   . HIS A 1 126 ? -22.659 4.936   -8.929  1.00 19.42 ? 126 HIS A N   1 
ATOM   1012 C CA  . HIS A 1 126 ? -21.454 5.206   -9.699  1.00 21.12 ? 126 HIS A CA  1 
ATOM   1013 C C   . HIS A 1 126 ? -20.453 4.084   -9.494  1.00 20.19 ? 126 HIS A C   1 
ATOM   1014 O O   . HIS A 1 126 ? -20.375 3.499   -8.414  1.00 16.98 ? 126 HIS A O   1 
ATOM   1015 C CB  . HIS A 1 126 ? -20.835 6.536   -9.283  1.00 20.58 ? 126 HIS A CB  1 
ATOM   1016 C CG  . HIS A 1 126 ? -21.586 7.723   -9.788  1.00 22.76 ? 126 HIS A CG  1 
ATOM   1017 N ND1 . HIS A 1 126 ? -22.584 8.337   -9.066  1.00 26.42 ? 126 HIS A ND1 1 
ATOM   1018 C CD2 . HIS A 1 126 ? -21.488 8.404   -10.954 1.00 25.59 ? 126 HIS A CD2 1 
ATOM   1019 C CE1 . HIS A 1 126 ? -23.071 9.347   -9.762  1.00 26.94 ? 126 HIS A CE1 1 
ATOM   1020 N NE2 . HIS A 1 126 ? -22.422 9.410   -10.911 1.00 27.96 ? 126 HIS A NE2 1 
ATOM   1021 N N   . GLU A 1 127 ? -19.708 3.783   -10.550 1.00 20.74 ? 127 GLU A N   1 
ATOM   1022 C CA  . GLU A 1 127 ? -18.704 2.730   -10.530 1.00 22.10 ? 127 GLU A CA  1 
ATOM   1023 C C   . GLU A 1 127 ? -17.308 3.307   -10.695 1.00 22.94 ? 127 GLU A C   1 
ATOM   1024 O O   . GLU A 1 127 ? -17.144 4.465   -11.088 1.00 24.08 ? 127 GLU A O   1 
ATOM   1025 C CB  . GLU A 1 127 ? -18.969 1.741   -11.657 1.00 19.94 ? 127 GLU A CB  1 
ATOM   1026 C CG  . GLU A 1 127 ? -20.265 0.983   -11.511 1.00 28.81 ? 127 GLU A CG  1 
ATOM   1027 C CD  . GLU A 1 127 ? -20.549 0.110   -12.714 1.00 32.04 ? 127 GLU A CD  1 
ATOM   1028 O OE1 . GLU A 1 127 ? -19.692 -0.738  -13.047 1.00 31.98 ? 127 GLU A OE1 1 
ATOM   1029 O OE2 . GLU A 1 127 ? -21.623 0.284   -13.332 1.00 37.83 ? 127 GLU A OE2 1 
ATOM   1030 N N   . VAL A 1 128 ? -16.304 2.498   -10.374 1.00 19.73 ? 128 VAL A N   1 
ATOM   1031 C CA  . VAL A 1 128 ? -14.920 2.921   -10.512 1.00 20.18 ? 128 VAL A CA  1 
ATOM   1032 C C   . VAL A 1 128 ? -14.441 2.406   -11.858 1.00 19.55 ? 128 VAL A C   1 
ATOM   1033 O O   . VAL A 1 128 ? -14.968 1.417   -12.373 1.00 22.98 ? 128 VAL A O   1 
ATOM   1034 C CB  . VAL A 1 128 ? -14.016 2.370   -9.362  1.00 24.34 ? 128 VAL A CB  1 
ATOM   1035 C CG1 . VAL A 1 128 ? -14.767 2.409   -8.043  1.00 26.31 ? 128 VAL A CG1 1 
ATOM   1036 C CG2 . VAL A 1 128 ? -13.520 0.964   -9.660  1.00 22.84 ? 128 VAL A CG2 1 
ATOM   1037 N N   . LYS A 1 129 ? -13.478 3.097   -12.447 1.00 16.38 ? 129 LYS A N   1 
ATOM   1038 C CA  . LYS A 1 129 ? -12.943 2.691   -13.733 1.00 18.22 ? 129 LYS A CA  1 
ATOM   1039 C C   . LYS A 1 129 ? -11.820 1.678   -13.541 1.00 17.53 ? 129 LYS A C   1 
ATOM   1040 O O   . LYS A 1 129 ? -11.001 1.809   -12.632 1.00 17.96 ? 129 LYS A O   1 
ATOM   1041 C CB  . LYS A 1 129 ? -12.480 3.921   -14.507 1.00 23.59 ? 129 LYS A CB  1 
ATOM   1042 C CG  . LYS A 1 129 ? -13.645 4.828   -14.899 1.00 30.35 ? 129 LYS A CG  1 
ATOM   1043 C CD  . LYS A 1 129 ? -13.189 6.207   -15.365 1.00 39.04 ? 129 LYS A CD  1 
ATOM   1044 C CE  . LYS A 1 129 ? -12.404 6.935   -14.279 1.00 45.49 ? 129 LYS A CE  1 
ATOM   1045 N NZ  . LYS A 1 129 ? -12.071 8.342   -14.661 1.00 49.73 ? 129 LYS A NZ  1 
ATOM   1046 N N   . ALA A 1 130 ? -11.820 0.648   -14.382 1.00 17.41 ? 130 ALA A N   1 
ATOM   1047 C CA  . ALA A 1 130 ? -10.839 -0.428  -14.326 1.00 14.89 ? 130 ALA A CA  1 
ATOM   1048 C C   . ALA A 1 130 ? -9.386  0.025   -14.273 1.00 16.02 ? 130 ALA A C   1 
ATOM   1049 O O   . ALA A 1 130 ? -8.536  -0.684  -13.742 1.00 14.89 ? 130 ALA A O   1 
ATOM   1050 C CB  . ALA A 1 130 ? -11.044 -1.358  -15.486 1.00 16.12 ? 130 ALA A CB  1 
ATOM   1051 N N   . GLU A 1 131 ? -9.099  1.189   -14.851 1.00 16.30 ? 131 GLU A N   1 
ATOM   1052 C CA  . GLU A 1 131 ? -7.743  1.729   -14.857 1.00 19.76 ? 131 GLU A CA  1 
ATOM   1053 C C   . GLU A 1 131 ? -7.326  2.120   -13.451 1.00 21.36 ? 131 GLU A C   1 
ATOM   1054 O O   . GLU A 1 131 ? -6.162  1.997   -13.080 1.00 19.21 ? 131 GLU A O   1 
ATOM   1055 C CB  . GLU A 1 131 ? -7.640  2.935   -15.792 1.00 21.34 ? 131 GLU A CB  1 
ATOM   1056 C CG  . GLU A 1 131 ? -7.516  2.564   -17.260 1.00 25.05 ? 131 GLU A CG  1 
ATOM   1057 C CD  . GLU A 1 131 ? -6.310  1.676   -17.530 1.00 25.81 ? 131 GLU A CD  1 
ATOM   1058 O OE1 . GLU A 1 131 ? -5.178  2.197   -17.533 1.00 29.93 ? 131 GLU A OE1 1 
ATOM   1059 O OE2 . GLU A 1 131 ? -6.489  0.458   -17.728 1.00 24.22 ? 131 GLU A OE2 1 
ATOM   1060 N N   . GLN A 1 132 ? -8.293  2.611   -12.686 1.00 21.41 ? 132 GLN A N   1 
ATOM   1061 C CA  . GLN A 1 132 ? -8.069  3.005   -11.307 1.00 24.73 ? 132 GLN A CA  1 
ATOM   1062 C C   . GLN A 1 132 ? -7.688  1.755   -10.508 1.00 23.30 ? 132 GLN A C   1 
ATOM   1063 O O   . GLN A 1 132 ? -6.674  1.742   -9.813  1.00 23.74 ? 132 GLN A O   1 
ATOM   1064 C CB  . GLN A 1 132 ? -9.346  3.650   -10.753 1.00 27.83 ? 132 GLN A CB  1 
ATOM   1065 C CG  . GLN A 1 132 ? -9.350  3.920   -9.261  1.00 36.00 ? 132 GLN A CG  1 
ATOM   1066 C CD  . GLN A 1 132 ? -8.131  4.692   -8.789  1.00 41.77 ? 132 GLN A CD  1 
ATOM   1067 O OE1 . GLN A 1 132 ? -7.703  5.666   -9.417  1.00 42.54 ? 132 GLN A OE1 1 
ATOM   1068 N NE2 . GLN A 1 132 ? -7.565  4.258   -7.670  1.00 43.10 ? 132 GLN A NE2 1 
ATOM   1069 N N   . VAL A 1 133 ? -8.478  0.694   -10.660 1.00 22.38 ? 133 VAL A N   1 
ATOM   1070 C CA  . VAL A 1 133 ? -8.227  -0.569  -9.972  1.00 22.87 ? 133 VAL A CA  1 
ATOM   1071 C C   . VAL A 1 133 ? -6.858  -1.118  -10.382 1.00 25.34 ? 133 VAL A C   1 
ATOM   1072 O O   . VAL A 1 133 ? -6.034  -1.461  -9.531  1.00 23.20 ? 133 VAL A O   1 
ATOM   1073 C CB  . VAL A 1 133 ? -9.334  -1.612  -10.299 1.00 22.91 ? 133 VAL A CB  1 
ATOM   1074 C CG1 . VAL A 1 133 ? -8.970  -2.983  -9.741  1.00 22.89 ? 133 VAL A CG1 1 
ATOM   1075 C CG2 . VAL A 1 133 ? -10.665 -1.160  -9.719  1.00 23.79 ? 133 VAL A CG2 1 
ATOM   1076 N N   . LYS A 1 134 ? -6.606  -1.127  -11.688 1.00 24.69 ? 134 LYS A N   1 
ATOM   1077 C CA  . LYS A 1 134 ? -5.355  -1.620  -12.256 1.00 22.51 ? 134 LYS A CA  1 
ATOM   1078 C C   . LYS A 1 134 ? -4.125  -0.878  -11.728 1.00 21.58 ? 134 LYS A C   1 
ATOM   1079 O O   . LYS A 1 134 ? -3.116  -1.501  -11.399 1.00 18.74 ? 134 LYS A O   1 
ATOM   1080 C CB  . LYS A 1 134 ? -5.421  -1.541  -13.786 1.00 21.71 ? 134 LYS A CB  1 
ATOM   1081 C CG  . LYS A 1 134 ? -4.134  -1.889  -14.513 1.00 27.22 ? 134 LYS A CG  1 
ATOM   1082 C CD  . LYS A 1 134 ? -4.431  -2.274  -15.955 1.00 37.78 ? 134 LYS A CD  1 
ATOM   1083 C CE  . LYS A 1 134 ? -3.180  -2.324  -16.819 1.00 38.85 ? 134 LYS A CE  1 
ATOM   1084 N NZ  . LYS A 1 134 ? -2.733  -0.955  -17.199 1.00 46.86 ? 134 LYS A NZ  1 
ATOM   1085 N N   . ALA A 1 135 ? -4.229  0.443   -11.618 1.00 20.87 ? 135 ALA A N   1 
ATOM   1086 C CA  . ALA A 1 135 ? -3.136  1.284   -11.136 1.00 22.02 ? 135 ALA A CA  1 
ATOM   1087 C C   . ALA A 1 135 ? -2.759  0.990   -9.683  1.00 22.72 ? 135 ALA A C   1 
ATOM   1088 O O   . ALA A 1 135 ? -1.593  1.117   -9.304  1.00 22.19 ? 135 ALA A O   1 
ATOM   1089 C CB  . ALA A 1 135 ? -3.493  2.757   -11.305 1.00 21.54 ? 135 ALA A CB  1 
ATOM   1090 N N   . SER A 1 136 ? -3.747  0.622   -8.871  1.00 23.16 ? 136 SER A N   1 
ATOM   1091 C CA  . SER A 1 136 ? -3.500  0.295   -7.473  1.00 24.47 ? 136 SER A CA  1 
ATOM   1092 C C   . SER A 1 136 ? -2.743  -1.021  -7.372  1.00 24.74 ? 136 SER A C   1 
ATOM   1093 O O   . SER A 1 136 ? -1.855  -1.166  -6.531  1.00 23.89 ? 136 SER A O   1 
ATOM   1094 C CB  . SER A 1 136 ? -4.806  0.206   -6.691  1.00 24.61 ? 136 SER A CB  1 
ATOM   1095 O OG  . SER A 1 136 ? -5.305  1.499   -6.420  1.00 32.95 ? 136 SER A OG  1 
ATOM   1096 N N   . LYS A 1 137 ? -3.096  -1.976  -8.228  1.00 23.82 ? 137 LYS A N   1 
ATOM   1097 C CA  . LYS A 1 137 ? -2.419  -3.269  -8.241  1.00 27.95 ? 137 LYS A CA  1 
ATOM   1098 C C   . LYS A 1 137 ? -0.967  -3.083  -8.701  1.00 27.78 ? 137 LYS A C   1 
ATOM   1099 O O   . LYS A 1 137 ? -0.043  -3.657  -8.124  1.00 25.47 ? 137 LYS A O   1 
ATOM   1100 C CB  . LYS A 1 137 ? -3.139  -4.260  -9.166  1.00 30.75 ? 137 LYS A CB  1 
ATOM   1101 C CG  . LYS A 1 137 ? -4.616  -4.481  -8.840  1.00 39.48 ? 137 LYS A CG  1 
ATOM   1102 C CD  . LYS A 1 137 ? -5.173  -5.701  -9.574  1.00 45.81 ? 137 LYS A CD  1 
ATOM   1103 C CE  . LYS A 1 137 ? -6.708  -5.757  -9.541  1.00 50.80 ? 137 LYS A CE  1 
ATOM   1104 N NZ  . LYS A 1 137 ? -7.302  -5.663  -8.170  1.00 52.23 ? 137 LYS A NZ  1 
ATOM   1105 N N   . GLU A 1 138 ? -0.786  -2.228  -9.707  1.00 28.81 ? 138 GLU A N   1 
ATOM   1106 C CA  . GLU A 1 138 ? 0.524   -1.926  -10.285 1.00 28.84 ? 138 GLU A CA  1 
ATOM   1107 C C   . GLU A 1 138 ? 1.446   -1.301  -9.244  1.00 26.65 ? 138 GLU A C   1 
ATOM   1108 O O   . GLU A 1 138 ? 2.617   -1.673  -9.124  1.00 23.78 ? 138 GLU A O   1 
ATOM   1109 C CB  . GLU A 1 138 ? 0.359   -0.930  -11.431 1.00 34.26 ? 138 GLU A CB  1 
ATOM   1110 C CG  . GLU A 1 138 ? 1.298   -1.155  -12.594 1.00 42.02 ? 138 GLU A CG  1 
ATOM   1111 C CD  . GLU A 1 138 ? 0.706   -2.092  -13.620 1.00 47.64 ? 138 GLU A CD  1 
ATOM   1112 O OE1 . GLU A 1 138 ? 0.869   -3.323  -13.471 1.00 51.06 ? 138 GLU A OE1 1 
ATOM   1113 O OE2 . GLU A 1 138 ? 0.058   -1.593  -14.567 1.00 49.84 ? 138 GLU A OE2 1 
ATOM   1114 N N   . MET A 1 139 ? 0.909   -0.312  -8.539  1.00 22.74 ? 139 MET A N   1 
ATOM   1115 C CA  . MET A 1 139 ? 1.627   0.403   -7.496  1.00 24.49 ? 139 MET A CA  1 
ATOM   1116 C C   . MET A 1 139 ? 2.074   -0.596  -6.432  1.00 22.00 ? 139 MET A C   1 
ATOM   1117 O O   . MET A 1 139 ? 3.235   -0.603  -6.028  1.00 25.03 ? 139 MET A O   1 
ATOM   1118 C CB  . MET A 1 139 ? 0.708   1.458   -6.875  1.00 27.67 ? 139 MET A CB  1 
ATOM   1119 C CG  . MET A 1 139 ? 1.377   2.402   -5.896  1.00 35.82 ? 139 MET A CG  1 
ATOM   1120 S SD  . MET A 1 139 ? 2.600   3.438   -6.702  1.00 48.16 ? 139 MET A SD  1 
ATOM   1121 C CE  . MET A 1 139 ? 1.579   4.774   -7.309  1.00 42.60 ? 139 MET A CE  1 
ATOM   1122 N N   . GLY A 1 140 ? 1.155   -1.466  -6.024  1.00 20.22 ? 140 GLY A N   1 
ATOM   1123 C CA  . GLY A 1 140 ? 1.462   -2.462  -5.014  1.00 18.99 ? 140 GLY A CA  1 
ATOM   1124 C C   . GLY A 1 140 ? 2.585   -3.387  -5.431  1.00 20.59 ? 140 GLY A C   1 
ATOM   1125 O O   . GLY A 1 140 ? 3.525   -3.617  -4.669  1.00 19.96 ? 140 GLY A O   1 
ATOM   1126 N N   . GLU A 1 141 ? 2.508   -3.896  -6.656  1.00 20.94 ? 141 GLU A N   1 
ATOM   1127 C CA  . GLU A 1 141 ? 3.530   -4.802  -7.163  1.00 23.14 ? 141 GLU A CA  1 
ATOM   1128 C C   . GLU A 1 141 ? 4.912   -4.180  -7.213  1.00 22.43 ? 141 GLU A C   1 
ATOM   1129 O O   . GLU A 1 141 ? 5.873   -4.771  -6.728  1.00 20.65 ? 141 GLU A O   1 
ATOM   1130 C CB  . GLU A 1 141 ? 3.153   -5.334  -8.539  1.00 28.03 ? 141 GLU A CB  1 
ATOM   1131 C CG  . GLU A 1 141 ? 2.416   -6.657  -8.489  1.00 41.75 ? 141 GLU A CG  1 
ATOM   1132 C CD  . GLU A 1 141 ? 1.974   -7.147  -9.857  1.00 51.11 ? 141 GLU A CD  1 
ATOM   1133 O OE1 . GLU A 1 141 ? 2.395   -6.563  -10.883 1.00 55.52 ? 141 GLU A OE1 1 
ATOM   1134 O OE2 . GLU A 1 141 ? 1.195   -8.126  -9.904  1.00 55.28 ? 141 GLU A OE2 1 
ATOM   1135 N N   . THR A 1 142 ? 5.006   -2.971  -7.760  1.00 21.11 ? 142 THR A N   1 
ATOM   1136 C CA  . THR A 1 142 ? 6.295   -2.296  -7.865  1.00 23.58 ? 142 THR A CA  1 
ATOM   1137 C C   . THR A 1 142 ? 6.935   -2.064  -6.495  1.00 22.46 ? 142 THR A C   1 
ATOM   1138 O O   . THR A 1 142 ? 8.152   -2.195  -6.350  1.00 21.21 ? 142 THR A O   1 
ATOM   1139 C CB  . THR A 1 142 ? 6.188   -0.959  -8.627  1.00 24.23 ? 142 THR A CB  1 
ATOM   1140 O OG1 . THR A 1 142 ? 5.324   -0.069  -7.913  1.00 35.17 ? 142 THR A OG1 1 
ATOM   1141 C CG2 . THR A 1 142 ? 5.639   -1.182  -10.030 1.00 18.93 ? 142 THR A CG2 1 
ATOM   1142 N N   . LEU A 1 143 ? 6.120   -1.735  -5.493  1.00 16.93 ? 143 LEU A N   1 
ATOM   1143 C CA  . LEU A 1 143 ? 6.632   -1.510  -4.140  1.00 16.97 ? 143 LEU A CA  1 
ATOM   1144 C C   . LEU A 1 143 ? 7.142   -2.806  -3.510  1.00 15.66 ? 143 LEU A C   1 
ATOM   1145 O O   . LEU A 1 143 ? 8.210   -2.839  -2.890  1.00 14.57 ? 143 LEU A O   1 
ATOM   1146 C CB  . LEU A 1 143 ? 5.548   -0.898  -3.253  1.00 16.42 ? 143 LEU A CB  1 
ATOM   1147 C CG  . LEU A 1 143 ? 5.098   0.509   -3.649  1.00 14.45 ? 143 LEU A CG  1 
ATOM   1148 C CD1 . LEU A 1 143 ? 4.011   0.968   -2.707  1.00 14.17 ? 143 LEU A CD1 1 
ATOM   1149 C CD2 . LEU A 1 143 ? 6.274   1.472   -3.620  1.00 17.05 ? 143 LEU A CD2 1 
ATOM   1150 N N   . LEU A 1 144 ? 6.373   -3.875  -3.687  1.00 15.95 ? 144 LEU A N   1 
ATOM   1151 C CA  . LEU A 1 144 ? 6.729   -5.180  -3.155  1.00 15.56 ? 144 LEU A CA  1 
ATOM   1152 C C   . LEU A 1 144 ? 8.023   -5.676  -3.786  1.00 16.94 ? 144 LEU A C   1 
ATOM   1153 O O   . LEU A 1 144 ? 8.914   -6.158  -3.085  1.00 14.95 ? 144 LEU A O   1 
ATOM   1154 C CB  . LEU A 1 144 ? 5.600   -6.185  -3.416  1.00 15.15 ? 144 LEU A CB  1 
ATOM   1155 C CG  . LEU A 1 144 ? 5.837   -7.634  -2.992  1.00 16.02 ? 144 LEU A CG  1 
ATOM   1156 C CD1 . LEU A 1 144 ? 5.999   -7.726  -1.488  1.00 17.10 ? 144 LEU A CD1 1 
ATOM   1157 C CD2 . LEU A 1 144 ? 4.674   -8.483  -3.442  1.00 21.57 ? 144 LEU A CD2 1 
ATOM   1158 N N   . ARG A 1 145 ? 8.130   -5.556  -5.107  1.00 17.08 ? 145 ARG A N   1 
ATOM   1159 C CA  . ARG A 1 145 ? 9.328   -6.002  -5.807  1.00 18.77 ? 145 ARG A CA  1 
ATOM   1160 C C   . ARG A 1 145 ? 10.535  -5.188  -5.383  1.00 16.51 ? 145 ARG A C   1 
ATOM   1161 O O   . ARG A 1 145 ? 11.627  -5.731  -5.227  1.00 18.22 ? 145 ARG A O   1 
ATOM   1162 C CB  . ARG A 1 145 ? 9.134   -5.940  -7.324  1.00 23.74 ? 145 ARG A CB  1 
ATOM   1163 C CG  . ARG A 1 145 ? 8.226   -7.034  -7.850  1.00 31.90 ? 145 ARG A CG  1 
ATOM   1164 C CD  . ARG A 1 145 ? 7.259   -6.506  -8.892  1.00 48.58 ? 145 ARG A CD  1 
ATOM   1165 N NE  . ARG A 1 145 ? 7.787   -6.515  -10.256 1.00 57.94 ? 145 ARG A NE  1 
ATOM   1166 C CZ  . ARG A 1 145 ? 7.377   -5.696  -11.226 1.00 62.96 ? 145 ARG A CZ  1 
ATOM   1167 N NH1 . ARG A 1 145 ? 6.439   -4.784  -10.989 1.00 62.58 ? 145 ARG A NH1 1 
ATOM   1168 N NH2 . ARG A 1 145 ? 7.877   -5.819  -12.450 1.00 67.06 ? 145 ARG A NH2 1 
ATOM   1169 N N   . ALA A 1 146 ? 10.326  -3.894  -5.156  1.00 14.35 ? 146 ALA A N   1 
ATOM   1170 C CA  . ALA A 1 146 ? 11.407  -3.009  -4.737  1.00 13.11 ? 146 ALA A CA  1 
ATOM   1171 C C   . ALA A 1 146 ? 11.921  -3.412  -3.364  1.00 14.07 ? 146 ALA A C   1 
ATOM   1172 O O   . ALA A 1 146 ? 13.128  -3.473  -3.141  1.00 17.93 ? 146 ALA A O   1 
ATOM   1173 C CB  . ALA A 1 146 ? 10.933  -1.565  -4.710  1.00 10.92 ? 146 ALA A CB  1 
ATOM   1174 N N   . VAL A 1 147 ? 10.995  -3.661  -2.439  1.00 15.91 ? 147 VAL A N   1 
ATOM   1175 C CA  . VAL A 1 147 ? 11.349  -4.053  -1.075  1.00 14.37 ? 147 VAL A CA  1 
ATOM   1176 C C   . VAL A 1 147 ? 11.990  -5.438  -1.120  1.00 16.81 ? 147 VAL A C   1 
ATOM   1177 O O   . VAL A 1 147 ? 12.949  -5.721  -0.402  1.00 15.88 ? 147 VAL A O   1 
ATOM   1178 C CB  . VAL A 1 147 ? 10.101  -4.052  -0.143  1.00 17.85 ? 147 VAL A CB  1 
ATOM   1179 C CG1 . VAL A 1 147 ? 10.395  -4.774  1.163   1.00 16.21 ? 147 VAL A CG1 1 
ATOM   1180 C CG2 . VAL A 1 147 ? 9.675   -2.622  0.150   1.00 13.45 ? 147 VAL A CG2 1 
ATOM   1181 N N   . GLU A 1 148 ? 11.499  -6.259  -2.038  1.00 15.28 ? 148 GLU A N   1 
ATOM   1182 C CA  . GLU A 1 148 ? 11.995  -7.608  -2.232  1.00 17.14 ? 148 GLU A CA  1 
ATOM   1183 C C   . GLU A 1 148 ? 13.464  -7.592  -2.685  1.00 15.97 ? 148 GLU A C   1 
ATOM   1184 O O   . GLU A 1 148 ? 14.295  -8.310  -2.124  1.00 14.87 ? 148 GLU A O   1 
ATOM   1185 C CB  . GLU A 1 148 ? 11.116  -8.317  -3.258  1.00 17.04 ? 148 GLU A CB  1 
ATOM   1186 C CG  . GLU A 1 148 ? 11.159  -9.818  -3.190  1.00 24.56 ? 148 GLU A CG  1 
ATOM   1187 C CD  . GLU A 1 148 ? 10.091  -10.462 -4.052  1.00 25.91 ? 148 GLU A CD  1 
ATOM   1188 O OE1 . GLU A 1 148 ? 9.797   -9.940  -5.147  1.00 27.22 ? 148 GLU A OE1 1 
ATOM   1189 O OE2 . GLU A 1 148 ? 9.546   -11.497 -3.632  1.00 26.41 ? 148 GLU A OE2 1 
ATOM   1190 N N   . SER A 1 149 ? 13.792  -6.738  -3.654  1.00 12.45 ? 149 SER A N   1 
ATOM   1191 C CA  . SER A 1 149 ? 15.161  -6.634  -4.154  1.00 13.29 ? 149 SER A CA  1 
ATOM   1192 C C   . SER A 1 149 ? 16.075  -6.139  -3.040  1.00 15.74 ? 149 SER A C   1 
ATOM   1193 O O   . SER A 1 149 ? 17.202  -6.619  -2.872  1.00 14.15 ? 149 SER A O   1 
ATOM   1194 C CB  . SER A 1 149 ? 15.238  -5.668  -5.337  1.00 15.33 ? 149 SER A CB  1 
ATOM   1195 O OG  . SER A 1 149 ? 14.412  -6.094  -6.400  1.00 29.74 ? 149 SER A OG  1 
ATOM   1196 N N   . TYR A 1 150 ? 15.574  -5.178  -2.271  1.00 15.80 ? 150 TYR A N   1 
ATOM   1197 C CA  . TYR A 1 150 ? 16.333  -4.619  -1.164  1.00 14.13 ? 150 TYR A CA  1 
ATOM   1198 C C   . TYR A 1 150 ? 16.746  -5.703  -0.167  1.00 14.55 ? 150 TYR A C   1 
ATOM   1199 O O   . TYR A 1 150 ? 17.923  -5.836  0.166   1.00 12.99 ? 150 TYR A O   1 
ATOM   1200 C CB  . TYR A 1 150 ? 15.512  -3.548  -0.455  1.00 11.37 ? 150 TYR A CB  1 
ATOM   1201 C CG  . TYR A 1 150 ? 16.249  -2.899  0.680   1.00 13.80 ? 150 TYR A CG  1 
ATOM   1202 C CD1 . TYR A 1 150 ? 17.191  -1.904  0.437   1.00 16.84 ? 150 TYR A CD1 1 
ATOM   1203 C CD2 . TYR A 1 150 ? 16.026  -3.292  1.998   1.00 14.85 ? 150 TYR A CD2 1 
ATOM   1204 C CE1 . TYR A 1 150 ? 17.895  -1.313  1.473   1.00 17.42 ? 150 TYR A CE1 1 
ATOM   1205 C CE2 . TYR A 1 150 ? 16.728  -2.708  3.043   1.00 20.14 ? 150 TYR A CE2 1 
ATOM   1206 C CZ  . TYR A 1 150 ? 17.663  -1.720  2.770   1.00 16.97 ? 150 TYR A CZ  1 
ATOM   1207 O OH  . TYR A 1 150 ? 18.377  -1.146  3.795   1.00 21.93 ? 150 TYR A OH  1 
ATOM   1208 N N   . LEU A 1 151 ? 15.775  -6.491  0.281   1.00 14.00 ? 151 LEU A N   1 
ATOM   1209 C CA  . LEU A 1 151 ? 16.033  -7.554  1.246   1.00 16.02 ? 151 LEU A CA  1 
ATOM   1210 C C   . LEU A 1 151 ? 17.006  -8.611  0.722   1.00 17.77 ? 151 LEU A C   1 
ATOM   1211 O O   . LEU A 1 151 ? 17.838  -9.117  1.474   1.00 18.34 ? 151 LEU A O   1 
ATOM   1212 C CB  . LEU A 1 151 ? 14.718  -8.212  1.681   1.00 10.17 ? 151 LEU A CB  1 
ATOM   1213 C CG  . LEU A 1 151 ? 13.767  -7.325  2.492   1.00 11.70 ? 151 LEU A CG  1 
ATOM   1214 C CD1 . LEU A 1 151 ? 12.441  -8.020  2.720   1.00 9.61  ? 151 LEU A CD1 1 
ATOM   1215 C CD2 . LEU A 1 151 ? 14.418  -6.939  3.817   1.00 10.83 ? 151 LEU A CD2 1 
ATOM   1216 N N   . LEU A 1 152 ? 16.917  -8.923  -0.570  1.00 17.74 ? 152 LEU A N   1 
ATOM   1217 C CA  . LEU A 1 152 ? 17.789  -9.930  -1.168  1.00 17.23 ? 152 LEU A CA  1 
ATOM   1218 C C   . LEU A 1 152 ? 19.234  -9.451  -1.260  1.00 17.69 ? 152 LEU A C   1 
ATOM   1219 O O   . LEU A 1 152 ? 20.162  -10.253 -1.156  1.00 17.50 ? 152 LEU A O   1 
ATOM   1220 C CB  . LEU A 1 152 ? 17.275  -10.343 -2.555  1.00 13.90 ? 152 LEU A CB  1 
ATOM   1221 C CG  . LEU A 1 152 ? 15.936  -11.089 -2.602  1.00 19.15 ? 152 LEU A CG  1 
ATOM   1222 C CD1 . LEU A 1 152 ? 15.521  -11.354 -4.034  1.00 14.09 ? 152 LEU A CD1 1 
ATOM   1223 C CD2 . LEU A 1 152 ? 16.032  -12.389 -1.835  1.00 16.61 ? 152 LEU A CD2 1 
ATOM   1224 N N   . ALA A 1 153 ? 19.415  -8.142  -1.430  1.00 17.20 ? 153 ALA A N   1 
ATOM   1225 C CA  . ALA A 1 153 ? 20.748  -7.556  -1.536  1.00 16.90 ? 153 ALA A CA  1 
ATOM   1226 C C   . ALA A 1 153 ? 21.325  -7.190  -0.174  1.00 17.92 ? 153 ALA A C   1 
ATOM   1227 O O   . ALA A 1 153 ? 22.513  -6.891  -0.052  1.00 17.76 ? 153 ALA A O   1 
ATOM   1228 C CB  . ALA A 1 153 ? 20.713  -6.332  -2.436  1.00 15.30 ? 153 ALA A CB  1 
ATOM   1229 N N   . HIS A 1 154 ? 20.471  -7.192  0.843   1.00 17.95 ? 154 HIS A N   1 
ATOM   1230 C CA  . HIS A 1 154 ? 20.883  -6.867  2.203   1.00 17.92 ? 154 HIS A CA  1 
ATOM   1231 C C   . HIS A 1 154 ? 20.369  -7.986  3.096   1.00 17.46 ? 154 HIS A C   1 
ATOM   1232 O O   . HIS A 1 154 ? 19.386  -7.812  3.810   1.00 16.85 ? 154 HIS A O   1 
ATOM   1233 C CB  . HIS A 1 154 ? 20.274  -5.523  2.631   1.00 22.93 ? 154 HIS A CB  1 
ATOM   1234 C CG  . HIS A 1 154 ? 20.662  -4.374  1.751   1.00 25.08 ? 154 HIS A CG  1 
ATOM   1235 N ND1 . HIS A 1 154 ? 19.929  -3.998  0.643   1.00 26.44 ? 154 HIS A ND1 1 
ATOM   1236 C CD2 . HIS A 1 154 ? 21.729  -3.540  1.789   1.00 25.44 ? 154 HIS A CD2 1 
ATOM   1237 C CE1 . HIS A 1 154 ? 20.528  -2.991  0.038   1.00 28.07 ? 154 HIS A CE1 1 
ATOM   1238 N NE2 . HIS A 1 154 ? 21.625  -2.692  0.713   1.00 26.36 ? 154 HIS A NE2 1 
ATOM   1239 N N   . SER A 1 155 ? 21.038  -9.137  3.042   1.00 20.28 ? 155 SER A N   1 
ATOM   1240 C CA  . SER A 1 155 ? 20.642  -10.314 3.816   1.00 19.75 ? 155 SER A CA  1 
ATOM   1241 C C   . SER A 1 155 ? 20.572  -10.120 5.328   1.00 22.28 ? 155 SER A C   1 
ATOM   1242 O O   . SER A 1 155 ? 19.907  -10.889 6.022   1.00 22.02 ? 155 SER A O   1 
ATOM   1243 C CB  . SER A 1 155 ? 21.529  -11.520 3.471   1.00 21.21 ? 155 SER A CB  1 
ATOM   1244 O OG  . SER A 1 155 ? 22.891  -11.296 3.802   1.00 21.99 ? 155 SER A OG  1 
ATOM   1245 N N   . ASP A 1 156 ? 21.238  -9.087  5.838   1.00 27.80 ? 156 ASP A N   1 
ATOM   1246 C CA  . ASP A 1 156 ? 21.227  -8.799  7.277   1.00 32.67 ? 156 ASP A CA  1 
ATOM   1247 C C   . ASP A 1 156 ? 20.020  -7.949  7.698   1.00 31.15 ? 156 ASP A C   1 
ATOM   1248 O O   . ASP A 1 156 ? 19.659  -7.913  8.873   1.00 29.78 ? 156 ASP A O   1 
ATOM   1249 C CB  . ASP A 1 156 ? 22.527  -8.102  7.697   1.00 39.14 ? 156 ASP A CB  1 
ATOM   1250 C CG  . ASP A 1 156 ? 22.720  -6.759  7.011   1.00 48.83 ? 156 ASP A CG  1 
ATOM   1251 O OD1 . ASP A 1 156 ? 22.953  -6.736  5.780   1.00 50.85 ? 156 ASP A OD1 1 
ATOM   1252 O OD2 . ASP A 1 156 ? 22.630  -5.723  7.705   1.00 57.41 ? 156 ASP A OD2 1 
ATOM   1253 N N   . ALA A 1 157 ? 19.396  -7.285  6.727   1.00 29.51 ? 157 ALA A N   1 
ATOM   1254 C CA  . ALA A 1 157 ? 18.236  -6.430  6.971   1.00 27.73 ? 157 ALA A CA  1 
ATOM   1255 C C   . ALA A 1 157 ? 17.002  -7.206  7.418   1.00 26.09 ? 157 ALA A C   1 
ATOM   1256 O O   . ALA A 1 157 ? 16.664  -8.245  6.846   1.00 22.27 ? 157 ALA A O   1 
ATOM   1257 C CB  . ALA A 1 157 ? 17.913  -5.618  5.716   1.00 28.69 ? 157 ALA A CB  1 
ATOM   1258 N N   . TYR A 1 158 ? 16.320  -6.670  8.427   1.00 21.94 ? 158 TYR A N   1 
ATOM   1259 C CA  . TYR A 1 158 ? 15.108  -7.272  8.976   1.00 25.62 ? 158 TYR A CA  1 
ATOM   1260 C C   . TYR A 1 158 ? 15.310  -8.741  9.288   1.00 32.96 ? 158 TYR A C   1 
ATOM   1261 O O   . TYR A 1 158 ? 14.396  -9.558  9.162   1.00 33.67 ? 158 TYR A O   1 
ATOM   1262 C CB  . TYR A 1 158 ? 13.933  -7.051  8.018   1.00 22.14 ? 158 TYR A CB  1 
ATOM   1263 C CG  . TYR A 1 158 ? 13.700  -5.585  7.780   1.00 18.76 ? 158 TYR A CG  1 
ATOM   1264 C CD1 . TYR A 1 158 ? 12.950  -4.829  8.683   1.00 17.29 ? 158 TYR A CD1 1 
ATOM   1265 C CD2 . TYR A 1 158 ? 14.338  -4.921  6.730   1.00 17.06 ? 158 TYR A CD2 1 
ATOM   1266 C CE1 . TYR A 1 158 ? 12.853  -3.445  8.558   1.00 15.32 ? 158 TYR A CE1 1 
ATOM   1267 C CE2 . TYR A 1 158 ? 14.250  -3.537  6.598   1.00 17.38 ? 158 TYR A CE2 1 
ATOM   1268 C CZ  . TYR A 1 158 ? 13.509  -2.809  7.520   1.00 14.66 ? 158 TYR A CZ  1 
ATOM   1269 O OH  . TYR A 1 158 ? 13.471  -1.444  7.432   1.00 19.87 ? 158 TYR A OH  1 
ATOM   1270 N N   . ASN A 1 159 ? 16.517  -9.051  9.751   1.00 42.32 ? 159 ASN A N   1 
ATOM   1271 C CA  . ASN A 1 159 ? 16.901  -10.412 10.085  1.00 50.56 ? 159 ASN A CA  1 
ATOM   1272 C C   . ASN A 1 159 ? 17.968  -10.355 11.180  1.00 54.61 ? 159 ASN A C   1 
ATOM   1273 O O   . ASN A 1 159 ? 19.160  -10.149 10.850  1.00 56.89 ? 159 ASN A O   1 
ATOM   1274 C CB  . ASN A 1 159 ? 17.449  -11.114 8.836   1.00 52.19 ? 159 ASN A CB  1 
ATOM   1275 C CG  . ASN A 1 159 ? 17.302  -12.614 8.898   1.00 55.69 ? 159 ASN A CG  1 
ATOM   1276 O OD1 . ASN A 1 159 ? 16.568  -13.207 8.108   1.00 56.23 ? 159 ASN A OD1 1 
ATOM   1277 N ND2 . ASN A 1 159 ? 18.001  -13.241 9.836   1.00 62.13 ? 159 ASN A ND2 1 
ATOM   1278 O OXT . ASN A 1 159 ? 17.588  -10.481 12.364  1.00 58.85 ? 159 ASN A OXT 1 
HETATM 1279 O O   . HOH B 2 .   ? -19.498 15.338  -5.314  1.00 33.77 ? 200 HOH A O   1 
HETATM 1280 O O   . HOH B 2 .   ? -12.562 11.811  -8.113  1.00 35.04 ? 201 HOH A O   1 
HETATM 1281 O O   . HOH B 2 .   ? -9.609  14.619  -1.639  1.00 13.43 ? 202 HOH A O   1 
HETATM 1282 O O   . HOH B 2 .   ? -12.595 10.464  2.998   1.00 28.58 ? 203 HOH A O   1 
HETATM 1283 O O   . HOH B 2 .   ? -16.895 11.057  5.491   1.00 18.28 ? 204 HOH A O   1 
HETATM 1284 O O   . HOH B 2 .   ? -4.888  -0.980  -19.168 1.00 27.74 ? 205 HOH A O   1 
HETATM 1285 O O   . HOH B 2 .   ? -23.301 -1.623  -3.157  1.00 41.61 ? 206 HOH A O   1 
HETATM 1286 O O   . HOH B 2 .   ? -11.535 -8.939  -7.739  1.00 35.04 ? 207 HOH A O   1 
HETATM 1287 O O   . HOH B 2 .   ? -17.288 -0.087  -9.353  1.00 30.65 ? 208 HOH A O   1 
HETATM 1288 O O   . HOH B 2 .   ? -30.667 2.751   -7.516  1.00 37.25 ? 209 HOH A O   1 
HETATM 1289 O O   . HOH B 2 .   ? -11.989 5.326   -10.762 1.00 29.88 ? 210 HOH A O   1 
HETATM 1290 O O   . HOH B 2 .   ? 22.683  0.072   -0.273  1.00 53.79 ? 211 HOH A O   1 
HETATM 1291 O O   . HOH B 2 .   ? -9.109  1.965   13.797  1.00 24.53 ? 212 HOH A O   1 
HETATM 1292 O O   . HOH B 2 .   ? -9.489  -0.759  6.201   1.00 27.43 ? 213 HOH A O   1 
HETATM 1293 O O   . HOH B 2 .   ? 5.450   -10.107 -7.089  1.00 31.88 ? 214 HOH A O   1 
HETATM 1294 O O   . HOH B 2 .   ? 7.917   -18.270 -3.149  1.00 17.79 ? 215 HOH A O   1 
HETATM 1295 O O   . HOH B 2 .   ? 4.896   -18.257 -2.400  1.00 36.53 ? 216 HOH A O   1 
HETATM 1296 O O   . HOH B 2 .   ? -20.523 6.106   -13.579 1.00 26.80 ? 217 HOH A O   1 
HETATM 1297 O O   . HOH B 2 .   ? 7.598   -16.494 8.101   1.00 47.82 ? 218 HOH A O   1 
HETATM 1298 O O   . HOH B 2 .   ? 18.328  -8.320  -4.754  1.00 34.67 ? 219 HOH A O   1 
HETATM 1299 O O   . HOH B 2 .   ? 16.649  3.320   6.879   1.00 22.64 ? 220 HOH A O   1 
HETATM 1300 O O   . HOH B 2 .   ? 6.506   8.209   7.931   1.00 44.59 ? 221 HOH A O   1 
HETATM 1301 O O   . HOH B 2 .   ? 3.917   1.509   11.127  1.00 42.87 ? 222 HOH A O   1 
HETATM 1302 O O   . HOH B 2 .   ? 9.917   -2.117  -8.414  1.00 18.88 ? 223 HOH A O   1 
HETATM 1303 O O   . HOH B 2 .   ? -20.394 4.690   -0.481  1.00 36.42 ? 224 HOH A O   1 
HETATM 1304 O O   . HOH B 2 .   ? -13.234 13.184  3.557   1.00 25.11 ? 225 HOH A O   1 
HETATM 1305 O O   . HOH B 2 .   ? 24.897  -5.928  9.253   1.00 58.04 ? 226 HOH A O   1 
HETATM 1306 O O   . HOH B 2 .   ? -1.233  -15.278 8.061   1.00 46.25 ? 227 HOH A O   1 
HETATM 1307 O O   . HOH B 2 .   ? 12.460  -4.572  -8.550  1.00 37.27 ? 228 HOH A O   1 
HETATM 1308 O O   . HOH B 2 .   ? 15.230  -2.130  -4.419  1.00 27.54 ? 229 HOH A O   1 
HETATM 1309 O O   . HOH B 2 .   ? 0.485   3.172   4.223   1.00 27.53 ? 230 HOH A O   1 
HETATM 1310 O O   . HOH B 2 .   ? -3.508  8.779   16.288  1.00 44.01 ? 231 HOH A O   1 
HETATM 1311 O O   . HOH B 2 .   ? 0.191   12.505  17.287  1.00 28.51 ? 232 HOH A O   1 
HETATM 1312 O O   . HOH B 2 .   ? -7.437  3.912   16.513  1.00 33.47 ? 233 HOH A O   1 
HETATM 1313 O O   . HOH B 2 .   ? -10.387 -6.705  10.281  1.00 59.29 ? 234 HOH A O   1 
HETATM 1314 O O   . HOH B 2 .   ? -28.960 5.969   -8.377  1.00 52.95 ? 235 HOH A O   1 
HETATM 1315 O O   . HOH B 2 .   ? -9.167  -3.737  -13.327 1.00 29.09 ? 236 HOH A O   1 
HETATM 1316 O O   . HOH B 2 .   ? -5.406  10.597  18.360  1.00 46.36 ? 237 HOH A O   1 
HETATM 1317 O O   . HOH B 2 .   ? -16.209 6.928   6.240   1.00 39.91 ? 238 HOH A O   1 
HETATM 1318 O O   . HOH B 2 .   ? 1.161   18.534  5.025   1.00 52.68 ? 239 HOH A O   1 
HETATM 1319 O O   . HOH B 2 .   ? 11.034  10.511  -5.799  1.00 37.08 ? 240 HOH A O   1 
HETATM 1320 O O   . HOH B 2 .   ? -3.571  15.264  -4.819  1.00 40.63 ? 241 HOH A O   1 
HETATM 1321 O O   . HOH B 2 .   ? 4.655   13.372  2.067   1.00 27.88 ? 242 HOH A O   1 
HETATM 1322 O O   . HOH B 2 .   ? -18.281 -5.903  -4.492  1.00 38.00 ? 243 HOH A O   1 
HETATM 1323 O O   . HOH B 2 .   ? -16.737 -0.501  -11.995 1.00 42.15 ? 244 HOH A O   1 
HETATM 1324 O O   . HOH B 2 .   ? -6.837  -9.401  2.622   1.00 41.27 ? 245 HOH A O   1 
HETATM 1325 O O   . HOH B 2 .   ? -23.403 6.243   -12.873 1.00 35.92 ? 246 HOH A O   1 
HETATM 1326 O O   . HOH B 2 .   ? 6.754   -17.854 4.957   1.00 24.60 ? 247 HOH A O   1 
HETATM 1327 O O   . HOH B 2 .   ? -19.585 6.265   1.291   1.00 26.90 ? 248 HOH A O   1 
HETATM 1328 O O   . HOH B 2 .   ? 14.692  -11.313 12.036  1.00 61.11 ? 249 HOH A O   1 
HETATM 1329 O O   . HOH B 2 .   ? 15.915  -0.737  6.702   1.00 42.99 ? 250 HOH A O   1 
HETATM 1330 O O   . HOH B 2 .   ? 12.685  -22.657 1.720   1.00 59.11 ? 251 HOH A O   1 
HETATM 1331 O O   . HOH B 2 .   ? -10.768 16.149  -3.935  1.00 40.42 ? 252 HOH A O   1 
HETATM 1332 O O   . HOH B 2 .   ? -15.067 7.840   -8.859  1.00 47.65 ? 253 HOH A O   1 
HETATM 1333 O O   . HOH B 2 .   ? -25.534 7.171   -9.646  1.00 44.67 ? 254 HOH A O   1 
HETATM 1334 O O   . HOH B 2 .   ? -27.764 6.112   -10.820 1.00 77.26 ? 255 HOH A O   1 
HETATM 1335 O O   . HOH B 2 .   ? -27.615 7.164   -6.367  1.00 62.51 ? 256 HOH A O   1 
HETATM 1336 O O   . HOH B 2 .   ? 24.369  -4.760  3.887   1.00 56.45 ? 257 HOH A O   1 
HETATM 1337 O O   . HOH B 2 .   ? 12.296  -11.595 10.153  1.00 55.23 ? 258 HOH A O   1 
HETATM 1338 O O   . HOH B 2 .   ? 15.138  -8.492  12.735  1.00 39.88 ? 259 HOH A O   1 
HETATM 1339 O O   . HOH B 2 .   ? -6.024  -12.534 -7.866  1.00 39.59 ? 260 HOH A O   1 
HETATM 1340 O O   . HOH B 2 .   ? -6.975  -5.110  -13.123 1.00 54.78 ? 261 HOH A O   1 
HETATM 1341 O O   . HOH B 2 .   ? -7.498  -5.441  -5.291  1.00 49.96 ? 262 HOH A O   1 
HETATM 1342 O O   . HOH B 2 .   ? -3.431  1.782   -2.144  1.00 46.61 ? 263 HOH A O   1 
HETATM 1343 O O   . HOH B 2 .   ? -6.068  1.069   -2.632  1.00 38.98 ? 264 HOH A O   1 
HETATM 1344 O O   . HOH B 2 .   ? -8.253  -1.691  -6.850  1.00 46.72 ? 265 HOH A O   1 
HETATM 1345 O O   . HOH B 2 .   ? -7.072  -9.633  15.805  1.00 37.39 ? 266 HOH A O   1 
HETATM 1346 O O   . HOH B 2 .   ? -8.775  -7.352  15.635  1.00 56.06 ? 267 HOH A O   1 
HETATM 1347 O O   . HOH B 2 .   ? -5.867  -5.979  15.670  1.00 57.34 ? 268 HOH A O   1 
HETATM 1348 O O   . HOH B 2 .   ? 8.581   8.788   -11.849 1.00 36.54 ? 269 HOH A O   1 
HETATM 1349 O O   . HOH B 2 .   ? -2.458  -10.770 19.675  1.00 66.12 ? 270 HOH A O   1 
HETATM 1350 O O   . HOH B 2 .   ? -1.151  -7.602  17.298  1.00 31.60 ? 271 HOH A O   1 
HETATM 1351 O O   . HOH B 2 .   ? 8.129   -20.468 6.073   1.00 56.40 ? 272 HOH A O   1 
HETATM 1352 O O   . HOH B 2 .   ? 6.189   -22.283 5.112   1.00 55.94 ? 273 HOH A O   1 
HETATM 1353 O O   . HOH B 2 .   ? 2.811   -13.622 -8.574  1.00 66.06 ? 274 HOH A O   1 
HETATM 1354 O O   . HOH B 2 .   ? 9.238   -3.393  -10.906 1.00 51.99 ? 275 HOH A O   1 
HETATM 1355 O O   . HOH B 2 .   ? 11.769  -4.808  -11.573 1.00 54.12 ? 276 HOH A O   1 
HETATM 1356 O O   . HOH B 2 .   ? 4.169   -3.418  -11.542 1.00 57.87 ? 277 HOH A O   1 
HETATM 1357 O O   . HOH B 2 .   ? -4.696  13.320  -12.596 1.00 43.23 ? 278 HOH A O   1 
HETATM 1358 O O   . HOH B 2 .   ? 8.141   2.793   9.317   1.00 59.54 ? 279 HOH A O   1 
HETATM 1359 O O   . HOH B 2 .   ? -0.739  6.114   17.079  1.00 48.48 ? 280 HOH A O   1 
HETATM 1360 O O   . HOH B 2 .   ? 4.059   15.647  -5.051  1.00 42.64 ? 281 HOH A O   1 
HETATM 1361 O O   . HOH B 2 .   ? -6.370  3.871   -5.518  1.00 67.82 ? 282 HOH A O   1 
HETATM 1362 O O   . HOH B 2 .   ? 18.424  -12.882 5.055   1.00 42.28 ? 283 HOH A O   1 
# 
